data_1JEW
# 
_entry.id   1JEW 
# 
_audit_conform.dict_name       mmcif_pdbx.dic 
_audit_conform.dict_version    5.386 
_audit_conform.dict_location   http://mmcif.pdb.org/dictionaries/ascii/mmcif_pdbx.dic 
# 
loop_
_database_2.database_id 
_database_2.database_code 
_database_2.pdbx_database_accession 
_database_2.pdbx_DOI 
PDB   1JEW         pdb_00001jew 10.2210/pdb1jew/pdb 
RCSB  RCSB013689   ?            ?                   
WWPDB D_1000013689 ?            ?                   
# 
loop_
_pdbx_audit_revision_history.ordinal 
_pdbx_audit_revision_history.data_content_type 
_pdbx_audit_revision_history.major_revision 
_pdbx_audit_revision_history.minor_revision 
_pdbx_audit_revision_history.revision_date 
1 'Structure model' 1 0 2001-10-03 
2 'Structure model' 1 1 2008-04-27 
3 'Structure model' 1 2 2011-07-13 
4 'Structure model' 1 3 2018-07-18 
5 'Structure model' 1 4 2021-03-31 
6 'Structure model' 1 5 2024-02-07 
# 
_pdbx_audit_revision_details.ordinal             1 
_pdbx_audit_revision_details.revision_ordinal    1 
_pdbx_audit_revision_details.data_content_type   'Structure model' 
_pdbx_audit_revision_details.provider            repository 
_pdbx_audit_revision_details.type                'Initial release' 
_pdbx_audit_revision_details.description         ? 
_pdbx_audit_revision_details.details             ? 
# 
loop_
_pdbx_audit_revision_group.ordinal 
_pdbx_audit_revision_group.revision_ordinal 
_pdbx_audit_revision_group.data_content_type 
_pdbx_audit_revision_group.group 
1 2 'Structure model' 'Version format compliance' 
2 3 'Structure model' 'Version format compliance' 
3 4 'Structure model' 'Data collection'           
4 5 'Structure model' 'Database references'       
5 5 'Structure model' 'Source and taxonomy'       
6 6 'Structure model' 'Data collection'           
7 6 'Structure model' 'Database references'       
8 6 'Structure model' 'Derived calculations'      
# 
loop_
_pdbx_audit_revision_category.ordinal 
_pdbx_audit_revision_category.revision_ordinal 
_pdbx_audit_revision_category.data_content_type 
_pdbx_audit_revision_category.category 
1  4 'Structure model' em_image_scans                   
2  4 'Structure model' em_software                      
3  5 'Structure model' em_entity_assembly_naturalsource 
4  5 'Structure model' em_entity_assembly_recombinant   
5  5 'Structure model' entity_src_gen                   
6  5 'Structure model' struct_ref_seq_dif               
7  6 'Structure model' chem_comp_atom                   
8  6 'Structure model' chem_comp_bond                   
9  6 'Structure model' database_2                       
10 6 'Structure model' pdbx_struct_oper_list            
# 
loop_
_pdbx_audit_revision_item.ordinal 
_pdbx_audit_revision_item.revision_ordinal 
_pdbx_audit_revision_item.data_content_type 
_pdbx_audit_revision_item.item 
1 4 'Structure model' '_em_software.image_processing_id'          
2 5 'Structure model' '_entity_src_gen.pdbx_host_org_strain'      
3 5 'Structure model' '_struct_ref_seq_dif.details'               
4 6 'Structure model' '_database_2.pdbx_DOI'                      
5 6 'Structure model' '_database_2.pdbx_database_accession'       
6 6 'Structure model' '_pdbx_struct_oper_list.name'               
7 6 'Structure model' '_pdbx_struct_oper_list.symmetry_operation' 
8 6 'Structure model' '_pdbx_struct_oper_list.type'               
# 
_pdbx_database_status.status_code                     REL 
_pdbx_database_status.entry_id                        1JEW 
_pdbx_database_status.recvd_initial_deposition_date   2001-06-19 
_pdbx_database_status.deposit_site                    RCSB 
_pdbx_database_status.process_site                    RCSB 
_pdbx_database_status.SG_entry                        . 
_pdbx_database_status.status_code_sf                  ? 
_pdbx_database_status.status_code_mr                  ? 
_pdbx_database_status.pdb_format_compatible           Y 
_pdbx_database_status.status_code_cs                  ? 
_pdbx_database_status.methods_development_category    ? 
_pdbx_database_status.status_code_nmr_data            ? 
# 
loop_
_pdbx_database_related.db_name 
_pdbx_database_related.db_id 
_pdbx_database_related.details 
_pdbx_database_related.content_type 
PDB 1COV 'X-RAY STRUCTURE OF COXSACKIEVIRUS B3 (CVB3)'     unspecified 
PDB 1KAC 'X-RAY STRUCTURE OF THE N-TERMINAL DOMAIN OF CAR' unspecified 
PDB 1F5W 'X-RAY STRUCTURE OF THE N-TERMINAL DOMAIN OF CAR' unspecified 
# 
loop_
_audit_author.name 
_audit_author.pdbx_ordinal 
'Rossmann, M.G.' 1 
'He, Y.'         2 
# 
loop_
_citation.id 
_citation.title 
_citation.journal_abbrev 
_citation.journal_volume 
_citation.page_first 
_citation.page_last 
_citation.year 
_citation.journal_id_ASTM 
_citation.country 
_citation.journal_id_ISSN 
_citation.journal_id_CSD 
_citation.book_publisher 
_citation.pdbx_database_id_PubMed 
_citation.pdbx_database_id_DOI 
primary 'Interaction of coxsackievirus B3 with the full length coxsackievirus-adenovirus receptor.'     Nat.Struct.Biol. 8   874  
878  2001 NSBIEW US 1072-8368 2024 ? 11573093 10.1038/nsb1001-874           
1       'ISOLATION OF A COMMON RECEPTOR FOR COXSACKIE B VIRUSES AND ADENOVIRUSES 2 AND 5'               Science          275 1320 
1323 1997 SCIEAS US 0036-8075 0038 ? ?        10.1126/science.275.5304.1320 
2       'STRUCTURAL ANALYSIS OF THE MECHANISM OF ADENOVIRUS BINDING TO ITS HUMAN CELLULAR RECEPTOR CAR' Science          286 1579 
1583 1999 SCIEAS US 0036-8075 0038 ? ?        10.1126/science.286.5444.1579 
3       'THE STRUCTURE OF COXSACKIEVIRUS B3 AT 3.5A RESOLUTION'                                         Structure        3   653  
668  1995 STRUE6 UK 0969-2126 2005 ? ?        ?                             
# 
loop_
_citation_author.citation_id 
_citation_author.name 
_citation_author.ordinal 
_citation_author.identifier_ORCID 
primary 'He, Y.'            1  ? 
primary 'Chipman, P.R.'     2  ? 
primary 'Howitt, J.'        3  ? 
primary 'Bator, C.M.'       4  ? 
primary 'Whitt, M.A.'       5  ? 
primary 'Baker, T.S.'       6  ? 
primary 'Kuhn, R.J.'        7  ? 
primary 'Anderson, C.W.'    8  ? 
primary 'Freimuth, P.'      9  ? 
primary 'Rossmann, M.G.'    10 ? 
1       'Bergelson, J.M.'   11 ? 
1       'Cunningham, J.A.'  12 ? 
1       'Droguett, G.'      13 ? 
1       'Kurt-Jones, E.A.'  14 ? 
1       'Krithivas, A.'     15 ? 
1       'Hong, J.S.'        16 ? 
1       'Horwitz, M.S.'     17 ? 
1       'Crowell, R.L.'     18 ? 
1       'Finberg, R.W.'     19 ? 
2       'Bewley, M.C.'      20 ? 
2       'Springer, K.'      21 ? 
2       'Zhang, Y.B.'       22 ? 
2       'Freimuth, P.'      23 ? 
2       'Flanagan, J.M.'    24 ? 
3       'Muckelbauer, J.K.' 25 ? 
3       'Kremer, M.'        26 ? 
3       'Minor, I.'         27 ? 
3       'Diana, G.'         28 ? 
3       'Dutko, F.J.'       29 ? 
3       'Groarke, J.'       30 ? 
3       'Pevear, D.C.'      31 ? 
3       'Rossman, M.G.'     32 ? 
# 
loop_
_entity.id 
_entity.type 
_entity.src_method 
_entity.pdbx_description 
_entity.formula_weight 
_entity.pdbx_number_of_molecules 
_entity.pdbx_ec 
_entity.pdbx_mutation 
_entity.pdbx_fragment 
_entity.details 
1 polymer man 'COXSACKIEVIRUS AND ADENOVIRUS RECEPTOR'  13358.203 1 ? ? 'Residues 21-140'  ? 
2 polymer man 'COXSACKIEVIRUS CAPSID, COAT PROTEIN VP1' 31380.068 1 ? ? 'Residues 571-851' ? 
3 polymer man 'COXSACKIEVIRUS CAPSID, COAT PROTEIN VP2' 28877.592 1 ? ? 'Residues 70-332'  ? 
4 polymer man 'COXSACKIEVIRUS CAPSID, COAT PROTEIN VP3' 26198.684 1 ? ? 'Residues 333-570' ? 
5 polymer man 'COXSACKIEVIRUS CAPSID, COAT PROTEIN VP4' 7379.065  1 ? ? 'Residues 2-69'    ? 
# 
loop_
_entity_name_com.entity_id 
_entity_name_com.name 
1 'COXSACKIEVIRUS B-ADENOVIRUS RECEPTOR, HCAR, CVB3 BINDING PROTEIN' 
2 P1D                                                                
3 P1B                                                                
4 P1C                                                                
5 P1A                                                                
# 
loop_
_entity_poly.entity_id 
_entity_poly.type 
_entity_poly.nstd_linkage 
_entity_poly.nstd_monomer 
_entity_poly.pdbx_seq_one_letter_code 
_entity_poly.pdbx_seq_one_letter_code_can 
_entity_poly.pdbx_strand_id 
_entity_poly.pdbx_target_identifier 
1 'polypeptide(L)' no no 
;SITTPEEMIEKAKGETAYLPCKFTLSPEDQGPLDIEWLISPADNQKVDQVIILYSGDKIYDDYYPDLKGRVHFTSNDLKS
GDASINVTNLQLSDIGTYQCKVKKAPGVANKKIHLVVLVK
;
;SITTPEEMIEKAKGETAYLPCKFTLSPEDQGPLDIEWLISPADNQKVDQVIILYSGDKIYDDYYPDLKGRVHFTSNDLKS
GDASINVTNLQLSDIGTYQCKVKKAPGVANKKIHLVVLVK
;
R ? 
2 'polypeptide(L)' no no 
;GPVEDAITAAIGRVADTVGTGPTNSEAIPALTAAETGHTSQVVPSDTMQTRHVKNYHSRSESTIENFLCRSACVYFTEYE
NSGAKRYAEWVITPRQAAQLRRKLEFFTYVRFDLELTFVITSTQQPSTTQNQDAQILTHQIMYVPPGGPVPDKVDSYVWQ
TSTNPSVFWTEGNAPPRMSVPFLSIGNAYSNFYDGWSEFSRNGVYGINTLNNMGTLYARHVNAGSTGPIKSTIRIYFKPK
HVKAWIPRPPRLCQYEKAKNVNFQPSGVTTTRQSITTMTNT
;
;GPVEDAITAAIGRVADTVGTGPTNSEAIPALTAAETGHTSQVVPSDTMQTRHVKNYHSRSESTIENFLCRSACVYFTEYE
NSGAKRYAEWVITPRQAAQLRRKLEFFTYVRFDLELTFVITSTQQPSTTQNQDAQILTHQIMYVPPGGPVPDKVDSYVWQ
TSTNPSVFWTEGNAPPRMSVPFLSIGNAYSNFYDGWSEFSRNGVYGINTLNNMGTLYARHVNAGSTGPIKSTIRIYFKPK
HVKAWIPRPPRLCQYEKAKNVNFQPSGVTTTRQSITTMTNT
;
1 ? 
3 'polypeptide(L)' no no 
;SPTVEECGYSDRVRSITLGNSTITTQECANVVVGYGVWPDYLKDSEATAEDQPTQPDVATCRFYTLDSVQWQKTSPGWWW
KLPDALSNLGLFGQNMQYHYLGRTGYTIHVQCNASKFHQGCLLVVCVPEAEMGCATLNNTPSSAELLGGDTAKEFADKPV
ASGSNKLVQRVVYNAGMGVGVGNLTIFPHQWINLRTNNSATIVMPYTNSVPMDNMFRHNNVTLMVIPFVPLDYCPGSTTY
VPITVTIAPMCAEYNGLRLAGHQ
;
;SPTVEECGYSDRVRSITLGNSTITTQECANVVVGYGVWPDYLKDSEATAEDQPTQPDVATCRFYTLDSVQWQKTSPGWWW
KLPDALSNLGLFGQNMQYHYLGRTGYTIHVQCNASKFHQGCLLVVCVPEAEMGCATLNNTPSSAELLGGDTAKEFADKPV
ASGSNKLVQRVVYNAGMGVGVGNLTIFPHQWINLRTNNSATIVMPYTNSVPMDNMFRHNNVTLMVIPFVPLDYCPGSTTY
VPITVTIAPMCAEYNGLRLAGHQ
;
2 ? 
4 'polypeptide(L)' no no 
;GLPTMNTPGSCQFLTSDDFQSPSAMPQYDVTPEMRIPGEVKNLMEIAEVDSVVPVQNVGEKVNSMEAYQIPVRSNEGSGT
QVFGFPLQPGYSSVFSRTLLGEILNYYTHWSGSIKLTFMFCGSAMATGKFLLAYSPPGAGAPTKRVDAMLGTHVVWDVGL
QSSCVLCIPWISQTHYRYVASDEYTAGGFITCWYQTNIVVPADAQSSCYIMCFVSACNDFSVRLLKDTPFISQENFFQ
;
;GLPTMNTPGSCQFLTSDDFQSPSAMPQYDVTPEMRIPGEVKNLMEIAEVDSVVPVQNVGEKVNSMEAYQIPVRSNEGSGT
QVFGFPLQPGYSSVFSRTLLGEILNYYTHWSGSIKLTFMFCGSAMATGKFLLAYSPPGAGAPTKRVDAMLGTHVVWDVGL
QSSCVLCIPWISQTHYRYVASDEYTAGGFITCWYQTNIVVPADAQSSCYIMCFVSACNDFSVRLLKDTPFISQENFFQ
;
3 ? 
5 'polypeptide(L)' no no GAQVSTQKTGAHETGLNASGNSIIHYTNINYYKDAASNSANRQDFTQDPSKFTEPVKDIMIKSLPALN 
GAQVSTQKTGAHETGLNASGNSIIHYTNINYYKDAASNSANRQDFTQDPSKFTEPVKDIMIKSLPALN 4 ? 
# 
loop_
_entity_poly_seq.entity_id 
_entity_poly_seq.num 
_entity_poly_seq.mon_id 
_entity_poly_seq.hetero 
1 1   SER n 
1 2   ILE n 
1 3   THR n 
1 4   THR n 
1 5   PRO n 
1 6   GLU n 
1 7   GLU n 
1 8   MET n 
1 9   ILE n 
1 10  GLU n 
1 11  LYS n 
1 12  ALA n 
1 13  LYS n 
1 14  GLY n 
1 15  GLU n 
1 16  THR n 
1 17  ALA n 
1 18  TYR n 
1 19  LEU n 
1 20  PRO n 
1 21  CYS n 
1 22  LYS n 
1 23  PHE n 
1 24  THR n 
1 25  LEU n 
1 26  SER n 
1 27  PRO n 
1 28  GLU n 
1 29  ASP n 
1 30  GLN n 
1 31  GLY n 
1 32  PRO n 
1 33  LEU n 
1 34  ASP n 
1 35  ILE n 
1 36  GLU n 
1 37  TRP n 
1 38  LEU n 
1 39  ILE n 
1 40  SER n 
1 41  PRO n 
1 42  ALA n 
1 43  ASP n 
1 44  ASN n 
1 45  GLN n 
1 46  LYS n 
1 47  VAL n 
1 48  ASP n 
1 49  GLN n 
1 50  VAL n 
1 51  ILE n 
1 52  ILE n 
1 53  LEU n 
1 54  TYR n 
1 55  SER n 
1 56  GLY n 
1 57  ASP n 
1 58  LYS n 
1 59  ILE n 
1 60  TYR n 
1 61  ASP n 
1 62  ASP n 
1 63  TYR n 
1 64  TYR n 
1 65  PRO n 
1 66  ASP n 
1 67  LEU n 
1 68  LYS n 
1 69  GLY n 
1 70  ARG n 
1 71  VAL n 
1 72  HIS n 
1 73  PHE n 
1 74  THR n 
1 75  SER n 
1 76  ASN n 
1 77  ASP n 
1 78  LEU n 
1 79  LYS n 
1 80  SER n 
1 81  GLY n 
1 82  ASP n 
1 83  ALA n 
1 84  SER n 
1 85  ILE n 
1 86  ASN n 
1 87  VAL n 
1 88  THR n 
1 89  ASN n 
1 90  LEU n 
1 91  GLN n 
1 92  LEU n 
1 93  SER n 
1 94  ASP n 
1 95  ILE n 
1 96  GLY n 
1 97  THR n 
1 98  TYR n 
1 99  GLN n 
1 100 CYS n 
1 101 LYS n 
1 102 VAL n 
1 103 LYS n 
1 104 LYS n 
1 105 ALA n 
1 106 PRO n 
1 107 GLY n 
1 108 VAL n 
1 109 ALA n 
1 110 ASN n 
1 111 LYS n 
1 112 LYS n 
1 113 ILE n 
1 114 HIS n 
1 115 LEU n 
1 116 VAL n 
1 117 VAL n 
1 118 LEU n 
1 119 VAL n 
1 120 LYS n 
2 1   GLY n 
2 2   PRO n 
2 3   VAL n 
2 4   GLU n 
2 5   ASP n 
2 6   ALA n 
2 7   ILE n 
2 8   THR n 
2 9   ALA n 
2 10  ALA n 
2 11  ILE n 
2 12  GLY n 
2 13  ARG n 
2 14  VAL n 
2 15  ALA n 
2 16  ASP n 
2 17  THR n 
2 18  VAL n 
2 19  GLY n 
2 20  THR n 
2 21  GLY n 
2 22  PRO n 
2 23  THR n 
2 24  ASN n 
2 25  SER n 
2 26  GLU n 
2 27  ALA n 
2 28  ILE n 
2 29  PRO n 
2 30  ALA n 
2 31  LEU n 
2 32  THR n 
2 33  ALA n 
2 34  ALA n 
2 35  GLU n 
2 36  THR n 
2 37  GLY n 
2 38  HIS n 
2 39  THR n 
2 40  SER n 
2 41  GLN n 
2 42  VAL n 
2 43  VAL n 
2 44  PRO n 
2 45  SER n 
2 46  ASP n 
2 47  THR n 
2 48  MET n 
2 49  GLN n 
2 50  THR n 
2 51  ARG n 
2 52  HIS n 
2 53  VAL n 
2 54  LYS n 
2 55  ASN n 
2 56  TYR n 
2 57  HIS n 
2 58  SER n 
2 59  ARG n 
2 60  SER n 
2 61  GLU n 
2 62  SER n 
2 63  THR n 
2 64  ILE n 
2 65  GLU n 
2 66  ASN n 
2 67  PHE n 
2 68  LEU n 
2 69  CYS n 
2 70  ARG n 
2 71  SER n 
2 72  ALA n 
2 73  CYS n 
2 74  VAL n 
2 75  TYR n 
2 76  PHE n 
2 77  THR n 
2 78  GLU n 
2 79  TYR n 
2 80  GLU n 
2 81  ASN n 
2 82  SER n 
2 83  GLY n 
2 84  ALA n 
2 85  LYS n 
2 86  ARG n 
2 87  TYR n 
2 88  ALA n 
2 89  GLU n 
2 90  TRP n 
2 91  VAL n 
2 92  ILE n 
2 93  THR n 
2 94  PRO n 
2 95  ARG n 
2 96  GLN n 
2 97  ALA n 
2 98  ALA n 
2 99  GLN n 
2 100 LEU n 
2 101 ARG n 
2 102 ARG n 
2 103 LYS n 
2 104 LEU n 
2 105 GLU n 
2 106 PHE n 
2 107 PHE n 
2 108 THR n 
2 109 TYR n 
2 110 VAL n 
2 111 ARG n 
2 112 PHE n 
2 113 ASP n 
2 114 LEU n 
2 115 GLU n 
2 116 LEU n 
2 117 THR n 
2 118 PHE n 
2 119 VAL n 
2 120 ILE n 
2 121 THR n 
2 122 SER n 
2 123 THR n 
2 124 GLN n 
2 125 GLN n 
2 126 PRO n 
2 127 SER n 
2 128 THR n 
2 129 THR n 
2 130 GLN n 
2 131 ASN n 
2 132 GLN n 
2 133 ASP n 
2 134 ALA n 
2 135 GLN n 
2 136 ILE n 
2 137 LEU n 
2 138 THR n 
2 139 HIS n 
2 140 GLN n 
2 141 ILE n 
2 142 MET n 
2 143 TYR n 
2 144 VAL n 
2 145 PRO n 
2 146 PRO n 
2 147 GLY n 
2 148 GLY n 
2 149 PRO n 
2 150 VAL n 
2 151 PRO n 
2 152 ASP n 
2 153 LYS n 
2 154 VAL n 
2 155 ASP n 
2 156 SER n 
2 157 TYR n 
2 158 VAL n 
2 159 TRP n 
2 160 GLN n 
2 161 THR n 
2 162 SER n 
2 163 THR n 
2 164 ASN n 
2 165 PRO n 
2 166 SER n 
2 167 VAL n 
2 168 PHE n 
2 169 TRP n 
2 170 THR n 
2 171 GLU n 
2 172 GLY n 
2 173 ASN n 
2 174 ALA n 
2 175 PRO n 
2 176 PRO n 
2 177 ARG n 
2 178 MET n 
2 179 SER n 
2 180 VAL n 
2 181 PRO n 
2 182 PHE n 
2 183 LEU n 
2 184 SER n 
2 185 ILE n 
2 186 GLY n 
2 187 ASN n 
2 188 ALA n 
2 189 TYR n 
2 190 SER n 
2 191 ASN n 
2 192 PHE n 
2 193 TYR n 
2 194 ASP n 
2 195 GLY n 
2 196 TRP n 
2 197 SER n 
2 198 GLU n 
2 199 PHE n 
2 200 SER n 
2 201 ARG n 
2 202 ASN n 
2 203 GLY n 
2 204 VAL n 
2 205 TYR n 
2 206 GLY n 
2 207 ILE n 
2 208 ASN n 
2 209 THR n 
2 210 LEU n 
2 211 ASN n 
2 212 ASN n 
2 213 MET n 
2 214 GLY n 
2 215 THR n 
2 216 LEU n 
2 217 TYR n 
2 218 ALA n 
2 219 ARG n 
2 220 HIS n 
2 221 VAL n 
2 222 ASN n 
2 223 ALA n 
2 224 GLY n 
2 225 SER n 
2 226 THR n 
2 227 GLY n 
2 228 PRO n 
2 229 ILE n 
2 230 LYS n 
2 231 SER n 
2 232 THR n 
2 233 ILE n 
2 234 ARG n 
2 235 ILE n 
2 236 TYR n 
2 237 PHE n 
2 238 LYS n 
2 239 PRO n 
2 240 LYS n 
2 241 HIS n 
2 242 VAL n 
2 243 LYS n 
2 244 ALA n 
2 245 TRP n 
2 246 ILE n 
2 247 PRO n 
2 248 ARG n 
2 249 PRO n 
2 250 PRO n 
2 251 ARG n 
2 252 LEU n 
2 253 CYS n 
2 254 GLN n 
2 255 TYR n 
2 256 GLU n 
2 257 LYS n 
2 258 ALA n 
2 259 LYS n 
2 260 ASN n 
2 261 VAL n 
2 262 ASN n 
2 263 PHE n 
2 264 GLN n 
2 265 PRO n 
2 266 SER n 
2 267 GLY n 
2 268 VAL n 
2 269 THR n 
2 270 THR n 
2 271 THR n 
2 272 ARG n 
2 273 GLN n 
2 274 SER n 
2 275 ILE n 
2 276 THR n 
2 277 THR n 
2 278 MET n 
2 279 THR n 
2 280 ASN n 
2 281 THR n 
3 1   SER n 
3 2   PRO n 
3 3   THR n 
3 4   VAL n 
3 5   GLU n 
3 6   GLU n 
3 7   CYS n 
3 8   GLY n 
3 9   TYR n 
3 10  SER n 
3 11  ASP n 
3 12  ARG n 
3 13  VAL n 
3 14  ARG n 
3 15  SER n 
3 16  ILE n 
3 17  THR n 
3 18  LEU n 
3 19  GLY n 
3 20  ASN n 
3 21  SER n 
3 22  THR n 
3 23  ILE n 
3 24  THR n 
3 25  THR n 
3 26  GLN n 
3 27  GLU n 
3 28  CYS n 
3 29  ALA n 
3 30  ASN n 
3 31  VAL n 
3 32  VAL n 
3 33  VAL n 
3 34  GLY n 
3 35  TYR n 
3 36  GLY n 
3 37  VAL n 
3 38  TRP n 
3 39  PRO n 
3 40  ASP n 
3 41  TYR n 
3 42  LEU n 
3 43  LYS n 
3 44  ASP n 
3 45  SER n 
3 46  GLU n 
3 47  ALA n 
3 48  THR n 
3 49  ALA n 
3 50  GLU n 
3 51  ASP n 
3 52  GLN n 
3 53  PRO n 
3 54  THR n 
3 55  GLN n 
3 56  PRO n 
3 57  ASP n 
3 58  VAL n 
3 59  ALA n 
3 60  THR n 
3 61  CYS n 
3 62  ARG n 
3 63  PHE n 
3 64  TYR n 
3 65  THR n 
3 66  LEU n 
3 67  ASP n 
3 68  SER n 
3 69  VAL n 
3 70  GLN n 
3 71  TRP n 
3 72  GLN n 
3 73  LYS n 
3 74  THR n 
3 75  SER n 
3 76  PRO n 
3 77  GLY n 
3 78  TRP n 
3 79  TRP n 
3 80  TRP n 
3 81  LYS n 
3 82  LEU n 
3 83  PRO n 
3 84  ASP n 
3 85  ALA n 
3 86  LEU n 
3 87  SER n 
3 88  ASN n 
3 89  LEU n 
3 90  GLY n 
3 91  LEU n 
3 92  PHE n 
3 93  GLY n 
3 94  GLN n 
3 95  ASN n 
3 96  MET n 
3 97  GLN n 
3 98  TYR n 
3 99  HIS n 
3 100 TYR n 
3 101 LEU n 
3 102 GLY n 
3 103 ARG n 
3 104 THR n 
3 105 GLY n 
3 106 TYR n 
3 107 THR n 
3 108 ILE n 
3 109 HIS n 
3 110 VAL n 
3 111 GLN n 
3 112 CYS n 
3 113 ASN n 
3 114 ALA n 
3 115 SER n 
3 116 LYS n 
3 117 PHE n 
3 118 HIS n 
3 119 GLN n 
3 120 GLY n 
3 121 CYS n 
3 122 LEU n 
3 123 LEU n 
3 124 VAL n 
3 125 VAL n 
3 126 CYS n 
3 127 VAL n 
3 128 PRO n 
3 129 GLU n 
3 130 ALA n 
3 131 GLU n 
3 132 MET n 
3 133 GLY n 
3 134 CYS n 
3 135 ALA n 
3 136 THR n 
3 137 LEU n 
3 138 ASN n 
3 139 ASN n 
3 140 THR n 
3 141 PRO n 
3 142 SER n 
3 143 SER n 
3 144 ALA n 
3 145 GLU n 
3 146 LEU n 
3 147 LEU n 
3 148 GLY n 
3 149 GLY n 
3 150 ASP n 
3 151 THR n 
3 152 ALA n 
3 153 LYS n 
3 154 GLU n 
3 155 PHE n 
3 156 ALA n 
3 157 ASP n 
3 158 LYS n 
3 159 PRO n 
3 160 VAL n 
3 161 ALA n 
3 162 SER n 
3 163 GLY n 
3 164 SER n 
3 165 ASN n 
3 166 LYS n 
3 167 LEU n 
3 168 VAL n 
3 169 GLN n 
3 170 ARG n 
3 171 VAL n 
3 172 VAL n 
3 173 TYR n 
3 174 ASN n 
3 175 ALA n 
3 176 GLY n 
3 177 MET n 
3 178 GLY n 
3 179 VAL n 
3 180 GLY n 
3 181 VAL n 
3 182 GLY n 
3 183 ASN n 
3 184 LEU n 
3 185 THR n 
3 186 ILE n 
3 187 PHE n 
3 188 PRO n 
3 189 HIS n 
3 190 GLN n 
3 191 TRP n 
3 192 ILE n 
3 193 ASN n 
3 194 LEU n 
3 195 ARG n 
3 196 THR n 
3 197 ASN n 
3 198 ASN n 
3 199 SER n 
3 200 ALA n 
3 201 THR n 
3 202 ILE n 
3 203 VAL n 
3 204 MET n 
3 205 PRO n 
3 206 TYR n 
3 207 THR n 
3 208 ASN n 
3 209 SER n 
3 210 VAL n 
3 211 PRO n 
3 212 MET n 
3 213 ASP n 
3 214 ASN n 
3 215 MET n 
3 216 PHE n 
3 217 ARG n 
3 218 HIS n 
3 219 ASN n 
3 220 ASN n 
3 221 VAL n 
3 222 THR n 
3 223 LEU n 
3 224 MET n 
3 225 VAL n 
3 226 ILE n 
3 227 PRO n 
3 228 PHE n 
3 229 VAL n 
3 230 PRO n 
3 231 LEU n 
3 232 ASP n 
3 233 TYR n 
3 234 CYS n 
3 235 PRO n 
3 236 GLY n 
3 237 SER n 
3 238 THR n 
3 239 THR n 
3 240 TYR n 
3 241 VAL n 
3 242 PRO n 
3 243 ILE n 
3 244 THR n 
3 245 VAL n 
3 246 THR n 
3 247 ILE n 
3 248 ALA n 
3 249 PRO n 
3 250 MET n 
3 251 CYS n 
3 252 ALA n 
3 253 GLU n 
3 254 TYR n 
3 255 ASN n 
3 256 GLY n 
3 257 LEU n 
3 258 ARG n 
3 259 LEU n 
3 260 ALA n 
3 261 GLY n 
3 262 HIS n 
3 263 GLN n 
4 1   GLY n 
4 2   LEU n 
4 3   PRO n 
4 4   THR n 
4 5   MET n 
4 6   ASN n 
4 7   THR n 
4 8   PRO n 
4 9   GLY n 
4 10  SER n 
4 11  CYS n 
4 12  GLN n 
4 13  PHE n 
4 14  LEU n 
4 15  THR n 
4 16  SER n 
4 17  ASP n 
4 18  ASP n 
4 19  PHE n 
4 20  GLN n 
4 21  SER n 
4 22  PRO n 
4 23  SER n 
4 24  ALA n 
4 25  MET n 
4 26  PRO n 
4 27  GLN n 
4 28  TYR n 
4 29  ASP n 
4 30  VAL n 
4 31  THR n 
4 32  PRO n 
4 33  GLU n 
4 34  MET n 
4 35  ARG n 
4 36  ILE n 
4 37  PRO n 
4 38  GLY n 
4 39  GLU n 
4 40  VAL n 
4 41  LYS n 
4 42  ASN n 
4 43  LEU n 
4 44  MET n 
4 45  GLU n 
4 46  ILE n 
4 47  ALA n 
4 48  GLU n 
4 49  VAL n 
4 50  ASP n 
4 51  SER n 
4 52  VAL n 
4 53  VAL n 
4 54  PRO n 
4 55  VAL n 
4 56  GLN n 
4 57  ASN n 
4 58  VAL n 
4 59  GLY n 
4 60  GLU n 
4 61  LYS n 
4 62  VAL n 
4 63  ASN n 
4 64  SER n 
4 65  MET n 
4 66  GLU n 
4 67  ALA n 
4 68  TYR n 
4 69  GLN n 
4 70  ILE n 
4 71  PRO n 
4 72  VAL n 
4 73  ARG n 
4 74  SER n 
4 75  ASN n 
4 76  GLU n 
4 77  GLY n 
4 78  SER n 
4 79  GLY n 
4 80  THR n 
4 81  GLN n 
4 82  VAL n 
4 83  PHE n 
4 84  GLY n 
4 85  PHE n 
4 86  PRO n 
4 87  LEU n 
4 88  GLN n 
4 89  PRO n 
4 90  GLY n 
4 91  TYR n 
4 92  SER n 
4 93  SER n 
4 94  VAL n 
4 95  PHE n 
4 96  SER n 
4 97  ARG n 
4 98  THR n 
4 99  LEU n 
4 100 LEU n 
4 101 GLY n 
4 102 GLU n 
4 103 ILE n 
4 104 LEU n 
4 105 ASN n 
4 106 TYR n 
4 107 TYR n 
4 108 THR n 
4 109 HIS n 
4 110 TRP n 
4 111 SER n 
4 112 GLY n 
4 113 SER n 
4 114 ILE n 
4 115 LYS n 
4 116 LEU n 
4 117 THR n 
4 118 PHE n 
4 119 MET n 
4 120 PHE n 
4 121 CYS n 
4 122 GLY n 
4 123 SER n 
4 124 ALA n 
4 125 MET n 
4 126 ALA n 
4 127 THR n 
4 128 GLY n 
4 129 LYS n 
4 130 PHE n 
4 131 LEU n 
4 132 LEU n 
4 133 ALA n 
4 134 TYR n 
4 135 SER n 
4 136 PRO n 
4 137 PRO n 
4 138 GLY n 
4 139 ALA n 
4 140 GLY n 
4 141 ALA n 
4 142 PRO n 
4 143 THR n 
4 144 LYS n 
4 145 ARG n 
4 146 VAL n 
4 147 ASP n 
4 148 ALA n 
4 149 MET n 
4 150 LEU n 
4 151 GLY n 
4 152 THR n 
4 153 HIS n 
4 154 VAL n 
4 155 VAL n 
4 156 TRP n 
4 157 ASP n 
4 158 VAL n 
4 159 GLY n 
4 160 LEU n 
4 161 GLN n 
4 162 SER n 
4 163 SER n 
4 164 CYS n 
4 165 VAL n 
4 166 LEU n 
4 167 CYS n 
4 168 ILE n 
4 169 PRO n 
4 170 TRP n 
4 171 ILE n 
4 172 SER n 
4 173 GLN n 
4 174 THR n 
4 175 HIS n 
4 176 TYR n 
4 177 ARG n 
4 178 TYR n 
4 179 VAL n 
4 180 ALA n 
4 181 SER n 
4 182 ASP n 
4 183 GLU n 
4 184 TYR n 
4 185 THR n 
4 186 ALA n 
4 187 GLY n 
4 188 GLY n 
4 189 PHE n 
4 190 ILE n 
4 191 THR n 
4 192 CYS n 
4 193 TRP n 
4 194 TYR n 
4 195 GLN n 
4 196 THR n 
4 197 ASN n 
4 198 ILE n 
4 199 VAL n 
4 200 VAL n 
4 201 PRO n 
4 202 ALA n 
4 203 ASP n 
4 204 ALA n 
4 205 GLN n 
4 206 SER n 
4 207 SER n 
4 208 CYS n 
4 209 TYR n 
4 210 ILE n 
4 211 MET n 
4 212 CYS n 
4 213 PHE n 
4 214 VAL n 
4 215 SER n 
4 216 ALA n 
4 217 CYS n 
4 218 ASN n 
4 219 ASP n 
4 220 PHE n 
4 221 SER n 
4 222 VAL n 
4 223 ARG n 
4 224 LEU n 
4 225 LEU n 
4 226 LYS n 
4 227 ASP n 
4 228 THR n 
4 229 PRO n 
4 230 PHE n 
4 231 ILE n 
4 232 SER n 
4 233 GLN n 
4 234 GLU n 
4 235 ASN n 
4 236 PHE n 
4 237 PHE n 
4 238 GLN n 
5 1   GLY n 
5 2   ALA n 
5 3   GLN n 
5 4   VAL n 
5 5   SER n 
5 6   THR n 
5 7   GLN n 
5 8   LYS n 
5 9   THR n 
5 10  GLY n 
5 11  ALA n 
5 12  HIS n 
5 13  GLU n 
5 14  THR n 
5 15  GLY n 
5 16  LEU n 
5 17  ASN n 
5 18  ALA n 
5 19  SER n 
5 20  GLY n 
5 21  ASN n 
5 22  SER n 
5 23  ILE n 
5 24  ILE n 
5 25  HIS n 
5 26  TYR n 
5 27  THR n 
5 28  ASN n 
5 29  ILE n 
5 30  ASN n 
5 31  TYR n 
5 32  TYR n 
5 33  LYS n 
5 34  ASP n 
5 35  ALA n 
5 36  ALA n 
5 37  SER n 
5 38  ASN n 
5 39  SER n 
5 40  ALA n 
5 41  ASN n 
5 42  ARG n 
5 43  GLN n 
5 44  ASP n 
5 45  PHE n 
5 46  THR n 
5 47  GLN n 
5 48  ASP n 
5 49  PRO n 
5 50  SER n 
5 51  LYS n 
5 52  PHE n 
5 53  THR n 
5 54  GLU n 
5 55  PRO n 
5 56  VAL n 
5 57  LYS n 
5 58  ASP n 
5 59  ILE n 
5 60  MET n 
5 61  ILE n 
5 62  LYS n 
5 63  SER n 
5 64  LEU n 
5 65  PRO n 
5 66  ALA n 
5 67  LEU n 
5 68  ASN n 
# 
loop_
_entity_src_gen.entity_id 
_entity_src_gen.pdbx_src_id 
_entity_src_gen.pdbx_alt_source_flag 
_entity_src_gen.pdbx_seq_type 
_entity_src_gen.pdbx_beg_seq_num 
_entity_src_gen.pdbx_end_seq_num 
_entity_src_gen.gene_src_common_name 
_entity_src_gen.gene_src_genus 
_entity_src_gen.pdbx_gene_src_gene 
_entity_src_gen.gene_src_species 
_entity_src_gen.gene_src_strain 
_entity_src_gen.gene_src_tissue 
_entity_src_gen.gene_src_tissue_fraction 
_entity_src_gen.gene_src_details 
_entity_src_gen.pdbx_gene_src_fragment 
_entity_src_gen.pdbx_gene_src_scientific_name 
_entity_src_gen.pdbx_gene_src_ncbi_taxonomy_id 
_entity_src_gen.pdbx_gene_src_variant 
_entity_src_gen.pdbx_gene_src_cell_line 
_entity_src_gen.pdbx_gene_src_atcc 
_entity_src_gen.pdbx_gene_src_organ 
_entity_src_gen.pdbx_gene_src_organelle 
_entity_src_gen.pdbx_gene_src_cell 
_entity_src_gen.pdbx_gene_src_cellular_location 
_entity_src_gen.host_org_common_name 
_entity_src_gen.pdbx_host_org_scientific_name 
_entity_src_gen.pdbx_host_org_ncbi_taxonomy_id 
_entity_src_gen.host_org_genus 
_entity_src_gen.pdbx_host_org_gene 
_entity_src_gen.pdbx_host_org_organ 
_entity_src_gen.host_org_species 
_entity_src_gen.pdbx_host_org_tissue 
_entity_src_gen.pdbx_host_org_tissue_fraction 
_entity_src_gen.pdbx_host_org_strain 
_entity_src_gen.pdbx_host_org_variant 
_entity_src_gen.pdbx_host_org_cell_line 
_entity_src_gen.pdbx_host_org_atcc 
_entity_src_gen.pdbx_host_org_culture_collection 
_entity_src_gen.pdbx_host_org_cell 
_entity_src_gen.pdbx_host_org_organelle 
_entity_src_gen.pdbx_host_org_cellular_location 
_entity_src_gen.pdbx_host_org_vector_type 
_entity_src_gen.pdbx_host_org_vector 
_entity_src_gen.host_org_details 
_entity_src_gen.expression_system_id 
_entity_src_gen.plasmid_name 
_entity_src_gen.plasmid_details 
_entity_src_gen.pdbx_description 
1 1 sample ? ? ? human Homo        CAR ?                     ?        ? ? ? ? 'Homo sapiens'                        9606   ? ? ? ? 
? ? ? 'house mouse' 'Mus musculus' 10090 Mus  ? ? ? ? ? ? ? 'A9 CELLS'   ? ? ? ? ? ? ? ? ? ? ? ?                   
2 1 sample ? ? ? ?     Enterovirus ?   'Human enterovirus B' Woodruff ? ? ? ? 'Coxsackievirus B3 (strain Woodruff)' 103904 ? ? ? ? 
? ? ? human         'Homo sapiens' 9606  Homo ? ? ? ? ? ? ? 'HELA CELLS' ? ? ? ? ? ? ? ? ? ? ? 'COXSACKIEVIRUS B3' 
3 1 sample ? ? ? ?     Enterovirus ?   'Human enterovirus B' Woodruff ? ? ? ? 'Coxsackievirus B3 (strain Woodruff)' 103904 ? ? ? ? 
? ? ? human         'Homo sapiens' 9606  Homo ? ? ? ? ? ? ? 'HELA CELLS' ? ? ? ? ? ? ? ? ? ? ? 'COXSACKIEVIRUS B3' 
4 1 sample ? ? ? ?     Enterovirus ?   'Human enterovirus B' Woodruff ? ? ? ? 'Coxsackievirus B3 (strain Woodruff)' 103904 ? ? ? ? 
? ? ? human         'Homo sapiens' 9606  Homo ? ? ? ? ? ? ? 'HELA CELLS' ? ? ? ? ? ? ? ? ? ? ? 'COXSACKIEVIRUS B3' 
5 1 sample ? ? ? ?     Enterovirus ?   'Human enterovirus B' Woodruff ? ? ? ? 'Coxsackievirus B3 (strain Woodruff)' 103904 ? ? ? ? 
? ? ? human         'Homo sapiens' 9606  Homo ? ? ? ? ? ? ? 'HELA CELLS' ? ? ? ? ? ? ? ? ? ? ? 'COXSACKIEVIRUS B3' 
# 
loop_
_chem_comp.id 
_chem_comp.type 
_chem_comp.mon_nstd_flag 
_chem_comp.name 
_chem_comp.pdbx_synonyms 
_chem_comp.formula 
_chem_comp.formula_weight 
ALA 'L-peptide linking' y ALANINE         ? 'C3 H7 N O2'     89.093  
ARG 'L-peptide linking' y ARGININE        ? 'C6 H15 N4 O2 1' 175.209 
ASN 'L-peptide linking' y ASPARAGINE      ? 'C4 H8 N2 O3'    132.118 
ASP 'L-peptide linking' y 'ASPARTIC ACID' ? 'C4 H7 N O4'     133.103 
CYS 'L-peptide linking' y CYSTEINE        ? 'C3 H7 N O2 S'   121.158 
GLN 'L-peptide linking' y GLUTAMINE       ? 'C5 H10 N2 O3'   146.144 
GLU 'L-peptide linking' y 'GLUTAMIC ACID' ? 'C5 H9 N O4'     147.129 
GLY 'peptide linking'   y GLYCINE         ? 'C2 H5 N O2'     75.067  
HIS 'L-peptide linking' y HISTIDINE       ? 'C6 H10 N3 O2 1' 156.162 
ILE 'L-peptide linking' y ISOLEUCINE      ? 'C6 H13 N O2'    131.173 
LEU 'L-peptide linking' y LEUCINE         ? 'C6 H13 N O2'    131.173 
LYS 'L-peptide linking' y LYSINE          ? 'C6 H15 N2 O2 1' 147.195 
MET 'L-peptide linking' y METHIONINE      ? 'C5 H11 N O2 S'  149.211 
PHE 'L-peptide linking' y PHENYLALANINE   ? 'C9 H11 N O2'    165.189 
PRO 'L-peptide linking' y PROLINE         ? 'C5 H9 N O2'     115.130 
SER 'L-peptide linking' y SERINE          ? 'C3 H7 N O3'     105.093 
THR 'L-peptide linking' y THREONINE       ? 'C4 H9 N O3'     119.119 
TRP 'L-peptide linking' y TRYPTOPHAN      ? 'C11 H12 N2 O2'  204.225 
TYR 'L-peptide linking' y TYROSINE        ? 'C9 H11 N O3'    181.189 
VAL 'L-peptide linking' y VALINE          ? 'C5 H11 N O2'    117.146 
# 
loop_
_pdbx_poly_seq_scheme.asym_id 
_pdbx_poly_seq_scheme.entity_id 
_pdbx_poly_seq_scheme.seq_id 
_pdbx_poly_seq_scheme.mon_id 
_pdbx_poly_seq_scheme.ndb_seq_num 
_pdbx_poly_seq_scheme.pdb_seq_num 
_pdbx_poly_seq_scheme.auth_seq_num 
_pdbx_poly_seq_scheme.pdb_mon_id 
_pdbx_poly_seq_scheme.auth_mon_id 
_pdbx_poly_seq_scheme.pdb_strand_id 
_pdbx_poly_seq_scheme.pdb_ins_code 
_pdbx_poly_seq_scheme.hetero 
A 1 1   SER 1   23  23  SER GLY R . n 
A 1 2   ILE 2   24  24  ILE ILE R . n 
A 1 3   THR 3   25  25  THR THR R . n 
A 1 4   THR 4   26  26  THR THR R . n 
A 1 5   PRO 5   27  27  PRO PRO R . n 
A 1 6   GLU 6   28  28  GLU GLU R . n 
A 1 7   GLU 7   29  29  GLU GLU R . n 
A 1 8   MET 8   30  30  MET MET R . n 
A 1 9   ILE 9   31  31  ILE ILE R . n 
A 1 10  GLU 10  32  32  GLU GLU R . n 
A 1 11  LYS 11  33  33  LYS LYS R . n 
A 1 12  ALA 12  34  34  ALA ALA R . n 
A 1 13  LYS 13  35  35  LYS LYS R . n 
A 1 14  GLY 14  36  36  GLY GLY R . n 
A 1 15  GLU 15  37  37  GLU GLU R . n 
A 1 16  THR 16  38  38  THR THR R . n 
A 1 17  ALA 17  39  39  ALA ALA R . n 
A 1 18  TYR 18  40  40  TYR TYR R . n 
A 1 19  LEU 19  41  41  LEU LEU R . n 
A 1 20  PRO 20  42  42  PRO PRO R . n 
A 1 21  CYS 21  43  43  CYS CYS R . n 
A 1 22  LYS 22  44  44  LYS LYS R . n 
A 1 23  PHE 23  45  45  PHE PHE R . n 
A 1 24  THR 24  46  46  THR THR R . n 
A 1 25  LEU 25  47  47  LEU LEU R . n 
A 1 26  SER 26  48  48  SER SER R . n 
A 1 27  PRO 27  49  49  PRO PRO R . n 
A 1 28  GLU 28  50  50  GLU GLU R . n 
A 1 29  ASP 29  51  51  ASP ASP R . n 
A 1 30  GLN 30  52  52  GLN GLN R . n 
A 1 31  GLY 31  53  53  GLY GLY R . n 
A 1 32  PRO 32  54  54  PRO PRO R . n 
A 1 33  LEU 33  55  55  LEU LEU R . n 
A 1 34  ASP 34  56  56  ASP ASP R . n 
A 1 35  ILE 35  57  57  ILE ILE R . n 
A 1 36  GLU 36  58  58  GLU GLU R . n 
A 1 37  TRP 37  59  59  TRP TRP R . n 
A 1 38  LEU 38  60  60  LEU LEU R . n 
A 1 39  ILE 39  61  61  ILE ILE R . n 
A 1 40  SER 40  62  62  SER SER R . n 
A 1 41  PRO 41  63  63  PRO PRO R . n 
A 1 42  ALA 42  64  64  ALA ALA R . n 
A 1 43  ASP 43  65  65  ASP ASP R . n 
A 1 44  ASN 44  66  66  ASN ASN R . n 
A 1 45  GLN 45  67  67  GLN GLN R . n 
A 1 46  LYS 46  68  68  LYS LYS R . n 
A 1 47  VAL 47  69  69  VAL VAL R . n 
A 1 48  ASP 48  70  70  ASP ASP R . n 
A 1 49  GLN 49  71  71  GLN GLN R . n 
A 1 50  VAL 50  72  72  VAL VAL R . n 
A 1 51  ILE 51  73  73  ILE ILE R . n 
A 1 52  ILE 52  74  74  ILE ILE R . n 
A 1 53  LEU 53  75  75  LEU LEU R . n 
A 1 54  TYR 54  76  76  TYR TYR R . n 
A 1 55  SER 55  77  77  SER SER R . n 
A 1 56  GLY 56  78  78  GLY GLY R . n 
A 1 57  ASP 57  79  79  ASP ASP R . n 
A 1 58  LYS 58  80  80  LYS LYS R . n 
A 1 59  ILE 59  81  81  ILE ILE R . n 
A 1 60  TYR 60  82  82  TYR TYR R . n 
A 1 61  ASP 61  83  83  ASP ASP R . n 
A 1 62  ASP 62  84  84  ASP ASP R . n 
A 1 63  TYR 63  85  85  TYR TYR R . n 
A 1 64  TYR 64  86  86  TYR TYR R . n 
A 1 65  PRO 65  87  87  PRO PRO R . n 
A 1 66  ASP 66  88  88  ASP ASP R . n 
A 1 67  LEU 67  89  89  LEU LEU R . n 
A 1 68  LYS 68  90  90  LYS LYS R . n 
A 1 69  GLY 69  91  91  GLY GLY R . n 
A 1 70  ARG 70  92  92  ARG ARG R . n 
A 1 71  VAL 71  93  93  VAL VAL R . n 
A 1 72  HIS 72  94  94  HIS HIS R . n 
A 1 73  PHE 73  95  95  PHE PHE R . n 
A 1 74  THR 74  96  96  THR THR R . n 
A 1 75  SER 75  97  97  SER SER R . n 
A 1 76  ASN 76  98  98  ASN ASN R . n 
A 1 77  ASP 77  99  99  ASP ASP R . n 
A 1 78  LEU 78  100 100 LEU LEU R . n 
A 1 79  LYS 79  101 101 LYS LYS R . n 
A 1 80  SER 80  102 102 SER SER R . n 
A 1 81  GLY 81  103 103 GLY GLY R . n 
A 1 82  ASP 82  104 104 ASP ASP R . n 
A 1 83  ALA 83  105 105 ALA ALA R . n 
A 1 84  SER 84  106 106 SER SER R . n 
A 1 85  ILE 85  107 107 ILE ILE R . n 
A 1 86  ASN 86  108 108 ASN ASN R . n 
A 1 87  VAL 87  109 109 VAL VAL R . n 
A 1 88  THR 88  110 110 THR THR R . n 
A 1 89  ASN 89  111 111 ASN ASN R . n 
A 1 90  LEU 90  112 112 LEU LEU R . n 
A 1 91  GLN 91  113 113 GLN GLN R . n 
A 1 92  LEU 92  114 114 LEU LEU R . n 
A 1 93  SER 93  115 115 SER SER R . n 
A 1 94  ASP 94  116 116 ASP ASP R . n 
A 1 95  ILE 95  117 117 ILE ILE R . n 
A 1 96  GLY 96  118 118 GLY GLY R . n 
A 1 97  THR 97  119 119 THR THR R . n 
A 1 98  TYR 98  120 120 TYR TYR R . n 
A 1 99  GLN 99  121 121 GLN GLN R . n 
A 1 100 CYS 100 122 122 CYS CYS R . n 
A 1 101 LYS 101 123 123 LYS LYS R . n 
A 1 102 VAL 102 124 124 VAL VAL R . n 
A 1 103 LYS 103 125 125 LYS LYS R . n 
A 1 104 LYS 104 126 126 LYS LYS R . n 
A 1 105 ALA 105 127 127 ALA ALA R . n 
A 1 106 PRO 106 128 128 PRO PRO R . n 
A 1 107 GLY 107 129 129 GLY GLY R . n 
A 1 108 VAL 108 130 130 VAL VAL R . n 
A 1 109 ALA 109 131 131 ALA ALA R . n 
A 1 110 ASN 110 132 132 ASN ASN R . n 
A 1 111 LYS 111 133 133 LYS LYS R . n 
A 1 112 LYS 112 134 134 LYS LYS R . n 
A 1 113 ILE 113 135 135 ILE ILE R . n 
A 1 114 HIS 114 136 136 HIS HIS R . n 
A 1 115 LEU 115 137 137 LEU LEU R . n 
A 1 116 VAL 116 138 138 VAL VAL R . n 
A 1 117 VAL 117 139 139 VAL VAL R . n 
A 1 118 LEU 118 140 140 LEU LEU R . n 
A 1 119 VAL 119 141 141 VAL VAL R . n 
A 1 120 LYS 120 142 142 LYS LYS R . n 
B 2 1   GLY 1   1   ?   ?   ?   1 . n 
B 2 2   PRO 2   2   ?   ?   ?   1 . n 
B 2 3   VAL 3   3   ?   ?   ?   1 . n 
B 2 4   GLU 4   4   ?   ?   ?   1 . n 
B 2 5   ASP 5   5   ?   ?   ?   1 . n 
B 2 6   ALA 6   6   ?   ?   ?   1 . n 
B 2 7   ILE 7   7   ?   ?   ?   1 . n 
B 2 8   THR 8   8   ?   ?   ?   1 . n 
B 2 9   ALA 9   9   ?   ?   ?   1 . n 
B 2 10  ALA 10  10  ?   ?   ?   1 . n 
B 2 11  ILE 11  11  ?   ?   ?   1 . n 
B 2 12  GLY 12  12  ?   ?   ?   1 . n 
B 2 13  ARG 13  13  13  ARG ARG 1 . n 
B 2 14  VAL 14  14  14  VAL VAL 1 . n 
B 2 15  ALA 15  15  15  ALA ALA 1 . n 
B 2 16  ASP 16  16  16  ASP ASP 1 . n 
B 2 17  THR 17  17  17  THR THR 1 . n 
B 2 18  VAL 18  18  18  VAL VAL 1 . n 
B 2 19  GLY 19  19  19  GLY GLY 1 . n 
B 2 20  THR 20  20  20  THR THR 1 . n 
B 2 21  GLY 21  21  21  GLY GLY 1 . n 
B 2 22  PRO 22  22  22  PRO PRO 1 . n 
B 2 23  THR 23  23  23  THR THR 1 . n 
B 2 24  ASN 24  24  24  ASN ASN 1 . n 
B 2 25  SER 25  25  25  SER SER 1 . n 
B 2 26  GLU 26  26  26  GLU GLU 1 . n 
B 2 27  ALA 27  27  27  ALA ALA 1 . n 
B 2 28  ILE 28  28  28  ILE ILE 1 . n 
B 2 29  PRO 29  29  29  PRO PRO 1 . n 
B 2 30  ALA 30  30  30  ALA ALA 1 . n 
B 2 31  LEU 31  31  31  LEU LEU 1 . n 
B 2 32  THR 32  32  32  THR THR 1 . n 
B 2 33  ALA 33  33  33  ALA ALA 1 . n 
B 2 34  ALA 34  34  34  ALA ALA 1 . n 
B 2 35  GLU 35  35  35  GLU GLU 1 . n 
B 2 36  THR 36  36  36  THR THR 1 . n 
B 2 37  GLY 37  37  37  GLY GLY 1 . n 
B 2 38  HIS 38  38  38  HIS HIS 1 . n 
B 2 39  THR 39  39  39  THR THR 1 . n 
B 2 40  SER 40  40  40  SER SER 1 . n 
B 2 41  GLN 41  41  41  GLN GLN 1 . n 
B 2 42  VAL 42  42  42  VAL VAL 1 . n 
B 2 43  VAL 43  43  43  VAL VAL 1 . n 
B 2 44  PRO 44  44  44  PRO PRO 1 . n 
B 2 45  SER 45  45  45  SER SER 1 . n 
B 2 46  ASP 46  46  46  ASP ASP 1 . n 
B 2 47  THR 47  47  47  THR THR 1 . n 
B 2 48  MET 48  48  48  MET MET 1 . n 
B 2 49  GLN 49  49  49  GLN GLN 1 . n 
B 2 50  THR 50  50  50  THR THR 1 . n 
B 2 51  ARG 51  51  51  ARG ARG 1 . n 
B 2 52  HIS 52  52  52  HIS HIS 1 . n 
B 2 53  VAL 53  53  53  VAL VAL 1 . n 
B 2 54  LYS 54  54  54  LYS LYS 1 . n 
B 2 55  ASN 55  55  55  ASN ASN 1 . n 
B 2 56  TYR 56  56  56  TYR TYR 1 . n 
B 2 57  HIS 57  57  57  HIS HIS 1 . n 
B 2 58  SER 58  58  58  SER SER 1 . n 
B 2 59  ARG 59  59  59  ARG ARG 1 . n 
B 2 60  SER 60  60  60  SER SER 1 . n 
B 2 61  GLU 61  61  61  GLU GLU 1 . n 
B 2 62  SER 62  62  62  SER SER 1 . n 
B 2 63  THR 63  63  63  THR THR 1 . n 
B 2 64  ILE 64  64  64  ILE ILE 1 . n 
B 2 65  GLU 65  65  65  GLU GLU 1 . n 
B 2 66  ASN 66  66  66  ASN ASN 1 . n 
B 2 67  PHE 67  67  67  PHE PHE 1 . n 
B 2 68  LEU 68  68  68  LEU LEU 1 . n 
B 2 69  CYS 69  69  69  CYS CYS 1 . n 
B 2 70  ARG 70  70  70  ARG ARG 1 . n 
B 2 71  SER 71  71  71  SER SER 1 . n 
B 2 72  ALA 72  72  72  ALA ALA 1 . n 
B 2 73  CYS 73  73  73  CYS CYS 1 . n 
B 2 74  VAL 74  74  74  VAL VAL 1 . n 
B 2 75  TYR 75  75  75  TYR TYR 1 . n 
B 2 76  PHE 76  76  76  PHE PHE 1 . n 
B 2 77  THR 77  77  77  THR THR 1 . n 
B 2 78  GLU 78  78  78  GLU GLU 1 . n 
B 2 79  TYR 79  79  79  TYR TYR 1 . n 
B 2 80  GLU 80  80  80  GLU GLU 1 . n 
B 2 81  ASN 81  81  81  ASN ASN 1 . n 
B 2 82  SER 82  82  82  SER SER 1 . n 
B 2 83  GLY 83  83  83  GLY GLY 1 . n 
B 2 84  ALA 84  84  84  ALA ALA 1 . n 
B 2 85  LYS 85  85  85  LYS LYS 1 . n 
B 2 86  ARG 86  86  86  ARG ARG 1 . n 
B 2 87  TYR 87  87  87  TYR TYR 1 . n 
B 2 88  ALA 88  88  88  ALA ALA 1 . n 
B 2 89  GLU 89  89  89  GLU GLU 1 . n 
B 2 90  TRP 90  90  90  TRP TRP 1 . n 
B 2 91  VAL 91  91  91  VAL VAL 1 . n 
B 2 92  ILE 92  92  92  ILE ILE 1 . n 
B 2 93  THR 93  93  93  THR THR 1 . n 
B 2 94  PRO 94  94  94  PRO PRO 1 . n 
B 2 95  ARG 95  95  95  ARG ARG 1 . n 
B 2 96  GLN 96  96  96  GLN GLN 1 . n 
B 2 97  ALA 97  97  97  ALA ALA 1 . n 
B 2 98  ALA 98  98  98  ALA ALA 1 . n 
B 2 99  GLN 99  99  99  GLN GLN 1 . n 
B 2 100 LEU 100 100 100 LEU LEU 1 . n 
B 2 101 ARG 101 101 101 ARG ARG 1 . n 
B 2 102 ARG 102 102 102 ARG ARG 1 . n 
B 2 103 LYS 103 103 103 LYS LYS 1 . n 
B 2 104 LEU 104 104 104 LEU LEU 1 . n 
B 2 105 GLU 105 105 105 GLU GLU 1 . n 
B 2 106 PHE 106 106 106 PHE PHE 1 . n 
B 2 107 PHE 107 107 107 PHE PHE 1 . n 
B 2 108 THR 108 108 108 THR THR 1 . n 
B 2 109 TYR 109 109 109 TYR TYR 1 . n 
B 2 110 VAL 110 110 110 VAL VAL 1 . n 
B 2 111 ARG 111 111 111 ARG ARG 1 . n 
B 2 112 PHE 112 112 112 PHE PHE 1 . n 
B 2 113 ASP 113 113 113 ASP ASP 1 . n 
B 2 114 LEU 114 114 114 LEU LEU 1 . n 
B 2 115 GLU 115 115 115 GLU GLU 1 . n 
B 2 116 LEU 116 116 116 LEU LEU 1 . n 
B 2 117 THR 117 117 117 THR THR 1 . n 
B 2 118 PHE 118 118 118 PHE PHE 1 . n 
B 2 119 VAL 119 119 119 VAL VAL 1 . n 
B 2 120 ILE 120 120 120 ILE ILE 1 . n 
B 2 121 THR 121 121 121 THR THR 1 . n 
B 2 122 SER 122 122 122 SER SER 1 . n 
B 2 123 THR 123 123 123 THR THR 1 . n 
B 2 124 GLN 124 124 124 GLN GLN 1 . n 
B 2 125 GLN 125 125 125 GLN GLN 1 . n 
B 2 126 PRO 126 126 126 PRO PRO 1 . n 
B 2 127 SER 127 127 127 SER SER 1 . n 
B 2 128 THR 128 128 128 THR THR 1 . n 
B 2 129 THR 129 129 129 THR THR 1 . n 
B 2 130 GLN 130 130 130 GLN GLN 1 . n 
B 2 131 ASN 131 131 131 ASN ASN 1 . n 
B 2 132 GLN 132 132 132 GLN GLN 1 . n 
B 2 133 ASP 133 133 133 ASP ASP 1 . n 
B 2 134 ALA 134 134 134 ALA ALA 1 . n 
B 2 135 GLN 135 135 135 GLN GLN 1 . n 
B 2 136 ILE 136 136 136 ILE ILE 1 . n 
B 2 137 LEU 137 137 137 LEU LEU 1 . n 
B 2 138 THR 138 138 138 THR THR 1 . n 
B 2 139 HIS 139 139 139 HIS HIS 1 . n 
B 2 140 GLN 140 140 140 GLN GLN 1 . n 
B 2 141 ILE 141 141 141 ILE ILE 1 . n 
B 2 142 MET 142 142 142 MET MET 1 . n 
B 2 143 TYR 143 143 143 TYR TYR 1 . n 
B 2 144 VAL 144 144 144 VAL VAL 1 . n 
B 2 145 PRO 145 145 145 PRO PRO 1 . n 
B 2 146 PRO 146 146 146 PRO PRO 1 . n 
B 2 147 GLY 147 147 147 GLY GLY 1 . n 
B 2 148 GLY 148 148 148 GLY GLY 1 . n 
B 2 149 PRO 149 149 149 PRO PRO 1 . n 
B 2 150 VAL 150 150 150 VAL VAL 1 . n 
B 2 151 PRO 151 151 151 PRO PRO 1 . n 
B 2 152 ASP 152 152 152 ASP ASP 1 . n 
B 2 153 LYS 153 153 153 LYS LYS 1 . n 
B 2 154 VAL 154 154 154 VAL VAL 1 . n 
B 2 155 ASP 155 155 155 ASP ASP 1 . n 
B 2 156 SER 156 156 156 SER SER 1 . n 
B 2 157 TYR 157 157 157 TYR TYR 1 . n 
B 2 158 VAL 158 158 158 VAL VAL 1 . n 
B 2 159 TRP 159 159 159 TRP TRP 1 . n 
B 2 160 GLN 160 160 160 GLN GLN 1 . n 
B 2 161 THR 161 161 161 THR THR 1 . n 
B 2 162 SER 162 162 162 SER SER 1 . n 
B 2 163 THR 163 163 163 THR THR 1 . n 
B 2 164 ASN 164 164 164 ASN ASN 1 . n 
B 2 165 PRO 165 165 165 PRO PRO 1 . n 
B 2 166 SER 166 166 166 SER SER 1 . n 
B 2 167 VAL 167 167 167 VAL VAL 1 . n 
B 2 168 PHE 168 168 168 PHE PHE 1 . n 
B 2 169 TRP 169 169 169 TRP TRP 1 . n 
B 2 170 THR 170 170 170 THR THR 1 . n 
B 2 171 GLU 171 171 171 GLU GLU 1 . n 
B 2 172 GLY 172 172 172 GLY GLY 1 . n 
B 2 173 ASN 173 173 173 ASN ASN 1 . n 
B 2 174 ALA 174 174 174 ALA ALA 1 . n 
B 2 175 PRO 175 175 175 PRO PRO 1 . n 
B 2 176 PRO 176 176 176 PRO PRO 1 . n 
B 2 177 ARG 177 177 177 ARG ARG 1 . n 
B 2 178 MET 178 178 178 MET MET 1 . n 
B 2 179 SER 179 179 179 SER SER 1 . n 
B 2 180 VAL 180 180 180 VAL VAL 1 . n 
B 2 181 PRO 181 181 181 PRO PRO 1 . n 
B 2 182 PHE 182 182 182 PHE PHE 1 . n 
B 2 183 LEU 183 183 183 LEU LEU 1 . n 
B 2 184 SER 184 184 184 SER SER 1 . n 
B 2 185 ILE 185 185 185 ILE ILE 1 . n 
B 2 186 GLY 186 186 186 GLY GLY 1 . n 
B 2 187 ASN 187 187 187 ASN ASN 1 . n 
B 2 188 ALA 188 188 188 ALA ALA 1 . n 
B 2 189 TYR 189 189 189 TYR TYR 1 . n 
B 2 190 SER 190 190 190 SER SER 1 . n 
B 2 191 ASN 191 191 191 ASN ASN 1 . n 
B 2 192 PHE 192 192 192 PHE PHE 1 . n 
B 2 193 TYR 193 193 193 TYR TYR 1 . n 
B 2 194 ASP 194 194 194 ASP ASP 1 . n 
B 2 195 GLY 195 195 195 GLY GLY 1 . n 
B 2 196 TRP 196 196 196 TRP TRP 1 . n 
B 2 197 SER 197 197 197 SER SER 1 . n 
B 2 198 GLU 198 198 198 GLU GLU 1 . n 
B 2 199 PHE 199 199 199 PHE PHE 1 . n 
B 2 200 SER 200 200 200 SER SER 1 . n 
B 2 201 ARG 201 201 201 ARG ARG 1 . n 
B 2 202 ASN 202 202 202 ASN ASN 1 . n 
B 2 203 GLY 203 203 203 GLY GLY 1 . n 
B 2 204 VAL 204 204 204 VAL VAL 1 . n 
B 2 205 TYR 205 205 205 TYR TYR 1 . n 
B 2 206 GLY 206 206 206 GLY GLY 1 . n 
B 2 207 ILE 207 207 207 ILE ILE 1 . n 
B 2 208 ASN 208 208 208 ASN ASN 1 . n 
B 2 209 THR 209 209 209 THR THR 1 . n 
B 2 210 LEU 210 210 210 LEU LEU 1 . n 
B 2 211 ASN 211 211 211 ASN ASN 1 . n 
B 2 212 ASN 212 212 212 ASN ASN 1 . n 
B 2 213 MET 213 213 213 MET MET 1 . n 
B 2 214 GLY 214 214 214 GLY GLY 1 . n 
B 2 215 THR 215 215 215 THR THR 1 . n 
B 2 216 LEU 216 216 216 LEU LEU 1 . n 
B 2 217 TYR 217 217 217 TYR TYR 1 . n 
B 2 218 ALA 218 218 218 ALA ALA 1 . n 
B 2 219 ARG 219 219 219 ARG ARG 1 . n 
B 2 220 HIS 220 220 220 HIS HIS 1 . n 
B 2 221 VAL 221 221 221 VAL VAL 1 . n 
B 2 222 ASN 222 222 222 ASN ASN 1 . n 
B 2 223 ALA 223 223 223 ALA ALA 1 . n 
B 2 224 GLY 224 224 224 GLY GLY 1 . n 
B 2 225 SER 225 225 225 SER SER 1 . n 
B 2 226 THR 226 226 226 THR THR 1 . n 
B 2 227 GLY 227 227 227 GLY GLY 1 . n 
B 2 228 PRO 228 228 228 PRO PRO 1 . n 
B 2 229 ILE 229 229 229 ILE ILE 1 . n 
B 2 230 LYS 230 230 230 LYS LYS 1 . n 
B 2 231 SER 231 231 231 SER SER 1 . n 
B 2 232 THR 232 232 232 THR THR 1 . n 
B 2 233 ILE 233 233 233 ILE ILE 1 . n 
B 2 234 ARG 234 234 234 ARG ARG 1 . n 
B 2 235 ILE 235 235 235 ILE ILE 1 . n 
B 2 236 TYR 236 236 236 TYR TYR 1 . n 
B 2 237 PHE 237 237 237 PHE PHE 1 . n 
B 2 238 LYS 238 238 238 LYS LYS 1 . n 
B 2 239 PRO 239 239 239 PRO PRO 1 . n 
B 2 240 LYS 240 240 240 LYS LYS 1 . n 
B 2 241 HIS 241 241 241 HIS HIS 1 . n 
B 2 242 VAL 242 242 242 VAL VAL 1 . n 
B 2 243 LYS 243 243 243 LYS LYS 1 . n 
B 2 244 ALA 244 244 244 ALA ALA 1 . n 
B 2 245 TRP 245 245 245 TRP TRP 1 . n 
B 2 246 ILE 246 246 246 ILE ILE 1 . n 
B 2 247 PRO 247 247 247 PRO PRO 1 . n 
B 2 248 ARG 248 248 248 ARG ARG 1 . n 
B 2 249 PRO 249 249 249 PRO PRO 1 . n 
B 2 250 PRO 250 250 250 PRO PRO 1 . n 
B 2 251 ARG 251 251 251 ARG ARG 1 . n 
B 2 252 LEU 252 252 252 LEU LEU 1 . n 
B 2 253 CYS 253 253 253 CYS CYS 1 . n 
B 2 254 GLN 254 254 254 GLN GLN 1 . n 
B 2 255 TYR 255 255 255 TYR TYR 1 . n 
B 2 256 GLU 256 256 256 GLU GLU 1 . n 
B 2 257 LYS 257 257 257 LYS LYS 1 . n 
B 2 258 ALA 258 258 258 ALA ALA 1 . n 
B 2 259 LYS 259 259 259 LYS LYS 1 . n 
B 2 260 ASN 260 260 260 ASN ASN 1 . n 
B 2 261 VAL 261 261 261 VAL VAL 1 . n 
B 2 262 ASN 262 262 262 ASN ASN 1 . n 
B 2 263 PHE 263 263 263 PHE PHE 1 . n 
B 2 264 GLN 264 264 264 GLN GLN 1 . n 
B 2 265 PRO 265 265 265 PRO PRO 1 . n 
B 2 266 SER 266 266 266 SER SER 1 . n 
B 2 267 GLY 267 267 267 GLY GLY 1 . n 
B 2 268 VAL 268 268 268 VAL VAL 1 . n 
B 2 269 THR 269 269 269 THR THR 1 . n 
B 2 270 THR 270 270 270 THR THR 1 . n 
B 2 271 THR 271 271 271 THR THR 1 . n 
B 2 272 ARG 272 272 272 ARG ARG 1 . n 
B 2 273 GLN 273 273 273 GLN GLN 1 . n 
B 2 274 SER 274 274 274 SER SER 1 . n 
B 2 275 ILE 275 275 275 ILE ILE 1 . n 
B 2 276 THR 276 276 276 THR THR 1 . n 
B 2 277 THR 277 277 277 THR THR 1 . n 
B 2 278 MET 278 278 278 MET MET 1 . n 
B 2 279 THR 279 279 279 THR THR 1 . n 
B 2 280 ASN 280 280 280 ASN ASN 1 . n 
B 2 281 THR 281 281 281 THR THR 1 . n 
C 3 1   SER 1   1   ?   ?   ?   2 . n 
C 3 2   PRO 2   2   ?   ?   ?   2 . n 
C 3 3   THR 3   3   ?   ?   ?   2 . n 
C 3 4   VAL 4   4   ?   ?   ?   2 . n 
C 3 5   GLU 5   5   ?   ?   ?   2 . n 
C 3 6   GLU 6   6   ?   ?   ?   2 . n 
C 3 7   CYS 7   7   ?   ?   ?   2 . n 
C 3 8   GLY 8   8   8   GLY GLY 2 . n 
C 3 9   TYR 9   9   9   TYR TYR 2 . n 
C 3 10  SER 10  10  10  SER SER 2 . n 
C 3 11  ASP 11  11  11  ASP ASP 2 . n 
C 3 12  ARG 12  12  12  ARG ARG 2 . n 
C 3 13  VAL 13  13  13  VAL VAL 2 . n 
C 3 14  ARG 14  14  14  ARG ARG 2 . n 
C 3 15  SER 15  15  15  SER SER 2 . n 
C 3 16  ILE 16  16  16  ILE ILE 2 . n 
C 3 17  THR 17  17  17  THR THR 2 . n 
C 3 18  LEU 18  18  18  LEU LEU 2 . n 
C 3 19  GLY 19  19  19  GLY GLY 2 . n 
C 3 20  ASN 20  20  20  ASN ASN 2 . n 
C 3 21  SER 21  21  21  SER SER 2 . n 
C 3 22  THR 22  22  22  THR THR 2 . n 
C 3 23  ILE 23  23  23  ILE ILE 2 . n 
C 3 24  THR 24  24  24  THR THR 2 . n 
C 3 25  THR 25  25  25  THR THR 2 . n 
C 3 26  GLN 26  26  26  GLN GLN 2 . n 
C 3 27  GLU 27  27  27  GLU GLU 2 . n 
C 3 28  CYS 28  28  28  CYS CYS 2 . n 
C 3 29  ALA 29  29  29  ALA ALA 2 . n 
C 3 30  ASN 30  30  30  ASN ASN 2 . n 
C 3 31  VAL 31  31  31  VAL VAL 2 . n 
C 3 32  VAL 32  32  32  VAL VAL 2 . n 
C 3 33  VAL 33  33  33  VAL VAL 2 . n 
C 3 34  GLY 34  34  34  GLY GLY 2 . n 
C 3 35  TYR 35  35  35  TYR TYR 2 . n 
C 3 36  GLY 36  36  36  GLY GLY 2 . n 
C 3 37  VAL 37  37  37  VAL VAL 2 . n 
C 3 38  TRP 38  38  38  TRP TRP 2 . n 
C 3 39  PRO 39  39  39  PRO PRO 2 . n 
C 3 40  ASP 40  40  40  ASP ASP 2 . n 
C 3 41  TYR 41  41  41  TYR TYR 2 . n 
C 3 42  LEU 42  42  42  LEU LEU 2 . n 
C 3 43  LYS 43  43  43  LYS LYS 2 . n 
C 3 44  ASP 44  44  44  ASP ASP 2 . n 
C 3 45  SER 45  45  45  SER SER 2 . n 
C 3 46  GLU 46  46  46  GLU GLU 2 . n 
C 3 47  ALA 47  47  47  ALA ALA 2 . n 
C 3 48  THR 48  48  48  THR THR 2 . n 
C 3 49  ALA 49  49  49  ALA ALA 2 . n 
C 3 50  GLU 50  50  50  GLU GLU 2 . n 
C 3 51  ASP 51  51  51  ASP ASP 2 . n 
C 3 52  GLN 52  52  52  GLN GLN 2 . n 
C 3 53  PRO 53  53  53  PRO PRO 2 . n 
C 3 54  THR 54  54  54  THR THR 2 . n 
C 3 55  GLN 55  55  55  GLN GLN 2 . n 
C 3 56  PRO 56  56  56  PRO PRO 2 . n 
C 3 57  ASP 57  57  57  ASP ASP 2 . n 
C 3 58  VAL 58  58  58  VAL VAL 2 . n 
C 3 59  ALA 59  59  59  ALA ALA 2 . n 
C 3 60  THR 60  60  60  THR THR 2 . n 
C 3 61  CYS 61  61  61  CYS CYS 2 . n 
C 3 62  ARG 62  62  62  ARG ARG 2 . n 
C 3 63  PHE 63  63  63  PHE PHE 2 . n 
C 3 64  TYR 64  64  64  TYR TYR 2 . n 
C 3 65  THR 65  65  65  THR THR 2 . n 
C 3 66  LEU 66  66  66  LEU LEU 2 . n 
C 3 67  ASP 67  67  67  ASP ASP 2 . n 
C 3 68  SER 68  68  68  SER SER 2 . n 
C 3 69  VAL 69  69  69  VAL VAL 2 . n 
C 3 70  GLN 70  70  70  GLN GLN 2 . n 
C 3 71  TRP 71  71  71  TRP TRP 2 . n 
C 3 72  GLN 72  72  72  GLN GLN 2 . n 
C 3 73  LYS 73  73  73  LYS LYS 2 . n 
C 3 74  THR 74  74  74  THR THR 2 . n 
C 3 75  SER 75  75  75  SER SER 2 . n 
C 3 76  PRO 76  76  76  PRO PRO 2 . n 
C 3 77  GLY 77  77  77  GLY GLY 2 . n 
C 3 78  TRP 78  78  78  TRP TRP 2 . n 
C 3 79  TRP 79  79  79  TRP TRP 2 . n 
C 3 80  TRP 80  80  80  TRP TRP 2 . n 
C 3 81  LYS 81  81  81  LYS LYS 2 . n 
C 3 82  LEU 82  82  82  LEU LEU 2 . n 
C 3 83  PRO 83  83  83  PRO PRO 2 . n 
C 3 84  ASP 84  84  84  ASP ASP 2 . n 
C 3 85  ALA 85  85  85  ALA ALA 2 . n 
C 3 86  LEU 86  86  86  LEU LEU 2 . n 
C 3 87  SER 87  87  87  SER SER 2 . n 
C 3 88  ASN 88  88  88  ASN ASN 2 . n 
C 3 89  LEU 89  89  89  LEU LEU 2 . n 
C 3 90  GLY 90  90  90  GLY GLY 2 . n 
C 3 91  LEU 91  91  91  LEU LEU 2 . n 
C 3 92  PHE 92  92  92  PHE PHE 2 . n 
C 3 93  GLY 93  93  93  GLY GLY 2 . n 
C 3 94  GLN 94  94  94  GLN GLN 2 . n 
C 3 95  ASN 95  95  95  ASN ASN 2 . n 
C 3 96  MET 96  96  96  MET MET 2 . n 
C 3 97  GLN 97  97  97  GLN GLN 2 . n 
C 3 98  TYR 98  98  98  TYR TYR 2 . n 
C 3 99  HIS 99  99  99  HIS HIS 2 . n 
C 3 100 TYR 100 100 100 TYR TYR 2 . n 
C 3 101 LEU 101 101 101 LEU LEU 2 . n 
C 3 102 GLY 102 102 102 GLY GLY 2 . n 
C 3 103 ARG 103 103 103 ARG ARG 2 . n 
C 3 104 THR 104 104 104 THR THR 2 . n 
C 3 105 GLY 105 105 105 GLY GLY 2 . n 
C 3 106 TYR 106 106 106 TYR TYR 2 . n 
C 3 107 THR 107 107 107 THR THR 2 . n 
C 3 108 ILE 108 108 108 ILE ILE 2 . n 
C 3 109 HIS 109 109 109 HIS HIS 2 . n 
C 3 110 VAL 110 110 110 VAL VAL 2 . n 
C 3 111 GLN 111 111 111 GLN GLN 2 . n 
C 3 112 CYS 112 112 112 CYS CYS 2 . n 
C 3 113 ASN 113 113 113 ASN ASN 2 . n 
C 3 114 ALA 114 114 114 ALA ALA 2 . n 
C 3 115 SER 115 115 115 SER SER 2 . n 
C 3 116 LYS 116 116 116 LYS LYS 2 . n 
C 3 117 PHE 117 117 117 PHE PHE 2 . n 
C 3 118 HIS 118 118 118 HIS HIS 2 . n 
C 3 119 GLN 119 119 119 GLN GLN 2 . n 
C 3 120 GLY 120 120 120 GLY GLY 2 . n 
C 3 121 CYS 121 121 121 CYS CYS 2 . n 
C 3 122 LEU 122 122 122 LEU LEU 2 . n 
C 3 123 LEU 123 123 123 LEU LEU 2 . n 
C 3 124 VAL 124 124 124 VAL VAL 2 . n 
C 3 125 VAL 125 125 125 VAL VAL 2 . n 
C 3 126 CYS 126 126 126 CYS CYS 2 . n 
C 3 127 VAL 127 127 127 VAL VAL 2 . n 
C 3 128 PRO 128 128 128 PRO PRO 2 . n 
C 3 129 GLU 129 129 129 GLU GLU 2 . n 
C 3 130 ALA 130 130 130 ALA ALA 2 . n 
C 3 131 GLU 131 131 131 GLU GLU 2 . n 
C 3 132 MET 132 132 132 MET MET 2 . n 
C 3 133 GLY 133 133 133 GLY GLY 2 . n 
C 3 134 CYS 134 134 134 CYS CYS 2 . n 
C 3 135 ALA 135 135 135 ALA ALA 2 . n 
C 3 136 THR 136 136 136 THR THR 2 . n 
C 3 137 LEU 137 137 137 LEU LEU 2 . n 
C 3 138 ASN 138 138 138 ASN ASN 2 . n 
C 3 139 ASN 139 139 139 ASN ASN 2 . n 
C 3 140 THR 140 140 140 THR THR 2 . n 
C 3 141 PRO 141 141 141 PRO PRO 2 . n 
C 3 142 SER 142 142 142 SER SER 2 . n 
C 3 143 SER 143 143 143 SER SER 2 . n 
C 3 144 ALA 144 144 144 ALA ALA 2 . n 
C 3 145 GLU 145 145 145 GLU GLU 2 . n 
C 3 146 LEU 146 146 146 LEU LEU 2 . n 
C 3 147 LEU 147 147 147 LEU LEU 2 . n 
C 3 148 GLY 148 148 148 GLY GLY 2 . n 
C 3 149 GLY 149 149 149 GLY GLY 2 . n 
C 3 150 ASP 150 150 150 ASP ASP 2 . n 
C 3 151 THR 151 151 151 THR THR 2 . n 
C 3 152 ALA 152 152 152 ALA ALA 2 . n 
C 3 153 LYS 153 153 153 LYS LYS 2 . n 
C 3 154 GLU 154 154 154 GLU GLU 2 . n 
C 3 155 PHE 155 155 155 PHE PHE 2 . n 
C 3 156 ALA 156 156 156 ALA ALA 2 . n 
C 3 157 ASP 157 157 157 ASP ASP 2 . n 
C 3 158 LYS 158 158 158 LYS LYS 2 . n 
C 3 159 PRO 159 159 159 PRO PRO 2 . n 
C 3 160 VAL 160 160 160 VAL VAL 2 . n 
C 3 161 ALA 161 161 161 ALA ALA 2 . n 
C 3 162 SER 162 162 162 SER SER 2 . n 
C 3 163 GLY 163 163 163 GLY GLY 2 . n 
C 3 164 SER 164 164 164 SER SER 2 . n 
C 3 165 ASN 165 165 165 ASN ASN 2 . n 
C 3 166 LYS 166 166 166 LYS LYS 2 . n 
C 3 167 LEU 167 167 167 LEU LEU 2 . n 
C 3 168 VAL 168 168 168 VAL VAL 2 . n 
C 3 169 GLN 169 169 169 GLN GLN 2 . n 
C 3 170 ARG 170 170 170 ARG ARG 2 . n 
C 3 171 VAL 171 171 171 VAL VAL 2 . n 
C 3 172 VAL 172 172 172 VAL VAL 2 . n 
C 3 173 TYR 173 173 173 TYR TYR 2 . n 
C 3 174 ASN 174 174 174 ASN ASN 2 . n 
C 3 175 ALA 175 175 175 ALA ALA 2 . n 
C 3 176 GLY 176 176 176 GLY GLY 2 . n 
C 3 177 MET 177 177 177 MET MET 2 . n 
C 3 178 GLY 178 178 178 GLY GLY 2 . n 
C 3 179 VAL 179 179 179 VAL VAL 2 . n 
C 3 180 GLY 180 180 180 GLY GLY 2 . n 
C 3 181 VAL 181 181 181 VAL VAL 2 . n 
C 3 182 GLY 182 182 182 GLY GLY 2 . n 
C 3 183 ASN 183 183 183 ASN ASN 2 . n 
C 3 184 LEU 184 184 184 LEU LEU 2 . n 
C 3 185 THR 185 185 185 THR THR 2 . n 
C 3 186 ILE 186 186 186 ILE ILE 2 . n 
C 3 187 PHE 187 187 187 PHE PHE 2 . n 
C 3 188 PRO 188 188 188 PRO PRO 2 . n 
C 3 189 HIS 189 189 189 HIS HIS 2 . n 
C 3 190 GLN 190 190 190 GLN GLN 2 . n 
C 3 191 TRP 191 191 191 TRP TRP 2 . n 
C 3 192 ILE 192 192 192 ILE ILE 2 . n 
C 3 193 ASN 193 193 193 ASN ASN 2 . n 
C 3 194 LEU 194 194 194 LEU LEU 2 . n 
C 3 195 ARG 195 195 195 ARG ARG 2 . n 
C 3 196 THR 196 196 196 THR THR 2 . n 
C 3 197 ASN 197 197 197 ASN ASN 2 . n 
C 3 198 ASN 198 198 198 ASN ASN 2 . n 
C 3 199 SER 199 199 199 SER SER 2 . n 
C 3 200 ALA 200 200 200 ALA ALA 2 . n 
C 3 201 THR 201 201 201 THR THR 2 . n 
C 3 202 ILE 202 202 202 ILE ILE 2 . n 
C 3 203 VAL 203 203 203 VAL VAL 2 . n 
C 3 204 MET 204 204 204 MET MET 2 . n 
C 3 205 PRO 205 205 205 PRO PRO 2 . n 
C 3 206 TYR 206 206 206 TYR TYR 2 . n 
C 3 207 THR 207 207 207 THR THR 2 . n 
C 3 208 ASN 208 208 208 ASN ASN 2 . n 
C 3 209 SER 209 209 209 SER SER 2 . n 
C 3 210 VAL 210 210 210 VAL VAL 2 . n 
C 3 211 PRO 211 211 211 PRO PRO 2 . n 
C 3 212 MET 212 212 212 MET MET 2 . n 
C 3 213 ASP 213 213 213 ASP ASP 2 . n 
C 3 214 ASN 214 214 214 ASN ASN 2 . n 
C 3 215 MET 215 215 215 MET MET 2 . n 
C 3 216 PHE 216 216 216 PHE PHE 2 . n 
C 3 217 ARG 217 217 217 ARG ARG 2 . n 
C 3 218 HIS 218 218 218 HIS HIS 2 . n 
C 3 219 ASN 219 219 219 ASN ASN 2 . n 
C 3 220 ASN 220 220 220 ASN ASN 2 . n 
C 3 221 VAL 221 221 221 VAL VAL 2 . n 
C 3 222 THR 222 222 222 THR THR 2 . n 
C 3 223 LEU 223 223 223 LEU LEU 2 . n 
C 3 224 MET 224 224 224 MET MET 2 . n 
C 3 225 VAL 225 225 225 VAL VAL 2 . n 
C 3 226 ILE 226 226 226 ILE ILE 2 . n 
C 3 227 PRO 227 227 227 PRO PRO 2 . n 
C 3 228 PHE 228 228 228 PHE PHE 2 . n 
C 3 229 VAL 229 229 229 VAL VAL 2 . n 
C 3 230 PRO 230 230 230 PRO PRO 2 . n 
C 3 231 LEU 231 231 231 LEU LEU 2 . n 
C 3 232 ASP 232 232 232 ASP ASP 2 . n 
C 3 233 TYR 233 233 233 TYR TYR 2 . n 
C 3 234 CYS 234 234 234 CYS CYS 2 . n 
C 3 235 PRO 235 235 235 PRO PRO 2 . n 
C 3 236 GLY 236 236 236 GLY GLY 2 . n 
C 3 237 SER 237 237 237 SER SER 2 . n 
C 3 238 THR 238 238 238 THR THR 2 . n 
C 3 239 THR 239 239 239 THR THR 2 . n 
C 3 240 TYR 240 240 240 TYR TYR 2 . n 
C 3 241 VAL 241 241 241 VAL VAL 2 . n 
C 3 242 PRO 242 242 242 PRO PRO 2 . n 
C 3 243 ILE 243 243 243 ILE ILE 2 . n 
C 3 244 THR 244 244 244 THR THR 2 . n 
C 3 245 VAL 245 245 245 VAL VAL 2 . n 
C 3 246 THR 246 246 246 THR THR 2 . n 
C 3 247 ILE 247 247 247 ILE ILE 2 . n 
C 3 248 ALA 248 248 248 ALA ALA 2 . n 
C 3 249 PRO 249 249 249 PRO PRO 2 . n 
C 3 250 MET 250 250 250 MET MET 2 . n 
C 3 251 CYS 251 251 251 CYS CYS 2 . n 
C 3 252 ALA 252 252 252 ALA ALA 2 . n 
C 3 253 GLU 253 253 253 GLU GLU 2 . n 
C 3 254 TYR 254 254 254 TYR TYR 2 . n 
C 3 255 ASN 255 255 255 ASN ASN 2 . n 
C 3 256 GLY 256 256 256 GLY GLY 2 . n 
C 3 257 LEU 257 257 257 LEU LEU 2 . n 
C 3 258 ARG 258 258 258 ARG ARG 2 . n 
C 3 259 LEU 259 259 259 LEU LEU 2 . n 
C 3 260 ALA 260 260 260 ALA ALA 2 . n 
C 3 261 GLY 261 261 261 GLY GLY 2 . n 
C 3 262 HIS 262 262 262 HIS HIS 2 . n 
C 3 263 GLN 263 263 263 GLN GLN 2 . n 
D 4 1   GLY 1   1   1   GLY GLY 3 . n 
D 4 2   LEU 2   2   2   LEU LEU 3 . n 
D 4 3   PRO 3   3   3   PRO PRO 3 . n 
D 4 4   THR 4   4   4   THR THR 3 . n 
D 4 5   MET 5   5   5   MET MET 3 . n 
D 4 6   ASN 6   6   6   ASN ASN 3 . n 
D 4 7   THR 7   7   7   THR THR 3 . n 
D 4 8   PRO 8   8   8   PRO PRO 3 . n 
D 4 9   GLY 9   9   9   GLY GLY 3 . n 
D 4 10  SER 10  10  10  SER SER 3 . n 
D 4 11  CYS 11  11  11  CYS CYS 3 . n 
D 4 12  GLN 12  12  12  GLN GLN 3 . n 
D 4 13  PHE 13  13  13  PHE PHE 3 . n 
D 4 14  LEU 14  14  14  LEU LEU 3 . n 
D 4 15  THR 15  15  15  THR THR 3 . n 
D 4 16  SER 16  16  16  SER SER 3 . n 
D 4 17  ASP 17  17  17  ASP ASP 3 . n 
D 4 18  ASP 18  18  18  ASP ASP 3 . n 
D 4 19  PHE 19  19  19  PHE PHE 3 . n 
D 4 20  GLN 20  20  20  GLN GLN 3 . n 
D 4 21  SER 21  21  21  SER SER 3 . n 
D 4 22  PRO 22  22  22  PRO PRO 3 . n 
D 4 23  SER 23  23  23  SER SER 3 . n 
D 4 24  ALA 24  24  24  ALA ALA 3 . n 
D 4 25  MET 25  25  25  MET MET 3 . n 
D 4 26  PRO 26  26  26  PRO PRO 3 . n 
D 4 27  GLN 27  27  27  GLN GLN 3 . n 
D 4 28  TYR 28  28  28  TYR TYR 3 . n 
D 4 29  ASP 29  29  29  ASP ASP 3 . n 
D 4 30  VAL 30  30  30  VAL VAL 3 . n 
D 4 31  THR 31  31  31  THR THR 3 . n 
D 4 32  PRO 32  32  32  PRO PRO 3 . n 
D 4 33  GLU 33  33  33  GLU GLU 3 . n 
D 4 34  MET 34  34  34  MET MET 3 . n 
D 4 35  ARG 35  35  35  ARG ARG 3 . n 
D 4 36  ILE 36  36  36  ILE ILE 3 . n 
D 4 37  PRO 37  37  37  PRO PRO 3 . n 
D 4 38  GLY 38  38  38  GLY GLY 3 . n 
D 4 39  GLU 39  39  39  GLU GLU 3 . n 
D 4 40  VAL 40  40  40  VAL VAL 3 . n 
D 4 41  LYS 41  41  41  LYS LYS 3 . n 
D 4 42  ASN 42  42  42  ASN ASN 3 . n 
D 4 43  LEU 43  43  43  LEU LEU 3 . n 
D 4 44  MET 44  44  44  MET MET 3 . n 
D 4 45  GLU 45  45  45  GLU GLU 3 . n 
D 4 46  ILE 46  46  46  ILE ILE 3 . n 
D 4 47  ALA 47  47  47  ALA ALA 3 . n 
D 4 48  GLU 48  48  48  GLU GLU 3 . n 
D 4 49  VAL 49  49  49  VAL VAL 3 . n 
D 4 50  ASP 50  50  50  ASP ASP 3 . n 
D 4 51  SER 51  51  51  SER SER 3 . n 
D 4 52  VAL 52  52  52  VAL VAL 3 . n 
D 4 53  VAL 53  53  53  VAL VAL 3 . n 
D 4 54  PRO 54  54  54  PRO PRO 3 . n 
D 4 55  VAL 55  55  55  VAL VAL 3 . n 
D 4 56  GLN 56  56  56  GLN GLN 3 . n 
D 4 57  ASN 57  57  57  ASN ASN 3 . n 
D 4 58  VAL 58  58  58  VAL VAL 3 . n 
D 4 59  GLY 59  59  59  GLY GLY 3 . n 
D 4 60  GLU 60  60  60  GLU GLU 3 . n 
D 4 61  LYS 61  61  61  LYS LYS 3 . n 
D 4 62  VAL 62  62  62  VAL VAL 3 . n 
D 4 63  ASN 63  63  63  ASN ASN 3 . n 
D 4 64  SER 64  64  64  SER SER 3 . n 
D 4 65  MET 65  65  65  MET MET 3 . n 
D 4 66  GLU 66  66  66  GLU GLU 3 . n 
D 4 67  ALA 67  67  67  ALA ALA 3 . n 
D 4 68  TYR 68  68  68  TYR TYR 3 . n 
D 4 69  GLN 69  69  69  GLN GLN 3 . n 
D 4 70  ILE 70  70  70  ILE ILE 3 . n 
D 4 71  PRO 71  71  71  PRO PRO 3 . n 
D 4 72  VAL 72  72  72  VAL VAL 3 . n 
D 4 73  ARG 73  73  73  ARG ARG 3 . n 
D 4 74  SER 74  74  74  SER SER 3 . n 
D 4 75  ASN 75  75  75  ASN ASN 3 . n 
D 4 76  GLU 76  76  76  GLU GLU 3 . n 
D 4 77  GLY 77  77  77  GLY GLY 3 . n 
D 4 78  SER 78  78  78  SER SER 3 . n 
D 4 79  GLY 79  79  79  GLY GLY 3 . n 
D 4 80  THR 80  80  80  THR THR 3 . n 
D 4 81  GLN 81  81  81  GLN GLN 3 . n 
D 4 82  VAL 82  82  82  VAL VAL 3 . n 
D 4 83  PHE 83  83  83  PHE PHE 3 . n 
D 4 84  GLY 84  84  84  GLY GLY 3 . n 
D 4 85  PHE 85  85  85  PHE PHE 3 . n 
D 4 86  PRO 86  86  86  PRO PRO 3 . n 
D 4 87  LEU 87  87  87  LEU LEU 3 . n 
D 4 88  GLN 88  88  88  GLN GLN 3 . n 
D 4 89  PRO 89  89  89  PRO PRO 3 . n 
D 4 90  GLY 90  90  90  GLY GLY 3 . n 
D 4 91  TYR 91  91  91  TYR TYR 3 . n 
D 4 92  SER 92  92  92  SER SER 3 . n 
D 4 93  SER 93  93  93  SER SER 3 . n 
D 4 94  VAL 94  94  94  VAL VAL 3 . n 
D 4 95  PHE 95  95  95  PHE PHE 3 . n 
D 4 96  SER 96  96  96  SER SER 3 . n 
D 4 97  ARG 97  97  97  ARG ARG 3 . n 
D 4 98  THR 98  98  98  THR THR 3 . n 
D 4 99  LEU 99  99  99  LEU LEU 3 . n 
D 4 100 LEU 100 100 100 LEU LEU 3 . n 
D 4 101 GLY 101 101 101 GLY GLY 3 . n 
D 4 102 GLU 102 102 102 GLU GLU 3 . n 
D 4 103 ILE 103 103 103 ILE ILE 3 . n 
D 4 104 LEU 104 104 104 LEU LEU 3 . n 
D 4 105 ASN 105 105 105 ASN ASN 3 . n 
D 4 106 TYR 106 106 106 TYR TYR 3 . n 
D 4 107 TYR 107 107 107 TYR TYR 3 . n 
D 4 108 THR 108 108 108 THR THR 3 . n 
D 4 109 HIS 109 109 109 HIS HIS 3 . n 
D 4 110 TRP 110 110 110 TRP TRP 3 . n 
D 4 111 SER 111 111 111 SER SER 3 . n 
D 4 112 GLY 112 112 112 GLY GLY 3 . n 
D 4 113 SER 113 113 113 SER SER 3 . n 
D 4 114 ILE 114 114 114 ILE ILE 3 . n 
D 4 115 LYS 115 115 115 LYS LYS 3 . n 
D 4 116 LEU 116 116 116 LEU LEU 3 . n 
D 4 117 THR 117 117 117 THR THR 3 . n 
D 4 118 PHE 118 118 118 PHE PHE 3 . n 
D 4 119 MET 119 119 119 MET MET 3 . n 
D 4 120 PHE 120 120 120 PHE PHE 3 . n 
D 4 121 CYS 121 121 121 CYS CYS 3 . n 
D 4 122 GLY 122 122 122 GLY GLY 3 . n 
D 4 123 SER 123 123 123 SER SER 3 . n 
D 4 124 ALA 124 124 124 ALA ALA 3 . n 
D 4 125 MET 125 125 125 MET MET 3 . n 
D 4 126 ALA 126 126 126 ALA ALA 3 . n 
D 4 127 THR 127 127 127 THR THR 3 . n 
D 4 128 GLY 128 128 128 GLY GLY 3 . n 
D 4 129 LYS 129 129 129 LYS LYS 3 . n 
D 4 130 PHE 130 130 130 PHE PHE 3 . n 
D 4 131 LEU 131 131 131 LEU LEU 3 . n 
D 4 132 LEU 132 132 132 LEU LEU 3 . n 
D 4 133 ALA 133 133 133 ALA ALA 3 . n 
D 4 134 TYR 134 134 134 TYR TYR 3 . n 
D 4 135 SER 135 135 135 SER SER 3 . n 
D 4 136 PRO 136 136 136 PRO PRO 3 . n 
D 4 137 PRO 137 137 137 PRO PRO 3 . n 
D 4 138 GLY 138 138 138 GLY GLY 3 . n 
D 4 139 ALA 139 139 139 ALA ALA 3 . n 
D 4 140 GLY 140 140 140 GLY GLY 3 . n 
D 4 141 ALA 141 141 141 ALA ALA 3 . n 
D 4 142 PRO 142 142 142 PRO PRO 3 . n 
D 4 143 THR 143 143 143 THR THR 3 . n 
D 4 144 LYS 144 144 144 LYS LYS 3 . n 
D 4 145 ARG 145 145 145 ARG ARG 3 . n 
D 4 146 VAL 146 146 146 VAL VAL 3 . n 
D 4 147 ASP 147 147 147 ASP ASP 3 . n 
D 4 148 ALA 148 148 148 ALA ALA 3 . n 
D 4 149 MET 149 149 149 MET MET 3 . n 
D 4 150 LEU 150 150 150 LEU LEU 3 . n 
D 4 151 GLY 151 151 151 GLY GLY 3 . n 
D 4 152 THR 152 152 152 THR THR 3 . n 
D 4 153 HIS 153 153 153 HIS HIS 3 . n 
D 4 154 VAL 154 154 154 VAL VAL 3 . n 
D 4 155 VAL 155 155 155 VAL VAL 3 . n 
D 4 156 TRP 156 156 156 TRP TRP 3 . n 
D 4 157 ASP 157 157 157 ASP ASP 3 . n 
D 4 158 VAL 158 158 158 VAL VAL 3 . n 
D 4 159 GLY 159 159 159 GLY GLY 3 . n 
D 4 160 LEU 160 160 160 LEU LEU 3 . n 
D 4 161 GLN 161 161 161 GLN GLN 3 . n 
D 4 162 SER 162 162 162 SER SER 3 . n 
D 4 163 SER 163 163 163 SER SER 3 . n 
D 4 164 CYS 164 164 164 CYS CYS 3 . n 
D 4 165 VAL 165 165 165 VAL VAL 3 . n 
D 4 166 LEU 166 166 166 LEU LEU 3 . n 
D 4 167 CYS 167 167 167 CYS CYS 3 . n 
D 4 168 ILE 168 168 168 ILE ILE 3 . n 
D 4 169 PRO 169 169 169 PRO PRO 3 . n 
D 4 170 TRP 170 170 170 TRP TRP 3 . n 
D 4 171 ILE 171 171 171 ILE ILE 3 . n 
D 4 172 SER 172 172 172 SER SER 3 . n 
D 4 173 GLN 173 173 173 GLN GLN 3 . n 
D 4 174 THR 174 174 174 THR THR 3 . n 
D 4 175 HIS 175 175 175 HIS HIS 3 . n 
D 4 176 TYR 176 176 176 TYR TYR 3 . n 
D 4 177 ARG 177 177 177 ARG ARG 3 . n 
D 4 178 TYR 178 178 178 TYR TYR 3 . n 
D 4 179 VAL 179 179 179 VAL VAL 3 . n 
D 4 180 ALA 180 180 180 ALA ALA 3 . n 
D 4 181 SER 181 181 181 SER SER 3 . n 
D 4 182 ASP 182 182 182 ASP ASP 3 . n 
D 4 183 GLU 183 183 183 GLU GLU 3 . n 
D 4 184 TYR 184 184 184 TYR TYR 3 . n 
D 4 185 THR 185 185 185 THR THR 3 . n 
D 4 186 ALA 186 186 186 ALA ALA 3 . n 
D 4 187 GLY 187 187 187 GLY GLY 3 . n 
D 4 188 GLY 188 188 188 GLY GLY 3 . n 
D 4 189 PHE 189 189 189 PHE PHE 3 . n 
D 4 190 ILE 190 190 190 ILE ILE 3 . n 
D 4 191 THR 191 191 191 THR THR 3 . n 
D 4 192 CYS 192 192 192 CYS CYS 3 . n 
D 4 193 TRP 193 193 193 TRP TRP 3 . n 
D 4 194 TYR 194 194 194 TYR TYR 3 . n 
D 4 195 GLN 195 195 195 GLN GLN 3 . n 
D 4 196 THR 196 196 196 THR THR 3 . n 
D 4 197 ASN 197 197 197 ASN ASN 3 . n 
D 4 198 ILE 198 198 198 ILE ILE 3 . n 
D 4 199 VAL 199 199 199 VAL VAL 3 . n 
D 4 200 VAL 200 200 200 VAL VAL 3 . n 
D 4 201 PRO 201 201 201 PRO PRO 3 . n 
D 4 202 ALA 202 202 202 ALA ALA 3 . n 
D 4 203 ASP 203 203 203 ASP ASP 3 . n 
D 4 204 ALA 204 204 204 ALA ALA 3 . n 
D 4 205 GLN 205 205 205 GLN GLN 3 . n 
D 4 206 SER 206 206 206 SER SER 3 . n 
D 4 207 SER 207 207 207 SER SER 3 . n 
D 4 208 CYS 208 208 208 CYS CYS 3 . n 
D 4 209 TYR 209 209 209 TYR TYR 3 . n 
D 4 210 ILE 210 210 210 ILE ILE 3 . n 
D 4 211 MET 211 211 211 MET MET 3 . n 
D 4 212 CYS 212 212 212 CYS CYS 3 . n 
D 4 213 PHE 213 213 213 PHE PHE 3 . n 
D 4 214 VAL 214 214 214 VAL VAL 3 . n 
D 4 215 SER 215 215 215 SER SER 3 . n 
D 4 216 ALA 216 216 216 ALA ALA 3 . n 
D 4 217 CYS 217 217 217 CYS CYS 3 . n 
D 4 218 ASN 218 218 218 ASN ASN 3 . n 
D 4 219 ASP 219 219 219 ASP ASP 3 . n 
D 4 220 PHE 220 220 220 PHE PHE 3 . n 
D 4 221 SER 221 221 221 SER SER 3 . n 
D 4 222 VAL 222 222 222 VAL VAL 3 . n 
D 4 223 ARG 223 223 223 ARG ARG 3 . n 
D 4 224 LEU 224 224 224 LEU LEU 3 . n 
D 4 225 LEU 225 225 225 LEU LEU 3 . n 
D 4 226 LYS 226 226 226 LYS LYS 3 . n 
D 4 227 ASP 227 227 227 ASP ASP 3 . n 
D 4 228 THR 228 228 228 THR THR 3 . n 
D 4 229 PRO 229 229 229 PRO PRO 3 . n 
D 4 230 PHE 230 230 230 PHE PHE 3 . n 
D 4 231 ILE 231 231 231 ILE ILE 3 . n 
D 4 232 SER 232 232 232 SER SER 3 . n 
D 4 233 GLN 233 233 233 GLN GLN 3 . n 
D 4 234 GLU 234 234 234 GLU GLU 3 . n 
D 4 235 ASN 235 235 235 ASN ASN 3 . n 
D 4 236 PHE 236 236 236 PHE PHE 3 . n 
D 4 237 PHE 237 237 237 PHE PHE 3 . n 
D 4 238 GLN 238 238 238 GLN GLN 3 . n 
E 5 1   GLY 1   2   2   GLY GLY 4 . n 
E 5 2   ALA 2   3   3   ALA ALA 4 . n 
E 5 3   GLN 3   4   4   GLN GLN 4 . n 
E 5 4   VAL 4   5   5   VAL VAL 4 . n 
E 5 5   SER 5   6   6   SER SER 4 . n 
E 5 6   THR 6   7   7   THR THR 4 . n 
E 5 7   GLN 7   8   8   GLN GLN 4 . n 
E 5 8   LYS 8   9   9   LYS LYS 4 . n 
E 5 9   THR 9   10  10  THR THR 4 . n 
E 5 10  GLY 10  11  11  GLY GLY 4 . n 
E 5 11  ALA 11  11  ?   ?   ?   4 A n 
E 5 12  HIS 12  11  ?   ?   ?   4 B n 
E 5 13  GLU 13  11  ?   ?   ?   4 C n 
E 5 14  THR 14  11  ?   ?   ?   4 D n 
E 5 15  GLY 15  11  ?   ?   ?   4 E n 
E 5 16  LEU 16  11  ?   ?   ?   4 F n 
E 5 17  ASN 17  11  ?   ?   ?   4 G n 
E 5 18  ALA 18  11  ?   ?   ?   4 H n 
E 5 19  SER 19  11  ?   ?   ?   4 I n 
E 5 20  GLY 20  11  ?   ?   ?   4 J n 
E 5 21  ASN 21  11  ?   ?   ?   4 K n 
E 5 22  SER 22  11  ?   ?   ?   4 L n 
E 5 23  ILE 23  11  ?   ?   ?   4 M n 
E 5 24  ILE 24  12  12  ILE ILE 4 . n 
E 5 25  HIS 25  13  13  HIS HIS 4 . n 
E 5 26  TYR 26  14  14  TYR TYR 4 . n 
E 5 27  THR 27  15  15  THR THR 4 . n 
E 5 28  ASN 28  16  16  ASN ASN 4 . n 
E 5 29  ILE 29  17  17  ILE ILE 4 . n 
E 5 30  ASN 30  18  18  ASN ASN 4 . n 
E 5 31  TYR 31  19  19  TYR TYR 4 . n 
E 5 32  TYR 32  20  20  TYR TYR 4 . n 
E 5 33  LYS 33  21  21  LYS LYS 4 . n 
E 5 34  ASP 34  22  22  ASP ASP 4 . n 
E 5 35  ALA 35  23  23  ALA ALA 4 . n 
E 5 36  ALA 36  24  24  ALA ALA 4 . n 
E 5 37  SER 37  25  25  SER SER 4 . n 
E 5 38  ASN 38  26  26  ASN ASN 4 . n 
E 5 39  SER 39  27  27  SER SER 4 . n 
E 5 40  ALA 40  28  28  ALA ALA 4 . n 
E 5 41  ASN 41  29  29  ASN ASN 4 . n 
E 5 42  ARG 42  30  30  ARG ARG 4 . n 
E 5 43  GLN 43  31  31  GLN GLN 4 . n 
E 5 44  ASP 44  32  32  ASP ASP 4 . n 
E 5 45  PHE 45  33  33  PHE PHE 4 . n 
E 5 46  THR 46  34  34  THR THR 4 . n 
E 5 47  GLN 47  35  35  GLN GLN 4 . n 
E 5 48  ASP 48  36  36  ASP ASP 4 . n 
E 5 49  PRO 49  37  37  PRO PRO 4 . n 
E 5 50  SER 50  38  38  SER SER 4 . n 
E 5 51  LYS 51  39  39  LYS LYS 4 . n 
E 5 52  PHE 52  40  40  PHE PHE 4 . n 
E 5 53  THR 53  41  41  THR THR 4 . n 
E 5 54  GLU 54  42  42  GLU GLU 4 . n 
E 5 55  PRO 55  43  43  PRO PRO 4 . n 
E 5 56  VAL 56  44  44  VAL VAL 4 . n 
E 5 57  LYS 57  45  45  LYS LYS 4 . n 
E 5 58  ASP 58  46  46  ASP ASP 4 . n 
E 5 59  ILE 59  47  47  ILE ILE 4 . n 
E 5 60  MET 60  48  48  MET MET 4 . n 
E 5 61  ILE 61  49  49  ILE ILE 4 . n 
E 5 62  LYS 62  50  50  LYS LYS 4 . n 
E 5 63  SER 63  51  51  SER SER 4 . n 
E 5 64  LEU 64  52  52  LEU LEU 4 . n 
E 5 65  PRO 65  53  53  PRO PRO 4 . n 
E 5 66  ALA 66  54  54  ALA ALA 4 . n 
E 5 67  LEU 67  55  55  LEU LEU 4 . n 
E 5 68  ASN 68  56  56  ASN ASN 4 . n 
# 
_cell.entry_id           1JEW 
_cell.length_a           1.000 
_cell.length_b           1.000 
_cell.length_c           1.000 
_cell.angle_alpha        90.00 
_cell.angle_beta         90.00 
_cell.angle_gamma        90.00 
_cell.Z_PDB              1 
_cell.pdbx_unique_axis   ? 
_cell.length_a_esd       ? 
_cell.length_b_esd       ? 
_cell.length_c_esd       ? 
_cell.angle_alpha_esd    ? 
_cell.angle_beta_esd     ? 
_cell.angle_gamma_esd    ? 
# 
_symmetry.entry_id                         1JEW 
_symmetry.space_group_name_H-M             'P 1' 
_symmetry.pdbx_full_space_group_name_H-M   ? 
_symmetry.cell_setting                     ? 
_symmetry.Int_Tables_number                1 
# 
_exptl.entry_id          1JEW 
_exptl.method            'ELECTRON MICROSCOPY' 
_exptl.crystals_number   ? 
# 
_exptl_crystal.id                    1 
_exptl_crystal.density_meas          ? 
_exptl_crystal.density_Matthews      ? 
_exptl_crystal.density_percent_sol   ? 
_exptl_crystal.description           ? 
# 
_exptl_crystal_grow.crystal_id      1 
_exptl_crystal_grow.method          'ELECTRON MICROSCOPY RECONSTRUCTION' 
_exptl_crystal_grow.temp            298 
_exptl_crystal_grow.temp_details    ? 
_exptl_crystal_grow.pH              7.5 
_exptl_crystal_grow.pdbx_details    
;WARNING: THIS IS AN CRYO-ELECTRON MICROSCOPY  MODEL DEPOSITION. CRYO-EM INFORMATION HAS BEEN INCLUDED IN THE PDB FILE., pH 7.5, ELECTRON MICROSCOPY RECONSTRUCTION, temperature 298K
;
_exptl_crystal_grow.pdbx_pH_range   ? 
# 
_refine_hist.pdbx_refine_id                   'ELECTRON MICROSCOPY' 
_refine_hist.cycle_id                         LAST 
_refine_hist.pdbx_number_atoms_protein        938 
_refine_hist.pdbx_number_atoms_nucleic_acid   0 
_refine_hist.pdbx_number_atoms_ligand         0 
_refine_hist.number_atoms_solvent             0 
_refine_hist.number_atoms_total               938 
_refine_hist.d_res_high                       . 
_refine_hist.d_res_low                        . 
# 
_struct.entry_id                  1JEW 
_struct.title                     
'CRYO-EM STRUCTURE OF COXSACKIEVIRUS B3(M STRAIN) WITH ITS CELLULAR RECEPTOR, COXSACKIEVIRUS AND ADENOVIRUS RECEPTOR (CAR).' 
_struct.pdbx_model_details        ? 
_struct.pdbx_CASP_flag            ? 
_struct.pdbx_model_type_details   ? 
# 
_struct_keywords.entry_id        1JEW 
_struct_keywords.pdbx_keywords   Virus/Receptor 
_struct_keywords.text            'COXSACKIEVIRUS B3, CVB3, CAR, CRYO-EM STRUCTURE, Icosahedral virus, Virus-Receptor COMPLEX' 
# 
loop_
_struct_asym.id 
_struct_asym.pdbx_blank_PDB_chainid_flag 
_struct_asym.pdbx_modified 
_struct_asym.entity_id 
_struct_asym.details 
A N N 1 ? 
B N N 2 ? 
C N N 3 ? 
D N N 4 ? 
E N N 5 ? 
# 
loop_
_struct_ref.id 
_struct_ref.db_name 
_struct_ref.db_code 
_struct_ref.entity_id 
_struct_ref.pdbx_seq_one_letter_code 
_struct_ref.pdbx_align_begin 
_struct_ref.pdbx_db_accession 
_struct_ref.pdbx_db_isoform 
1 UNP CXAR_HUMAN 1 
;SITTPEEMIEKAKGETAYLPCKFTLSPEDQGPLDIEWLISPADNQKVDQVIILYSGDKIYDDYYPDLKGRVHFTSNDLKS
GDASINVTNLQLSDIGTYQCKVKKAPGVANKKIHLVVLVK
;
21  P78310 ? 
2 UNP POLG_CXB3W 2 
;GPVEDAITAAIGRVADTVGTGPTNSEAIPALTAAETGHTSQVVPSDTMQTRHVKNYHSRSESTIENFLCRSACVYFTEYE
NSGAKRYAEWVITPRQAAQLRRKLEFFTYVRFDLELTFVITSTQQPSTTQNQDAQILTHQIMYVPPGGPVPDKVDSYVWQ
TSTNPSVFWTEGNAPPRMSVPFLSIGNAYSNFYDGWSEFSRNGVYGINTLNNMGTLYARHVNAGSTGPIKSTIRIYFKPK
HVKAWIPRPPRLCQYEKAKNVNFQPSGVTTTRQSITTMTNT
;
571 Q66282 ? 
3 UNP POLG_CXB3W 3 
;SPTVEECGYSDRVRSITLGNSTITTQECANVVVGYGVWPDYLKDSEATAEDQPTQPDVATCRFYTLDSVQWQKTSPGWWW
KLPDALSNLGLFGQNMQYHYLGRTGYTIHVQCNASKFHQGCLLVVCVPEAEMGCATLNNTPSSAELLGGDSAKEFADKPV
ASGSNKLVQRVVYNAGMGVGVGNLTIFPHQWINLRTNNSATIVMPYTNSVPMDNMFRHNNVTLMVIPFVPLDYCPGSTTY
VPITITIAPMCAEYNGLRLAGHQ
;
70  Q66282 ? 
4 UNP POLG_CXB3W 4 
;GLPTMNTPGSCQFLTSDDFQSPSAMPQYDVTPEMRIPGEVKNLMEIAEVDSVVPVQNVGEKVNSMEAYQIPVRSNEGSGT
QVFGFPLQPGYSSVFSRTLLGEILNYYTHWSGSIKLTFMFCGSAMATGKFLLAYSPPGAGAPTKRVDAMLGTHVVWDVGL
QSSCVLCIPWISQTHYRYVASDEYTAGGFITCWYQTNIVVPADAQSSCYIMCFVSACNDFSVRLLKDTPFISQQNFFQ
;
333 Q66282 ? 
5 UNP POLG_CXB3W 5 GAQVSTQKTGAHETGLNASGNSIIHYTNINYYKDAASNSANRQDFTQDPSKFTEPVKDIMIKSLPALN 2   Q66282 ? 
# 
loop_
_struct_ref_seq.align_id 
_struct_ref_seq.ref_id 
_struct_ref_seq.pdbx_PDB_id_code 
_struct_ref_seq.pdbx_strand_id 
_struct_ref_seq.seq_align_beg 
_struct_ref_seq.pdbx_seq_align_beg_ins_code 
_struct_ref_seq.seq_align_end 
_struct_ref_seq.pdbx_seq_align_end_ins_code 
_struct_ref_seq.pdbx_db_accession 
_struct_ref_seq.db_align_beg 
_struct_ref_seq.pdbx_db_align_beg_ins_code 
_struct_ref_seq.db_align_end 
_struct_ref_seq.pdbx_db_align_end_ins_code 
_struct_ref_seq.pdbx_auth_seq_align_beg 
_struct_ref_seq.pdbx_auth_seq_align_end 
1 1 1JEW R 1 ? 120 ? P78310 21  ? 140 ? 23 142 
2 2 1JEW 1 1 ? 281 ? Q66282 571 ? 851 ? 1  281 
3 3 1JEW 2 1 ? 263 ? Q66282 70  ? 332 ? 1  263 
4 4 1JEW 3 1 ? 238 ? Q66282 333 ? 570 ? 1  238 
5 5 1JEW 4 1 ? 68  ? Q66282 2   ? 69  ? 2  56  
# 
loop_
_struct_ref_seq_dif.align_id 
_struct_ref_seq_dif.pdbx_pdb_id_code 
_struct_ref_seq_dif.mon_id 
_struct_ref_seq_dif.pdbx_pdb_strand_id 
_struct_ref_seq_dif.seq_num 
_struct_ref_seq_dif.pdbx_pdb_ins_code 
_struct_ref_seq_dif.pdbx_seq_db_name 
_struct_ref_seq_dif.pdbx_seq_db_accession_code 
_struct_ref_seq_dif.db_mon_id 
_struct_ref_seq_dif.pdbx_seq_db_seq_num 
_struct_ref_seq_dif.details 
_struct_ref_seq_dif.pdbx_auth_seq_num 
_struct_ref_seq_dif.pdbx_ordinal 
3 1JEW THR 2 151 ? UNP Q66282 SER 220 conflict 151 1 
3 1JEW VAL 2 245 ? UNP Q66282 ILE 314 conflict 245 2 
4 1JEW GLU 3 234 ? UNP Q66282 GLN 566 conflict 234 3 
# 
loop_
_pdbx_struct_assembly.id 
_pdbx_struct_assembly.details 
_pdbx_struct_assembly.method_details 
_pdbx_struct_assembly.oligomeric_details 
_pdbx_struct_assembly.oligomeric_count 
1 'complete icosahedral assembly'                ? 300-MERIC  300 
2 'icosahedral asymmetric unit'                  ? pentameric 5   
3 'icosahedral pentamer'                         ? 25-meric   25  
4 'icosahedral 23 hexamer'                       ? 30-meric   30  
5 'icosahedral asymmetric unit, std point frame' ? pentameric 5   
# 
loop_
_pdbx_struct_assembly_gen.assembly_id 
_pdbx_struct_assembly_gen.oper_expression 
_pdbx_struct_assembly_gen.asym_id_list 
1 '(1-60)'           A,B,C,D,E 
2 1                  A,B,C,D,E 
3 '(1-5)'            A,B,C,D,E 
4 '(1,2,6,10,23,24)' A,B,C,D,E 
5 P                  A,B,C,D,E 
# 
loop_
_pdbx_struct_oper_list.id 
_pdbx_struct_oper_list.type 
_pdbx_struct_oper_list.name 
_pdbx_struct_oper_list.symmetry_operation 
_pdbx_struct_oper_list.matrix[1][1] 
_pdbx_struct_oper_list.matrix[1][2] 
_pdbx_struct_oper_list.matrix[1][3] 
_pdbx_struct_oper_list.vector[1] 
_pdbx_struct_oper_list.matrix[2][1] 
_pdbx_struct_oper_list.matrix[2][2] 
_pdbx_struct_oper_list.matrix[2][3] 
_pdbx_struct_oper_list.vector[2] 
_pdbx_struct_oper_list.matrix[3][1] 
_pdbx_struct_oper_list.matrix[3][2] 
_pdbx_struct_oper_list.matrix[3][3] 
_pdbx_struct_oper_list.vector[3] 
P  'transform to point frame' ?     ?     0.11150382  -0.68830133 0.71680413  33.30615   0.47841715  -0.59503452 -0.64579482 40.00197   0.87102464  0.41493998  0.26294655  121.57775  
1  'identity operation'       1_555 x,y,z 1.00000000  0.00000000  0.00000000  0.00000    0.00000000  1.00000000  0.00000000  0.00000    0.00000000  0.00000000  1.00000000  0.00000    
2  'point symmetry operation' ?     ?     0.98961459  0.13769661  -0.04126257 -2.06311   -0.08264176 0.31013036  -0.94709529 -41.62823  -0.11761504 0.94066933  0.31828903  -32.10097  
3  'point symmetry operation' ?     ?     0.97281065  0.14015604  -0.18437928 -8.51228   0.00397945  -0.80610214 -0.59176304 -23.96523  -0.23156769 0.57493966  -0.78474249 -81.23410  
4  'point symmetry operation' ?     ?     0.97281065  0.00397945  -0.23156769 -10.43499  0.14015604  -0.80610214 0.57493966  28.57932   -0.18437928 -0.59176304 -0.78474249 -79.49908  
5  'point symmetry operation' ?     ?     0.98961459  -0.08264176 -0.11761504 -5.17411   0.13769661  0.31013036  0.94066933  43.39065   -0.04126257 -0.94709529 0.31828903  -29.29364  
6  'point symmetry operation' ?     ?     0.51736785  0.72284589  0.45806584  -45.70278  0.72284589  -0.65564963 0.21821407  93.45444   0.45806584  0.21821407  -0.86171822 3.91816    
7  'point symmetry operation' ?     ?     0.39838209  0.72630476  -0.56015454 -91.56532  0.74385763  0.10146385  0.66059134  112.25179  0.53662607  -0.67984299 -0.49984595 21.55124   
8  'point symmetry operation' ?     ?     0.40010423  -0.24681517 -0.88260913 -104.64050 0.65005173  0.75529171  0.08346956  85.28775   0.64602581  -0.60713811 0.46263804  64.79033   
9  'point symmetry operation' ?     ?     0.52015433  -0.85169522 -0.06367664 -66.85888  0.57106478  0.40226607  -0.71558858 49.82571   0.63507833  0.33585301  0.69561358  73.88046   
10 'point symmetry operation' ?     ?     0.59262723  -0.25241172 0.76490606  -30.43336  0.61605404  -0.46974363 -0.63231189 54.87301   0.51891269  0.84594872  -0.12288360 36.25940   
11 'point symmetry operation' ?     ?     -0.54223405 -0.56934945 -0.61791863 -219.22196 -0.56934945 -0.29186783 0.76854041  -55.04560  -0.61791863 0.76854041  -0.16589811 -111.68487 
12 'point symmetry operation' ?     ?     -0.41687417 -0.83249345 0.36492543  -174.56648 -0.62970795 0.55402784  0.54453745  -66.39192  -0.65550271 -0.00279284 -0.75518765 -137.07753 
13 'point symmetry operation' ?     ?     -0.38666676 0.02769050  0.92180369  -150.76565 -0.73299981 0.59734189  -0.32541349 -105.63615 -0.55964282 -0.80150852 -0.21067513 -111.36664 
14 'point symmetry operation' ?     ?     -0.49335744 0.82245742  0.28312933  -180.71141 -0.73647917 -0.22178422 -0.63906978 -118.54409 -0.46281407 -0.52380868 0.71514166  -70.08378  
15 'point symmetry operation' ?     ?     -0.58950331 0.45346645  -0.66847140 -223.01974 -0.63533768 -0.77134605 0.03703092  -87.27741  -0.49883051 0.44653492  0.74281538  -70.28046  
16 'point symmetry operation' ?     ?     -0.97513380 -0.15349644 0.15985279  -250.06969 -0.15349644 -0.05248254 -0.98675448 -53.28983  0.15985279  -0.98675448 0.02761634  -12.27077  
17 'point symmetry operation' ?     ?     -0.97112251 -0.03150791 0.23649168  -246.79953 -0.03150791 -0.96562206 -0.25803350 -19.11262  0.23649168  -0.25803350 0.93674457  27.58977   
18 'point symmetry operation' ?     ?     -0.98624811 0.07896863  0.14518471  -251.07600 0.07896863  -0.54653146 0.83370697  29.43264   0.14518471  0.83370697  0.53277957  7.77294    
19 'point symmetry operation' ?     ?     -0.99960754 0.02525835  0.01211501  -256.98916 0.02525835  0.62562030  0.77971871  25.25806   0.01211501  0.77971871  -0.62601275 -44.33508  
20 'point symmetry operation' ?     ?     -0.99273851 -0.11841297 0.02118038  -256.36722 -0.11841297 0.93095931  -0.34538835 -25.86724  0.02118038  -0.34538835 -0.93822080 -56.72277  
21 'point symmetry operation' ?     ?     0.56718103  -0.80131751 -0.19025226 -64.41529  -0.46736164 -0.12294429 -0.87547575 -90.62227  0.67814361  0.58546985  -0.44423674 46.14751   
22 'point symmetry operation' ?     ?     0.64988944  -0.34937845 0.67496549  -26.12073  -0.34937845 -0.92601607 -0.14292982 -56.43648  0.67496549  -0.14292982 -0.72387337 34.63678   
23 'point symmetry operation' ?     ?     0.59262723  0.61605404  0.51891269  -34.58456  -0.25241172 -0.46974363 0.84594872  -12.57908  0.76490606  -0.63231189 -0.12288360 62.43120   
24 'point symmetry operation' ?     ?     0.47452884  0.76078508  -0.44275099 -78.11005  -0.31046619 0.61532001  0.72456333  -19.65951  0.82367052  -0.20636699 0.52818513  91.11983   
25 'point symmetry operation' ?     ?     0.45880222  -0.11519871 -0.88103903 -96.54645  -0.44331253 0.82965379  -0.33933550 -67.89285  0.77004839  0.54626353  0.32957797  81.05595   
26 'point symmetry operation' ?     ?     -0.37293590 0.89385229  0.24889135  -165.96916 -0.73169321 -0.44826319 0.51350283  -84.18248  0.57056451  0.00939153  0.82119908  68.12862   
27 'point symmetry operation' ?     ?     -0.47220569 0.45998318  -0.75195562 -210.39890 -0.74744467 0.24326466  0.61818181  -80.49646  0.46727747  0.85395419  0.22894103  40.19925   
28 'point symmetry operation' ?     ?     -0.41687417 -0.62970795 -0.65550271 -204.43447 -0.83249345 0.55402784  -0.00279284 -108.92531 0.36492543  0.54453745  -0.75518765 -3.66262   
29 'point symmetry operation' ?     ?     -0.28340762 -0.86930502 0.40495542  -156.31852 -0.86930502 0.05456218  -0.49125527 -130.18134 0.40495542  -0.49125527 -0.77115456 -2.84138   
30 'point symmetry operation' ?     ?     -0.25625227 0.07230699  0.96390169  -132.54565 -0.80700704 -0.56488773 -0.17216699 -114.88943 0.53204736  -0.82199364 0.20310602  41.52805   
31 'point symmetry operation' ?     ?     0.26624523  -0.23526196 -0.93475413 -123.39652 0.86439044  -0.37086293 0.33954357  116.37861  -0.42654734 -0.89839439 0.10461770  -85.12948  
32 'point symmetry operation' ?     ?     0.39286376  -0.91559536 -0.08569245 -84.14576  0.84612673  0.32340601  0.42364856  119.13397  -0.36017720 -0.23894284 0.90176421  -50.20923  
33 'point symmetry operation' ?     ?     0.47452884  -0.31046619 0.82367052  -44.09086  0.76078508  0.61532001  -0.20636699 90.32597   -0.44275099 0.72456333  0.52818513  -68.46688  
34 'point symmetry operation' ?     ?     0.39838209  0.74385763  0.53662607  -58.58632  0.72630476  0.10146385  -0.67984299 69.76629   -0.56015454 0.66059134  -0.49984595 -114.67098 
35 'point symmetry operation' ?     ?     0.26965574  0.79033639  -0.55014013 -107.59992 0.79033639  -0.50803072 -0.34245170 85.86770   -0.55014013 -0.34245170 -0.76162502 -124.96904 
36 'point symmetry operation' ?     ?     -0.46049036 0.14272717  0.87611504  -161.21346 0.33466440  0.94207041  0.02242934  43.54515   -0.82216079 0.30353301  -0.48158005 -149.18412 
37 'point symmetry operation' ?     ?     -0.57054751 0.80499063  0.16268258  -194.32904 0.25069639  0.35934539  -0.89890055 2.91798    -0.78206576 -0.47208153 -0.40683186 -144.66427 
38 'point symmetry operation' ?     ?     -0.65028190 0.32412010  -0.68708050 -231.88454 0.32412010  -0.69960422 -0.63678889 16.29743   -0.68708050 -0.63678889 0.34988612  -110.33918 
39 'point symmetry operation' ?     ?     -0.58950331 -0.63533768 -0.49883051 -221.97954 0.45346645  -0.77134605 0.44653492  65.19356   -0.66847140 0.03703092  0.74281538  -93.64495  
40 'point symmetry operation' ?     ?     -0.47220569 -0.74744467 0.46727747  -178.30241 0.45998318  0.24326466  0.85395419  82.03358   -0.75195562 0.61818181  0.22894103  -117.65244 
41 'point symmetry operation' ?     ?     0.56718103  -0.46736164 0.67814361  -37.11288  -0.80131751 -0.12294429 0.58546985  -89.77656  -0.19025226 -0.87547575 -0.44423674 -71.09233  
42 'point symmetry operation' ?     ?     0.52015433  0.57106478  0.63507833  -40.59666  -0.85169522 0.40226607  0.33585301  -101.79956 -0.06367664 -0.71558858 0.69561358  -19.99489  
43 'point symmetry operation' ?     ?     0.39286376  0.84612673  -0.36017720 -85.82884  -0.91559536 0.32340601  -0.23894284 -127.56925 -0.08569245 0.42364856  0.90176421  -12.40470  
44 'point symmetry operation' ?     ?     0.36122057  -0.02230204 -0.93221367 -110.30008 -0.90471010 -0.25054256 -0.34456938 -131.47280 -0.22587459 0.96784867  -0.11067801 -58.81115  
45 'point symmetry operation' ?     ?     0.46895457  -0.83408250 -0.29049611 -80.19196  -0.83408250 -0.52640222 0.16494569  -108.11564 -0.29049611 0.16494569  -0.94255235 -95.08210  
46 'point symmetry operation' ?     ?     0.26624523  0.86439044  -0.42654734 -104.05458 -0.23526196 -0.37086293 -0.89839439 -62.34985  -0.93475413 0.33954357  0.10461770  -145.95497 
47 'point symmetry operation' ?     ?     0.24221379  -0.09650521 -0.96541142 -126.89433 -0.09650521 -0.99250269 0.07500097  -17.58678  -0.96541142 0.07500097  -0.24971110 -161.51940 
48 'point symmetry operation' ?     ?     0.36122057  -0.90471010 -0.22587459 -92.38606  -0.02230204 -0.25054256 0.96784867  21.52084   -0.93221367 -0.34456938 -0.11067801 -154.63384 
49 'point symmetry operation' ?     ?     0.45880222  -0.44331253 0.77004839  -48.21903  -0.11519871 0.82965379  0.54626353  0.92762    -0.88103903 -0.33933550 0.32957797  -134.81390 
50 'point symmetry operation' ?     ?     0.40010423  0.65005173  0.64602581  -55.43057  -0.24681517 0.75529171  -0.60713811 -50.90732  -0.88260913 0.08346956  0.46263804  -129.45006 
51 'point symmetry operation' ?     ?     -0.46049036 0.33466440  -0.82216079 -211.46359 0.14272717  0.94207041  0.30353301  27.26925   0.87611504  0.02242934  -0.48158005 68.42075   
52 'point symmetry operation' ?     ?     -0.38666676 -0.73299981 -0.55964282 -198.05288 0.02769050  0.59734189  -0.80150852 -21.98564  0.92180369  -0.32541349 -0.21067513 81.13873   
53 'point symmetry operation' ?     ?     -0.25625227 -0.80700704 0.53204736  -148.77659 0.07230699  -0.56488773 -0.82199364 -21.17986  0.96390169  -0.17216699 0.20310602  99.54621   
54 'point symmetry operation' ?     ?     -0.24947528 0.21491818  0.94423104  -131.73288 0.21491818  -0.93845662 0.27038738  28.57303   0.94423104  0.27038738  0.18793190  98.20469   
55 'point symmetry operation' ?     ?     -0.37570136 0.92050993  0.10728437  -170.47557 0.25844024  -0.00710527 0.96600111  58.51622   0.88997591  0.39065454  -0.23522735 78.96810   
56 'point symmetry operation' ?     ?     -0.37293590 -0.73169321 0.57056451  -162.36338 0.89385229  -0.44826319 0.00939153  109.97617  0.24889135  0.51350283  0.82119908  28.58907   
57 'point symmetry operation' ?     ?     -0.37570136 0.25844024  0.88997591  -149.45056 0.92050993  -0.00710527 0.39065454  126.49099  0.10728437  0.96600111  -0.23522735 -19.66192  
58 'point symmetry operation' ?     ?     -0.49783206 0.86559041  0.05400443  -188.00294 0.86559041  0.49202428  0.09308781  112.34727  0.05400443  0.09308781  -0.99419222 -52.54515  
59 'point symmetry operation' ?     ?     -0.57054751 0.25069639  -0.78206576 -224.74245 0.80499063  0.35934539  -0.47208153 87.09116   0.16268258  -0.89890055 -0.40683186 -24.61711  
60 'point symmetry operation' ?     ?     -0.49335744 -0.73647917 -0.46281407 -208.89633 0.82245742  -0.22178422 -0.52380868 85.62574   0.28312933  -0.63906978 0.71514166  25.52659  
# 
loop_
_pdbx_validate_close_contact.id 
_pdbx_validate_close_contact.PDB_model_num 
_pdbx_validate_close_contact.auth_atom_id_1 
_pdbx_validate_close_contact.auth_asym_id_1 
_pdbx_validate_close_contact.auth_comp_id_1 
_pdbx_validate_close_contact.auth_seq_id_1 
_pdbx_validate_close_contact.PDB_ins_code_1 
_pdbx_validate_close_contact.label_alt_id_1 
_pdbx_validate_close_contact.auth_atom_id_2 
_pdbx_validate_close_contact.auth_asym_id_2 
_pdbx_validate_close_contact.auth_comp_id_2 
_pdbx_validate_close_contact.auth_seq_id_2 
_pdbx_validate_close_contact.PDB_ins_code_2 
_pdbx_validate_close_contact.label_alt_id_2 
_pdbx_validate_close_contact.dist 
1 1 CA R PRO 27  ? ? CA 2 ASN 139 ? ? 1.14 
2 1 CA R PRO 128 ? ? CA 1 VAL 91  ? ? 1.73 
3 1 CA R GLU 50  ? ? CA 1 MET 213 ? ? 1.83 
4 1 CA R SER 48  ? ? CA 1 ASN 212 ? ? 2.10 
5 1 CA R PRO 49  ? ? CA 1 ASN 212 ? ? 2.14 
# 
_pdbx_point_symmetry.entry_id             1JEW 
_pdbx_point_symmetry.Schoenflies_symbol   I 
_pdbx_point_symmetry.H-M_notation         532 
_pdbx_point_symmetry.circular_symmetry    ? 
# 
_pdbx_database_remark.id     999 
_pdbx_database_remark.text   
;SEQUENCE
THE COXSACKIEVIRUS B3 USED IN THE EM EXPERIMENT
IS M STRAIN, WHICH MIGHT BE DIFFERENT SLIGHTLY 
WITH OTHER ISOLATES GIVING ARISE TO THE CONFLICTS.
;
# 
_em_3d_fitting.id                1 
_em_3d_fitting.entry_id          1JEW 
_em_3d_fitting.ref_protocol      OTHER 
_em_3d_fitting.ref_space         REAL 
_em_3d_fitting.overall_b_value   ? 
_em_3d_fitting.target_criteria   ? 
_em_3d_fitting.details           
;METHOD--Acta Cryst. D56, 1341 REFINEMENT PROTOCOL--EMFIT DETAILS--THE 
DIFFERENCE MAP BETWEEN CVB3-CAR COMPLEX AND NATIVE CVB WAS CALCULATED AND THEN 
FITTED WITH THE N-TERMINAL DOMAIN OF CAR (1KAC, B-CHAIN). THE AUTOMATIC FITTING 
WAS DONE USI PROGRAM EMFIT DESCRIBED IN ACTA CRYST. D56, 1341-1349. THE CRYSTAL 
STRUCTURE OF POLIOVIRUS WAS PLACED INTO THE
;
_em_3d_fitting.method            ? 
# 
_em_3d_reconstruction.entry_id                    1JEW 
_em_3d_reconstruction.id                          1 
_em_3d_reconstruction.resolution_method           OTHER 
_em_3d_reconstruction.symmetry_type               POINT 
_em_3d_reconstruction.num_particles               635 
_em_3d_reconstruction.image_processing_id         1 
_em_3d_reconstruction.method                      
;COMMON-LINES AND POLAR-FOURIER-TRANSFORM 
 FULLER ET AL. 1996, J.STRUC.BIOL.c 116, 48-55; 
 BAKER AND CHENG, 1996, J.STRUC.BIOL. 116, 120-130
;
_em_3d_reconstruction.nominal_pixel_size          ? 
_em_3d_reconstruction.actual_pixel_size           2.30 
_em_3d_reconstruction.resolution                  22 
_em_3d_reconstruction.magnification_calibration   
;THE PIXEL SIZE OF THE CRYO-EM MAP WAS CALIBRATED AGAINST
  A LOW RESOLUTION DENSITY MAP CALCULATED FROM THE CRYSTAL
  STRUCTURE OF COXSACKIEVIRUS B3. DENSITIES WERE COMPARED
  BY CROSS-CORRELATION WITHIN A SPHERICAL SHELL OF INTERNAL
  RADIUS CORRELATION WITHIN A SPHERICAL SHELL OF INTERNAL
  RADIUS 110 ANGSTROMS AND EXTERNAL RADIUS OF 145 ANGSTROMS.
;
_em_3d_reconstruction.details                     
;THE RESOLUTION OF THE FINAL RECONSTRUCTED DENSITY WAS
  DETERMINED TO BE AT LEAST 22 ANGSTROMS, AS MEASURED BY
  RANDOMLY SPLITTING THE PARTICLES INTO TWO SETS AND
  COMPARING STRUCTURE FACTORS OBTAINED FROM SEPARATE
  RECONSTRUCTIONS (BAKER ET AL. 1991, BIOPHYS.J. 60,
  1445-1456). THE EIGENVALUE SPECTRUM GAVE AN INDICATION
  OF THE RANDOMNESS OF THE DATA THAT WAS INCLUDED IN THE
  RECONSTRUCTION. THE COMPLETENESS OF THE DATA WAS VERIFIED
  IN THAT ALL EIGENVALUES EXCEEDED 1.0.
;
_em_3d_reconstruction.num_class_averages          ? 
_em_3d_reconstruction.algorithm                   ? 
# 
_em_buffer.id            1 
_em_buffer.specimen_id   1 
_em_buffer.name          ? 
_em_buffer.pH            7.5 
_em_buffer.details       ? 
# 
_em_entity_assembly.id                   1 
_em_entity_assembly.name                 'COXSACKIEVIRUS B3(M STRAIN) WITH ITS CELLULAR RECEPTOR' 
_em_entity_assembly.type                 VIRUS 
_em_entity_assembly.parent_id            0 
_em_entity_assembly.synonym              ? 
_em_entity_assembly.details              ? 
_em_entity_assembly.oligomeric_details   ? 
_em_entity_assembly.entity_id_list       ? 
_em_entity_assembly.source               ? 
# 
_em_imaging.entry_id                        1JEW 
_em_imaging.id                              1 
_em_imaging.microscope_model                'FEI/PHILIPS CM300FEG/T' 
_em_imaging.specimen_id                     1 
_em_imaging.date                            2000-06-01 
_em_imaging.temperature                     120 
_em_imaging.nominal_defocus_min             1500 
_em_imaging.nominal_defocus_max             4600 
_em_imaging.tilt_angle_min                  ? 
_em_imaging.tilt_angle_max                  ? 
_em_imaging.nominal_cs                      ? 
_em_imaging.mode                            'BRIGHT FIELD' 
_em_imaging.illumination_mode               'FLOOD BEAM' 
_em_imaging.nominal_magnification           61000 
_em_imaging.calibrated_magnification        ? 
_em_imaging.electron_source                 'FIELD EMISSION GUN' 
_em_imaging.accelerating_voltage            300 
_em_imaging.details                         ? 
_em_imaging.specimen_holder_type            . 
_em_imaging.specimen_holder_model           . 
_em_imaging.citation_id                     ? 
_em_imaging.detector_distance               ? 
_em_imaging.recording_temperature_maximum   ? 
_em_imaging.recording_temperature_minimum   ? 
_em_imaging.astigmatism                     ? 
_em_imaging.electron_beam_tilt_params       ? 
_em_imaging.calibrated_defocus_max          ? 
_em_imaging.alignment_procedure             ? 
_em_imaging.c2_aperture_diameter            ? 
_em_imaging.calibrated_defocus_min          ? 
_em_imaging.cryogen                         ? 
_em_imaging.residual_tilt                   ? 
# 
_em_vitrification.entry_id              1JEW 
_em_vitrification.id                    1 
_em_vitrification.details               
;CVB3 WAS INCUBATED WITH CAR SAMPLE FOR 1 HOURS AT 25
DEGREES CELSIUS (298 KELVIN) USING A FOUR-FOLD EXCESS
OF CAR FOR EACH OF THE SIXTY POSSIBLE BINDING
SITES PER VIRION. AFTER INCUBATION, SAMPLES WERE PREPARED
AS THIN LAYERS OF VITREOUS ICE AND MAINTAINED AT NEAR
LIQUID NITROGEN TEMPERATURE IN THE ELECTRON MICROSCOPE
WITH A GATAN 626 CRYOTRANSFER HOLDER.
;
_em_vitrification.citation_id           ? 
_em_vitrification.cryogen_name          ? 
_em_vitrification.humidity              ? 
_em_vitrification.instrument            ? 
_em_vitrification.method                ? 
_em_vitrification.specimen_id           1 
_em_vitrification.temp                  ? 
_em_vitrification.time_resolved_state   ? 
# 
_em_experiment.entry_id                1JEW 
_em_experiment.id                      1 
_em_experiment.aggregation_state       PARTICLE 
_em_experiment.entity_assembly_id      1 
_em_experiment.reconstruction_method   'SINGLE PARTICLE' 
# 
_em_single_particle_entity.entry_id              1JEW 
_em_single_particle_entity.id                    1 
_em_single_particle_entity.point_symmetry        I 
_em_single_particle_entity.image_processing_id   1 
# 
loop_
_pdbx_unobs_or_zero_occ_residues.id 
_pdbx_unobs_or_zero_occ_residues.PDB_model_num 
_pdbx_unobs_or_zero_occ_residues.polymer_flag 
_pdbx_unobs_or_zero_occ_residues.occupancy_flag 
_pdbx_unobs_or_zero_occ_residues.auth_asym_id 
_pdbx_unobs_or_zero_occ_residues.auth_comp_id 
_pdbx_unobs_or_zero_occ_residues.auth_seq_id 
_pdbx_unobs_or_zero_occ_residues.PDB_ins_code 
_pdbx_unobs_or_zero_occ_residues.label_asym_id 
_pdbx_unobs_or_zero_occ_residues.label_comp_id 
_pdbx_unobs_or_zero_occ_residues.label_seq_id 
1  1 Y 1 1 GLY 1  ? B GLY 1  
2  1 Y 1 1 PRO 2  ? B PRO 2  
3  1 Y 1 1 VAL 3  ? B VAL 3  
4  1 Y 1 1 GLU 4  ? B GLU 4  
5  1 Y 1 1 ASP 5  ? B ASP 5  
6  1 Y 1 1 ALA 6  ? B ALA 6  
7  1 Y 1 1 ILE 7  ? B ILE 7  
8  1 Y 1 1 THR 8  ? B THR 8  
9  1 Y 1 1 ALA 9  ? B ALA 9  
10 1 Y 1 1 ALA 10 ? B ALA 10 
11 1 Y 1 1 ILE 11 ? B ILE 11 
12 1 Y 1 1 GLY 12 ? B GLY 12 
13 1 Y 1 2 SER 1  ? C SER 1  
14 1 Y 1 2 PRO 2  ? C PRO 2  
15 1 Y 1 2 THR 3  ? C THR 3  
16 1 Y 1 2 VAL 4  ? C VAL 4  
17 1 Y 1 2 GLU 5  ? C GLU 5  
18 1 Y 1 2 GLU 6  ? C GLU 6  
19 1 Y 1 2 CYS 7  ? C CYS 7  
20 1 Y 1 4 ALA 11 A E ALA 11 
21 1 Y 1 4 HIS 11 B E HIS 12 
22 1 Y 1 4 GLU 11 C E GLU 13 
23 1 Y 1 4 THR 11 D E THR 14 
24 1 Y 1 4 GLY 11 E E GLY 15 
25 1 Y 1 4 LEU 11 F E LEU 16 
26 1 Y 1 4 ASN 11 G E ASN 17 
27 1 Y 1 4 ALA 11 H E ALA 18 
28 1 Y 1 4 SER 11 I E SER 19 
29 1 Y 1 4 GLY 11 J E GLY 20 
30 1 Y 1 4 ASN 11 K E ASN 21 
31 1 Y 1 4 SER 11 L E SER 22 
32 1 Y 1 4 ILE 11 M E ILE 23 
# 
loop_
_chem_comp_atom.comp_id 
_chem_comp_atom.atom_id 
_chem_comp_atom.type_symbol 
_chem_comp_atom.pdbx_aromatic_flag 
_chem_comp_atom.pdbx_stereo_config 
_chem_comp_atom.pdbx_ordinal 
ALA N    N N N 1   
ALA CA   C N S 2   
ALA C    C N N 3   
ALA O    O N N 4   
ALA CB   C N N 5   
ALA OXT  O N N 6   
ALA H    H N N 7   
ALA H2   H N N 8   
ALA HA   H N N 9   
ALA HB1  H N N 10  
ALA HB2  H N N 11  
ALA HB3  H N N 12  
ALA HXT  H N N 13  
ARG N    N N N 14  
ARG CA   C N S 15  
ARG C    C N N 16  
ARG O    O N N 17  
ARG CB   C N N 18  
ARG CG   C N N 19  
ARG CD   C N N 20  
ARG NE   N N N 21  
ARG CZ   C N N 22  
ARG NH1  N N N 23  
ARG NH2  N N N 24  
ARG OXT  O N N 25  
ARG H    H N N 26  
ARG H2   H N N 27  
ARG HA   H N N 28  
ARG HB2  H N N 29  
ARG HB3  H N N 30  
ARG HG2  H N N 31  
ARG HG3  H N N 32  
ARG HD2  H N N 33  
ARG HD3  H N N 34  
ARG HE   H N N 35  
ARG HH11 H N N 36  
ARG HH12 H N N 37  
ARG HH21 H N N 38  
ARG HH22 H N N 39  
ARG HXT  H N N 40  
ASN N    N N N 41  
ASN CA   C N S 42  
ASN C    C N N 43  
ASN O    O N N 44  
ASN CB   C N N 45  
ASN CG   C N N 46  
ASN OD1  O N N 47  
ASN ND2  N N N 48  
ASN OXT  O N N 49  
ASN H    H N N 50  
ASN H2   H N N 51  
ASN HA   H N N 52  
ASN HB2  H N N 53  
ASN HB3  H N N 54  
ASN HD21 H N N 55  
ASN HD22 H N N 56  
ASN HXT  H N N 57  
ASP N    N N N 58  
ASP CA   C N S 59  
ASP C    C N N 60  
ASP O    O N N 61  
ASP CB   C N N 62  
ASP CG   C N N 63  
ASP OD1  O N N 64  
ASP OD2  O N N 65  
ASP OXT  O N N 66  
ASP H    H N N 67  
ASP H2   H N N 68  
ASP HA   H N N 69  
ASP HB2  H N N 70  
ASP HB3  H N N 71  
ASP HD2  H N N 72  
ASP HXT  H N N 73  
CYS N    N N N 74  
CYS CA   C N R 75  
CYS C    C N N 76  
CYS O    O N N 77  
CYS CB   C N N 78  
CYS SG   S N N 79  
CYS OXT  O N N 80  
CYS H    H N N 81  
CYS H2   H N N 82  
CYS HA   H N N 83  
CYS HB2  H N N 84  
CYS HB3  H N N 85  
CYS HG   H N N 86  
CYS HXT  H N N 87  
GLN N    N N N 88  
GLN CA   C N S 89  
GLN C    C N N 90  
GLN O    O N N 91  
GLN CB   C N N 92  
GLN CG   C N N 93  
GLN CD   C N N 94  
GLN OE1  O N N 95  
GLN NE2  N N N 96  
GLN OXT  O N N 97  
GLN H    H N N 98  
GLN H2   H N N 99  
GLN HA   H N N 100 
GLN HB2  H N N 101 
GLN HB3  H N N 102 
GLN HG2  H N N 103 
GLN HG3  H N N 104 
GLN HE21 H N N 105 
GLN HE22 H N N 106 
GLN HXT  H N N 107 
GLU N    N N N 108 
GLU CA   C N S 109 
GLU C    C N N 110 
GLU O    O N N 111 
GLU CB   C N N 112 
GLU CG   C N N 113 
GLU CD   C N N 114 
GLU OE1  O N N 115 
GLU OE2  O N N 116 
GLU OXT  O N N 117 
GLU H    H N N 118 
GLU H2   H N N 119 
GLU HA   H N N 120 
GLU HB2  H N N 121 
GLU HB3  H N N 122 
GLU HG2  H N N 123 
GLU HG3  H N N 124 
GLU HE2  H N N 125 
GLU HXT  H N N 126 
GLY N    N N N 127 
GLY CA   C N N 128 
GLY C    C N N 129 
GLY O    O N N 130 
GLY OXT  O N N 131 
GLY H    H N N 132 
GLY H2   H N N 133 
GLY HA2  H N N 134 
GLY HA3  H N N 135 
GLY HXT  H N N 136 
HIS N    N N N 137 
HIS CA   C N S 138 
HIS C    C N N 139 
HIS O    O N N 140 
HIS CB   C N N 141 
HIS CG   C Y N 142 
HIS ND1  N Y N 143 
HIS CD2  C Y N 144 
HIS CE1  C Y N 145 
HIS NE2  N Y N 146 
HIS OXT  O N N 147 
HIS H    H N N 148 
HIS H2   H N N 149 
HIS HA   H N N 150 
HIS HB2  H N N 151 
HIS HB3  H N N 152 
HIS HD1  H N N 153 
HIS HD2  H N N 154 
HIS HE1  H N N 155 
HIS HE2  H N N 156 
HIS HXT  H N N 157 
ILE N    N N N 158 
ILE CA   C N S 159 
ILE C    C N N 160 
ILE O    O N N 161 
ILE CB   C N S 162 
ILE CG1  C N N 163 
ILE CG2  C N N 164 
ILE CD1  C N N 165 
ILE OXT  O N N 166 
ILE H    H N N 167 
ILE H2   H N N 168 
ILE HA   H N N 169 
ILE HB   H N N 170 
ILE HG12 H N N 171 
ILE HG13 H N N 172 
ILE HG21 H N N 173 
ILE HG22 H N N 174 
ILE HG23 H N N 175 
ILE HD11 H N N 176 
ILE HD12 H N N 177 
ILE HD13 H N N 178 
ILE HXT  H N N 179 
LEU N    N N N 180 
LEU CA   C N S 181 
LEU C    C N N 182 
LEU O    O N N 183 
LEU CB   C N N 184 
LEU CG   C N N 185 
LEU CD1  C N N 186 
LEU CD2  C N N 187 
LEU OXT  O N N 188 
LEU H    H N N 189 
LEU H2   H N N 190 
LEU HA   H N N 191 
LEU HB2  H N N 192 
LEU HB3  H N N 193 
LEU HG   H N N 194 
LEU HD11 H N N 195 
LEU HD12 H N N 196 
LEU HD13 H N N 197 
LEU HD21 H N N 198 
LEU HD22 H N N 199 
LEU HD23 H N N 200 
LEU HXT  H N N 201 
LYS N    N N N 202 
LYS CA   C N S 203 
LYS C    C N N 204 
LYS O    O N N 205 
LYS CB   C N N 206 
LYS CG   C N N 207 
LYS CD   C N N 208 
LYS CE   C N N 209 
LYS NZ   N N N 210 
LYS OXT  O N N 211 
LYS H    H N N 212 
LYS H2   H N N 213 
LYS HA   H N N 214 
LYS HB2  H N N 215 
LYS HB3  H N N 216 
LYS HG2  H N N 217 
LYS HG3  H N N 218 
LYS HD2  H N N 219 
LYS HD3  H N N 220 
LYS HE2  H N N 221 
LYS HE3  H N N 222 
LYS HZ1  H N N 223 
LYS HZ2  H N N 224 
LYS HZ3  H N N 225 
LYS HXT  H N N 226 
MET N    N N N 227 
MET CA   C N S 228 
MET C    C N N 229 
MET O    O N N 230 
MET CB   C N N 231 
MET CG   C N N 232 
MET SD   S N N 233 
MET CE   C N N 234 
MET OXT  O N N 235 
MET H    H N N 236 
MET H2   H N N 237 
MET HA   H N N 238 
MET HB2  H N N 239 
MET HB3  H N N 240 
MET HG2  H N N 241 
MET HG3  H N N 242 
MET HE1  H N N 243 
MET HE2  H N N 244 
MET HE3  H N N 245 
MET HXT  H N N 246 
PHE N    N N N 247 
PHE CA   C N S 248 
PHE C    C N N 249 
PHE O    O N N 250 
PHE CB   C N N 251 
PHE CG   C Y N 252 
PHE CD1  C Y N 253 
PHE CD2  C Y N 254 
PHE CE1  C Y N 255 
PHE CE2  C Y N 256 
PHE CZ   C Y N 257 
PHE OXT  O N N 258 
PHE H    H N N 259 
PHE H2   H N N 260 
PHE HA   H N N 261 
PHE HB2  H N N 262 
PHE HB3  H N N 263 
PHE HD1  H N N 264 
PHE HD2  H N N 265 
PHE HE1  H N N 266 
PHE HE2  H N N 267 
PHE HZ   H N N 268 
PHE HXT  H N N 269 
PRO N    N N N 270 
PRO CA   C N S 271 
PRO C    C N N 272 
PRO O    O N N 273 
PRO CB   C N N 274 
PRO CG   C N N 275 
PRO CD   C N N 276 
PRO OXT  O N N 277 
PRO H    H N N 278 
PRO HA   H N N 279 
PRO HB2  H N N 280 
PRO HB3  H N N 281 
PRO HG2  H N N 282 
PRO HG3  H N N 283 
PRO HD2  H N N 284 
PRO HD3  H N N 285 
PRO HXT  H N N 286 
SER N    N N N 287 
SER CA   C N S 288 
SER C    C N N 289 
SER O    O N N 290 
SER CB   C N N 291 
SER OG   O N N 292 
SER OXT  O N N 293 
SER H    H N N 294 
SER H2   H N N 295 
SER HA   H N N 296 
SER HB2  H N N 297 
SER HB3  H N N 298 
SER HG   H N N 299 
SER HXT  H N N 300 
THR N    N N N 301 
THR CA   C N S 302 
THR C    C N N 303 
THR O    O N N 304 
THR CB   C N R 305 
THR OG1  O N N 306 
THR CG2  C N N 307 
THR OXT  O N N 308 
THR H    H N N 309 
THR H2   H N N 310 
THR HA   H N N 311 
THR HB   H N N 312 
THR HG1  H N N 313 
THR HG21 H N N 314 
THR HG22 H N N 315 
THR HG23 H N N 316 
THR HXT  H N N 317 
TRP N    N N N 318 
TRP CA   C N S 319 
TRP C    C N N 320 
TRP O    O N N 321 
TRP CB   C N N 322 
TRP CG   C Y N 323 
TRP CD1  C Y N 324 
TRP CD2  C Y N 325 
TRP NE1  N Y N 326 
TRP CE2  C Y N 327 
TRP CE3  C Y N 328 
TRP CZ2  C Y N 329 
TRP CZ3  C Y N 330 
TRP CH2  C Y N 331 
TRP OXT  O N N 332 
TRP H    H N N 333 
TRP H2   H N N 334 
TRP HA   H N N 335 
TRP HB2  H N N 336 
TRP HB3  H N N 337 
TRP HD1  H N N 338 
TRP HE1  H N N 339 
TRP HE3  H N N 340 
TRP HZ2  H N N 341 
TRP HZ3  H N N 342 
TRP HH2  H N N 343 
TRP HXT  H N N 344 
TYR N    N N N 345 
TYR CA   C N S 346 
TYR C    C N N 347 
TYR O    O N N 348 
TYR CB   C N N 349 
TYR CG   C Y N 350 
TYR CD1  C Y N 351 
TYR CD2  C Y N 352 
TYR CE1  C Y N 353 
TYR CE2  C Y N 354 
TYR CZ   C Y N 355 
TYR OH   O N N 356 
TYR OXT  O N N 357 
TYR H    H N N 358 
TYR H2   H N N 359 
TYR HA   H N N 360 
TYR HB2  H N N 361 
TYR HB3  H N N 362 
TYR HD1  H N N 363 
TYR HD2  H N N 364 
TYR HE1  H N N 365 
TYR HE2  H N N 366 
TYR HH   H N N 367 
TYR HXT  H N N 368 
VAL N    N N N 369 
VAL CA   C N S 370 
VAL C    C N N 371 
VAL O    O N N 372 
VAL CB   C N N 373 
VAL CG1  C N N 374 
VAL CG2  C N N 375 
VAL OXT  O N N 376 
VAL H    H N N 377 
VAL H2   H N N 378 
VAL HA   H N N 379 
VAL HB   H N N 380 
VAL HG11 H N N 381 
VAL HG12 H N N 382 
VAL HG13 H N N 383 
VAL HG21 H N N 384 
VAL HG22 H N N 385 
VAL HG23 H N N 386 
VAL HXT  H N N 387 
# 
loop_
_chem_comp_bond.comp_id 
_chem_comp_bond.atom_id_1 
_chem_comp_bond.atom_id_2 
_chem_comp_bond.value_order 
_chem_comp_bond.pdbx_aromatic_flag 
_chem_comp_bond.pdbx_stereo_config 
_chem_comp_bond.pdbx_ordinal 
ALA N   CA   sing N N 1   
ALA N   H    sing N N 2   
ALA N   H2   sing N N 3   
ALA CA  C    sing N N 4   
ALA CA  CB   sing N N 5   
ALA CA  HA   sing N N 6   
ALA C   O    doub N N 7   
ALA C   OXT  sing N N 8   
ALA CB  HB1  sing N N 9   
ALA CB  HB2  sing N N 10  
ALA CB  HB3  sing N N 11  
ALA OXT HXT  sing N N 12  
ARG N   CA   sing N N 13  
ARG N   H    sing N N 14  
ARG N   H2   sing N N 15  
ARG CA  C    sing N N 16  
ARG CA  CB   sing N N 17  
ARG CA  HA   sing N N 18  
ARG C   O    doub N N 19  
ARG C   OXT  sing N N 20  
ARG CB  CG   sing N N 21  
ARG CB  HB2  sing N N 22  
ARG CB  HB3  sing N N 23  
ARG CG  CD   sing N N 24  
ARG CG  HG2  sing N N 25  
ARG CG  HG3  sing N N 26  
ARG CD  NE   sing N N 27  
ARG CD  HD2  sing N N 28  
ARG CD  HD3  sing N N 29  
ARG NE  CZ   sing N N 30  
ARG NE  HE   sing N N 31  
ARG CZ  NH1  sing N N 32  
ARG CZ  NH2  doub N N 33  
ARG NH1 HH11 sing N N 34  
ARG NH1 HH12 sing N N 35  
ARG NH2 HH21 sing N N 36  
ARG NH2 HH22 sing N N 37  
ARG OXT HXT  sing N N 38  
ASN N   CA   sing N N 39  
ASN N   H    sing N N 40  
ASN N   H2   sing N N 41  
ASN CA  C    sing N N 42  
ASN CA  CB   sing N N 43  
ASN CA  HA   sing N N 44  
ASN C   O    doub N N 45  
ASN C   OXT  sing N N 46  
ASN CB  CG   sing N N 47  
ASN CB  HB2  sing N N 48  
ASN CB  HB3  sing N N 49  
ASN CG  OD1  doub N N 50  
ASN CG  ND2  sing N N 51  
ASN ND2 HD21 sing N N 52  
ASN ND2 HD22 sing N N 53  
ASN OXT HXT  sing N N 54  
ASP N   CA   sing N N 55  
ASP N   H    sing N N 56  
ASP N   H2   sing N N 57  
ASP CA  C    sing N N 58  
ASP CA  CB   sing N N 59  
ASP CA  HA   sing N N 60  
ASP C   O    doub N N 61  
ASP C   OXT  sing N N 62  
ASP CB  CG   sing N N 63  
ASP CB  HB2  sing N N 64  
ASP CB  HB3  sing N N 65  
ASP CG  OD1  doub N N 66  
ASP CG  OD2  sing N N 67  
ASP OD2 HD2  sing N N 68  
ASP OXT HXT  sing N N 69  
CYS N   CA   sing N N 70  
CYS N   H    sing N N 71  
CYS N   H2   sing N N 72  
CYS CA  C    sing N N 73  
CYS CA  CB   sing N N 74  
CYS CA  HA   sing N N 75  
CYS C   O    doub N N 76  
CYS C   OXT  sing N N 77  
CYS CB  SG   sing N N 78  
CYS CB  HB2  sing N N 79  
CYS CB  HB3  sing N N 80  
CYS SG  HG   sing N N 81  
CYS OXT HXT  sing N N 82  
GLN N   CA   sing N N 83  
GLN N   H    sing N N 84  
GLN N   H2   sing N N 85  
GLN CA  C    sing N N 86  
GLN CA  CB   sing N N 87  
GLN CA  HA   sing N N 88  
GLN C   O    doub N N 89  
GLN C   OXT  sing N N 90  
GLN CB  CG   sing N N 91  
GLN CB  HB2  sing N N 92  
GLN CB  HB3  sing N N 93  
GLN CG  CD   sing N N 94  
GLN CG  HG2  sing N N 95  
GLN CG  HG3  sing N N 96  
GLN CD  OE1  doub N N 97  
GLN CD  NE2  sing N N 98  
GLN NE2 HE21 sing N N 99  
GLN NE2 HE22 sing N N 100 
GLN OXT HXT  sing N N 101 
GLU N   CA   sing N N 102 
GLU N   H    sing N N 103 
GLU N   H2   sing N N 104 
GLU CA  C    sing N N 105 
GLU CA  CB   sing N N 106 
GLU CA  HA   sing N N 107 
GLU C   O    doub N N 108 
GLU C   OXT  sing N N 109 
GLU CB  CG   sing N N 110 
GLU CB  HB2  sing N N 111 
GLU CB  HB3  sing N N 112 
GLU CG  CD   sing N N 113 
GLU CG  HG2  sing N N 114 
GLU CG  HG3  sing N N 115 
GLU CD  OE1  doub N N 116 
GLU CD  OE2  sing N N 117 
GLU OE2 HE2  sing N N 118 
GLU OXT HXT  sing N N 119 
GLY N   CA   sing N N 120 
GLY N   H    sing N N 121 
GLY N   H2   sing N N 122 
GLY CA  C    sing N N 123 
GLY CA  HA2  sing N N 124 
GLY CA  HA3  sing N N 125 
GLY C   O    doub N N 126 
GLY C   OXT  sing N N 127 
GLY OXT HXT  sing N N 128 
HIS N   CA   sing N N 129 
HIS N   H    sing N N 130 
HIS N   H2   sing N N 131 
HIS CA  C    sing N N 132 
HIS CA  CB   sing N N 133 
HIS CA  HA   sing N N 134 
HIS C   O    doub N N 135 
HIS C   OXT  sing N N 136 
HIS CB  CG   sing N N 137 
HIS CB  HB2  sing N N 138 
HIS CB  HB3  sing N N 139 
HIS CG  ND1  sing Y N 140 
HIS CG  CD2  doub Y N 141 
HIS ND1 CE1  doub Y N 142 
HIS ND1 HD1  sing N N 143 
HIS CD2 NE2  sing Y N 144 
HIS CD2 HD2  sing N N 145 
HIS CE1 NE2  sing Y N 146 
HIS CE1 HE1  sing N N 147 
HIS NE2 HE2  sing N N 148 
HIS OXT HXT  sing N N 149 
ILE N   CA   sing N N 150 
ILE N   H    sing N N 151 
ILE N   H2   sing N N 152 
ILE CA  C    sing N N 153 
ILE CA  CB   sing N N 154 
ILE CA  HA   sing N N 155 
ILE C   O    doub N N 156 
ILE C   OXT  sing N N 157 
ILE CB  CG1  sing N N 158 
ILE CB  CG2  sing N N 159 
ILE CB  HB   sing N N 160 
ILE CG1 CD1  sing N N 161 
ILE CG1 HG12 sing N N 162 
ILE CG1 HG13 sing N N 163 
ILE CG2 HG21 sing N N 164 
ILE CG2 HG22 sing N N 165 
ILE CG2 HG23 sing N N 166 
ILE CD1 HD11 sing N N 167 
ILE CD1 HD12 sing N N 168 
ILE CD1 HD13 sing N N 169 
ILE OXT HXT  sing N N 170 
LEU N   CA   sing N N 171 
LEU N   H    sing N N 172 
LEU N   H2   sing N N 173 
LEU CA  C    sing N N 174 
LEU CA  CB   sing N N 175 
LEU CA  HA   sing N N 176 
LEU C   O    doub N N 177 
LEU C   OXT  sing N N 178 
LEU CB  CG   sing N N 179 
LEU CB  HB2  sing N N 180 
LEU CB  HB3  sing N N 181 
LEU CG  CD1  sing N N 182 
LEU CG  CD2  sing N N 183 
LEU CG  HG   sing N N 184 
LEU CD1 HD11 sing N N 185 
LEU CD1 HD12 sing N N 186 
LEU CD1 HD13 sing N N 187 
LEU CD2 HD21 sing N N 188 
LEU CD2 HD22 sing N N 189 
LEU CD2 HD23 sing N N 190 
LEU OXT HXT  sing N N 191 
LYS N   CA   sing N N 192 
LYS N   H    sing N N 193 
LYS N   H2   sing N N 194 
LYS CA  C    sing N N 195 
LYS CA  CB   sing N N 196 
LYS CA  HA   sing N N 197 
LYS C   O    doub N N 198 
LYS C   OXT  sing N N 199 
LYS CB  CG   sing N N 200 
LYS CB  HB2  sing N N 201 
LYS CB  HB3  sing N N 202 
LYS CG  CD   sing N N 203 
LYS CG  HG2  sing N N 204 
LYS CG  HG3  sing N N 205 
LYS CD  CE   sing N N 206 
LYS CD  HD2  sing N N 207 
LYS CD  HD3  sing N N 208 
LYS CE  NZ   sing N N 209 
LYS CE  HE2  sing N N 210 
LYS CE  HE3  sing N N 211 
LYS NZ  HZ1  sing N N 212 
LYS NZ  HZ2  sing N N 213 
LYS NZ  HZ3  sing N N 214 
LYS OXT HXT  sing N N 215 
MET N   CA   sing N N 216 
MET N   H    sing N N 217 
MET N   H2   sing N N 218 
MET CA  C    sing N N 219 
MET CA  CB   sing N N 220 
MET CA  HA   sing N N 221 
MET C   O    doub N N 222 
MET C   OXT  sing N N 223 
MET CB  CG   sing N N 224 
MET CB  HB2  sing N N 225 
MET CB  HB3  sing N N 226 
MET CG  SD   sing N N 227 
MET CG  HG2  sing N N 228 
MET CG  HG3  sing N N 229 
MET SD  CE   sing N N 230 
MET CE  HE1  sing N N 231 
MET CE  HE2  sing N N 232 
MET CE  HE3  sing N N 233 
MET OXT HXT  sing N N 234 
PHE N   CA   sing N N 235 
PHE N   H    sing N N 236 
PHE N   H2   sing N N 237 
PHE CA  C    sing N N 238 
PHE CA  CB   sing N N 239 
PHE CA  HA   sing N N 240 
PHE C   O    doub N N 241 
PHE C   OXT  sing N N 242 
PHE CB  CG   sing N N 243 
PHE CB  HB2  sing N N 244 
PHE CB  HB3  sing N N 245 
PHE CG  CD1  doub Y N 246 
PHE CG  CD2  sing Y N 247 
PHE CD1 CE1  sing Y N 248 
PHE CD1 HD1  sing N N 249 
PHE CD2 CE2  doub Y N 250 
PHE CD2 HD2  sing N N 251 
PHE CE1 CZ   doub Y N 252 
PHE CE1 HE1  sing N N 253 
PHE CE2 CZ   sing Y N 254 
PHE CE2 HE2  sing N N 255 
PHE CZ  HZ   sing N N 256 
PHE OXT HXT  sing N N 257 
PRO N   CA   sing N N 258 
PRO N   CD   sing N N 259 
PRO N   H    sing N N 260 
PRO CA  C    sing N N 261 
PRO CA  CB   sing N N 262 
PRO CA  HA   sing N N 263 
PRO C   O    doub N N 264 
PRO C   OXT  sing N N 265 
PRO CB  CG   sing N N 266 
PRO CB  HB2  sing N N 267 
PRO CB  HB3  sing N N 268 
PRO CG  CD   sing N N 269 
PRO CG  HG2  sing N N 270 
PRO CG  HG3  sing N N 271 
PRO CD  HD2  sing N N 272 
PRO CD  HD3  sing N N 273 
PRO OXT HXT  sing N N 274 
SER N   CA   sing N N 275 
SER N   H    sing N N 276 
SER N   H2   sing N N 277 
SER CA  C    sing N N 278 
SER CA  CB   sing N N 279 
SER CA  HA   sing N N 280 
SER C   O    doub N N 281 
SER C   OXT  sing N N 282 
SER CB  OG   sing N N 283 
SER CB  HB2  sing N N 284 
SER CB  HB3  sing N N 285 
SER OG  HG   sing N N 286 
SER OXT HXT  sing N N 287 
THR N   CA   sing N N 288 
THR N   H    sing N N 289 
THR N   H2   sing N N 290 
THR CA  C    sing N N 291 
THR CA  CB   sing N N 292 
THR CA  HA   sing N N 293 
THR C   O    doub N N 294 
THR C   OXT  sing N N 295 
THR CB  OG1  sing N N 296 
THR CB  CG2  sing N N 297 
THR CB  HB   sing N N 298 
THR OG1 HG1  sing N N 299 
THR CG2 HG21 sing N N 300 
THR CG2 HG22 sing N N 301 
THR CG2 HG23 sing N N 302 
THR OXT HXT  sing N N 303 
TRP N   CA   sing N N 304 
TRP N   H    sing N N 305 
TRP N   H2   sing N N 306 
TRP CA  C    sing N N 307 
TRP CA  CB   sing N N 308 
TRP CA  HA   sing N N 309 
TRP C   O    doub N N 310 
TRP C   OXT  sing N N 311 
TRP CB  CG   sing N N 312 
TRP CB  HB2  sing N N 313 
TRP CB  HB3  sing N N 314 
TRP CG  CD1  doub Y N 315 
TRP CG  CD2  sing Y N 316 
TRP CD1 NE1  sing Y N 317 
TRP CD1 HD1  sing N N 318 
TRP CD2 CE2  doub Y N 319 
TRP CD2 CE3  sing Y N 320 
TRP NE1 CE2  sing Y N 321 
TRP NE1 HE1  sing N N 322 
TRP CE2 CZ2  sing Y N 323 
TRP CE3 CZ3  doub Y N 324 
TRP CE3 HE3  sing N N 325 
TRP CZ2 CH2  doub Y N 326 
TRP CZ2 HZ2  sing N N 327 
TRP CZ3 CH2  sing Y N 328 
TRP CZ3 HZ3  sing N N 329 
TRP CH2 HH2  sing N N 330 
TRP OXT HXT  sing N N 331 
TYR N   CA   sing N N 332 
TYR N   H    sing N N 333 
TYR N   H2   sing N N 334 
TYR CA  C    sing N N 335 
TYR CA  CB   sing N N 336 
TYR CA  HA   sing N N 337 
TYR C   O    doub N N 338 
TYR C   OXT  sing N N 339 
TYR CB  CG   sing N N 340 
TYR CB  HB2  sing N N 341 
TYR CB  HB3  sing N N 342 
TYR CG  CD1  doub Y N 343 
TYR CG  CD2  sing Y N 344 
TYR CD1 CE1  sing Y N 345 
TYR CD1 HD1  sing N N 346 
TYR CD2 CE2  doub Y N 347 
TYR CD2 HD2  sing N N 348 
TYR CE1 CZ   doub Y N 349 
TYR CE1 HE1  sing N N 350 
TYR CE2 CZ   sing Y N 351 
TYR CE2 HE2  sing N N 352 
TYR CZ  OH   sing N N 353 
TYR OH  HH   sing N N 354 
TYR OXT HXT  sing N N 355 
VAL N   CA   sing N N 356 
VAL N   H    sing N N 357 
VAL N   H2   sing N N 358 
VAL CA  C    sing N N 359 
VAL CA  CB   sing N N 360 
VAL CA  HA   sing N N 361 
VAL C   O    doub N N 362 
VAL C   OXT  sing N N 363 
VAL CB  CG1  sing N N 364 
VAL CB  CG2  sing N N 365 
VAL CB  HB   sing N N 366 
VAL CG1 HG11 sing N N 367 
VAL CG1 HG12 sing N N 368 
VAL CG1 HG13 sing N N 369 
VAL CG2 HG21 sing N N 370 
VAL CG2 HG22 sing N N 371 
VAL CG2 HG23 sing N N 372 
VAL OXT HXT  sing N N 373 
# 
loop_
_em_entity_assembly_naturalsource.cell 
_em_entity_assembly_naturalsource.cellular_location 
_em_entity_assembly_naturalsource.entity_assembly_id 
_em_entity_assembly_naturalsource.id 
_em_entity_assembly_naturalsource.ncbi_tax_id 
_em_entity_assembly_naturalsource.organ 
_em_entity_assembly_naturalsource.organelle 
_em_entity_assembly_naturalsource.organism 
_em_entity_assembly_naturalsource.strain 
_em_entity_assembly_naturalsource.tissue 
? ? 1 1 9606   ? ? 'Homo sapiens'                        ? ? 
? ? 1 2 103904 ? ? 'Coxsackievirus B3 (strain Woodruff)' ? ? 
# 
loop_
_em_entity_assembly_recombinant.cell 
_em_entity_assembly_recombinant.entity_assembly_id 
_em_entity_assembly_recombinant.id 
_em_entity_assembly_recombinant.ncbi_tax_id 
_em_entity_assembly_recombinant.organism 
_em_entity_assembly_recombinant.plasmid 
_em_entity_assembly_recombinant.strain 
? 1 1 10090 'Mus musculus' ? ? 
? 1 2 9606  'Homo sapiens' ? ? 
# 
_em_image_processing.id                   1 
_em_image_processing.image_recording_id   1 
_em_image_processing.details              ? 
# 
_em_image_recording.avg_electron_dose_per_image   20 
_em_image_recording.details                       ? 
_em_image_recording.id                            1 
_em_image_recording.film_or_detector_model        'KODAK SO-163 FILM' 
_em_image_recording.imaging_id                    1 
_em_image_recording.average_exposure_time         ? 
_em_image_recording.num_grids_imaged              ? 
_em_image_recording.num_diffraction_images        ? 
_em_image_recording.num_real_images               ? 
_em_image_recording.detector_mode                 ? 
# 
_em_software.id                    1 
_em_software.name                  'PURDUE PROGRAMS' 
_em_software.version               ? 
_em_software.category              RECONSTRUCTION 
_em_software.details               ? 
_em_software.image_processing_id   1 
# 
_em_specimen.experiment_id           1 
_em_specimen.id                      1 
_em_specimen.concentration           ? 
_em_specimen.vitrification_applied   YES 
_em_specimen.staining_applied        NO 
_em_specimen.embedding_applied       NO 
_em_specimen.shadowing_applied       NO 
_em_specimen.details                 ? 
# 
loop_
_pdbx_coordinate_model.asym_id 
_pdbx_coordinate_model.type 
A 'CA ATOMS ONLY' 
B 'CA ATOMS ONLY' 
C 'CA ATOMS ONLY' 
D 'CA ATOMS ONLY' 
E 'CA ATOMS ONLY' 
# 
_atom_sites.entry_id                    1JEW 
_atom_sites.fract_transf_matrix[1][1]   1.000000 
_atom_sites.fract_transf_matrix[1][2]   0.000000 
_atom_sites.fract_transf_matrix[1][3]   0.000000 
_atom_sites.fract_transf_matrix[2][1]   0.000000 
_atom_sites.fract_transf_matrix[2][2]   1.000000 
_atom_sites.fract_transf_matrix[2][3]   0.000000 
_atom_sites.fract_transf_matrix[3][1]   0.000000 
_atom_sites.fract_transf_matrix[3][2]   0.000000 
_atom_sites.fract_transf_matrix[3][3]   1.000000 
_atom_sites.fract_transf_vector[1]      0.00000 
_atom_sites.fract_transf_vector[2]      0.00000 
_atom_sites.fract_transf_vector[3]      0.00000 
# 
_atom_type.symbol   C 
# 
loop_
_atom_site.group_PDB 
_atom_site.id 
_atom_site.type_symbol 
_atom_site.label_atom_id 
_atom_site.label_alt_id 
_atom_site.label_comp_id 
_atom_site.label_asym_id 
_atom_site.label_entity_id 
_atom_site.label_seq_id 
_atom_site.pdbx_PDB_ins_code 
_atom_site.Cartn_x 
_atom_site.Cartn_y 
_atom_site.Cartn_z 
_atom_site.occupancy 
_atom_site.B_iso_or_equiv 
_atom_site.pdbx_formal_charge 
_atom_site.auth_seq_id 
_atom_site.auth_comp_id 
_atom_site.auth_asym_id 
_atom_site.auth_atom_id 
_atom_site.pdbx_PDB_model_num 
ATOM 1   C CA . SER A 1 1   ? 11.197  -14.507 -5.033  1.00 0.00  ? 23  SER R CA 1 
ATOM 2   C CA . ILE A 1 2   ? 13.311  -15.610 -2.076  1.00 0.00  ? 24  ILE R CA 1 
ATOM 3   C CA . THR A 1 3   ? 11.558  -15.563 1.313   1.00 0.00  ? 25  THR R CA 1 
ATOM 4   C CA . THR A 1 4   ? 14.426  -14.180 3.407   1.00 0.00  ? 26  THR R CA 1 
ATOM 5   C CA . PRO A 1 5   ? 16.588  -10.991 3.497   1.00 0.00  ? 27  PRO R CA 1 
ATOM 6   C CA . GLU A 1 6   ? 20.378  -10.710 3.363   1.00 0.00  ? 28  GLU R CA 1 
ATOM 7   C CA . GLU A 1 7   ? 21.605  -12.209 6.646   1.00 0.00  ? 29  GLU R CA 1 
ATOM 8   C CA . MET A 1 8   ? 24.730  -12.947 8.680   1.00 0.00  ? 30  MET R CA 1 
ATOM 9   C CA . ILE A 1 9   ? 25.314  -16.453 10.013  1.00 0.00  ? 31  ILE R CA 1 
ATOM 10  C CA . GLU A 1 10  ? 27.976  -16.905 12.685  1.00 0.00  ? 32  GLU R CA 1 
ATOM 11  C CA . LYS A 1 11  ? 29.196  -20.452 13.379  1.00 0.00  ? 33  LYS R CA 1 
ATOM 12  C CA . ALA A 1 12  ? 32.179  -22.191 14.947  1.00 0.00  ? 34  ALA R CA 1 
ATOM 13  C CA . LYS A 1 13  ? 34.913  -24.172 13.226  1.00 0.00  ? 35  LYS R CA 1 
ATOM 14  C CA . GLY A 1 14  ? 33.878  -27.768 12.680  1.00 0.00  ? 36  GLY R CA 1 
ATOM 15  C CA . GLU A 1 15  ? 30.156  -27.084 12.968  1.00 0.00  ? 37  GLU R CA 1 
ATOM 16  C CA . THR A 1 16  ? 27.776  -27.231 10.019  1.00 0.00  ? 38  THR R CA 1 
ATOM 17  C CA . ALA A 1 17  ? 26.177  -24.114 8.564   1.00 0.00  ? 39  ALA R CA 1 
ATOM 18  C CA . TYR A 1 18  ? 22.644  -24.111 7.202   1.00 0.00  ? 40  TYR R CA 1 
ATOM 19  C CA . LEU A 1 19  ? 22.267  -21.460 4.501   1.00 0.00  ? 41  LEU R CA 1 
ATOM 20  C CA . PRO A 1 20  ? 18.512  -20.948 3.986   1.00 0.00  ? 42  PRO R CA 1 
ATOM 21  C CA . CYS A 1 21  ? 17.184  -20.005 0.572   1.00 0.00  ? 43  CYS R CA 1 
ATOM 22  C CA . LYS A 1 22  ? 13.458  -20.625 0.145   1.00 0.00  ? 44  LYS R CA 1 
ATOM 23  C CA . PHE A 1 23  ? 11.547  -19.127 -2.769  1.00 0.00  ? 45  PHE R CA 1 
ATOM 24  C CA . THR A 1 24  ? 8.063   -18.741 -4.163  1.00 0.00  ? 46  THR R CA 1 
ATOM 25  C CA . LEU A 1 25  ? 7.275   -19.005 -7.867  1.00 0.00  ? 47  LEU R CA 1 
ATOM 26  C CA . SER A 1 26  ? 4.954   -16.765 -9.875  1.00 0.00  ? 48  SER R CA 1 
ATOM 27  C CA . PRO A 1 27  ? 2.544   -18.013 -12.566 1.00 0.00  ? 49  PRO R CA 1 
ATOM 28  C CA . GLU A 1 28  ? 4.555   -15.992 -15.079 1.00 0.00  ? 50  GLU R CA 1 
ATOM 29  C CA . ASP A 1 29  ? 7.805   -17.779 -14.244 1.00 0.00  ? 51  ASP R CA 1 
ATOM 30  C CA . GLN A 1 30  ? 7.324   -20.376 -16.971 1.00 0.00  ? 52  GLN R CA 1 
ATOM 31  C CA . GLY A 1 31  ? 10.958  -20.791 -17.935 1.00 0.00  ? 53  GLY R CA 1 
ATOM 32  C CA . PRO A 1 32  ? 13.202  -23.661 -16.705 1.00 0.00  ? 54  PRO R CA 1 
ATOM 33  C CA . LEU A 1 33  ? 14.385  -23.511 -13.087 1.00 0.00  ? 55  LEU R CA 1 
ATOM 34  C CA . ASP A 1 34  ? 18.010  -22.676 -12.284 1.00 0.00  ? 56  ASP R CA 1 
ATOM 35  C CA . ILE A 1 35  ? 19.549  -22.534 -8.867  1.00 0.00  ? 57  ILE R CA 1 
ATOM 36  C CA . GLU A 1 36  ? 23.113  -21.322 -8.492  1.00 0.00  ? 58  GLU R CA 1 
ATOM 37  C CA . TRP A 1 37  ? 25.103  -20.672 -5.337  1.00 0.00  ? 59  TRP R CA 1 
ATOM 38  C CA . LEU A 1 38  ? 28.220  -18.528 -5.593  1.00 0.00  ? 60  LEU R CA 1 
ATOM 39  C CA . ILE A 1 39  ? 30.829  -17.460 -3.075  1.00 0.00  ? 61  ILE R CA 1 
ATOM 40  C CA . SER A 1 40  ? 33.228  -14.584 -2.578  1.00 0.00  ? 62  SER R CA 1 
ATOM 41  C CA . PRO A 1 41  ? 35.866  -15.888 -0.139  1.00 0.00  ? 63  PRO R CA 1 
ATOM 42  C CA . ALA A 1 42  ? 37.205  -13.476 2.424   1.00 0.00  ? 64  ALA R CA 1 
ATOM 43  C CA . ASP A 1 43  ? 40.705  -14.974 2.375   1.00 0.00  ? 65  ASP R CA 1 
ATOM 44  C CA . ASN A 1 44  ? 41.336  -14.364 -1.338  1.00 0.00  ? 66  ASN R CA 1 
ATOM 45  C CA . GLN A 1 45  ? 40.308  -11.996 -4.121  1.00 0.00  ? 67  GLN R CA 1 
ATOM 46  C CA . LYS A 1 46  ? 38.017  -14.290 -6.104  1.00 0.00  ? 68  LYS R CA 1 
ATOM 47  C CA . VAL A 1 47  ? 34.398  -13.164 -6.334  1.00 0.00  ? 69  VAL R CA 1 
ATOM 48  C CA . ASP A 1 48  ? 31.184  -14.889 -7.403  1.00 0.00  ? 70  ASP R CA 1 
ATOM 49  C CA . GLN A 1 49  ? 32.718  -18.381 -7.504  1.00 0.00  ? 71  GLN R CA 1 
ATOM 50  C CA . VAL A 1 50  ? 30.297  -21.147 -8.497  1.00 0.00  ? 72  VAL R CA 1 
ATOM 51  C CA . ILE A 1 51  ? 29.786  -23.559 -5.589  1.00 0.00  ? 73  ILE R CA 1 
ATOM 52  C CA . ILE A 1 52  ? 26.850  -25.768 -6.505  1.00 0.00  ? 74  ILE R CA 1 
ATOM 53  C CA . LEU A 1 53  ? 24.255  -25.734 -9.260  1.00 0.00  ? 75  LEU R CA 1 
ATOM 54  C CA . TYR A 1 54  ? 20.807  -27.093 -10.091 1.00 0.00  ? 76  TYR R CA 1 
ATOM 55  C CA . SER A 1 55  ? 20.199  -26.914 -13.844 1.00 0.00  ? 77  SER R CA 1 
ATOM 56  C CA . GLY A 1 56  ? 18.129  -29.045 -16.180 1.00 0.00  ? 78  GLY R CA 1 
ATOM 57  C CA . ASP A 1 57  ? 16.749  -31.051 -13.265 1.00 0.00  ? 79  ASP R CA 1 
ATOM 58  C CA . LYS A 1 58  ? 20.253  -32.083 -12.202 1.00 0.00  ? 80  LYS R CA 1 
ATOM 59  C CA . ILE A 1 59  ? 22.655  -31.149 -9.434  1.00 0.00  ? 81  ILE R CA 1 
ATOM 60  C CA . TYR A 1 60  ? 26.184  -30.085 -10.306 1.00 0.00  ? 82  TYR R CA 1 
ATOM 61  C CA . ASP A 1 61  ? 28.814  -29.687 -7.638  1.00 0.00  ? 83  ASP R CA 1 
ATOM 62  C CA . ASP A 1 62  ? 32.582  -29.890 -7.600  1.00 0.00  ? 84  ASP R CA 1 
ATOM 63  C CA . TYR A 1 63  ? 33.178  -26.311 -8.792  1.00 0.00  ? 85  TYR R CA 1 
ATOM 64  C CA . TYR A 1 64  ? 34.888  -24.795 -5.782  1.00 0.00  ? 86  TYR R CA 1 
ATOM 65  C CA . PRO A 1 65  ? 37.708  -27.233 -4.826  1.00 0.00  ? 87  PRO R CA 1 
ATOM 66  C CA . ASP A 1 66  ? 38.227  -26.035 -1.241  1.00 0.00  ? 88  ASP R CA 1 
ATOM 67  C CA . LEU A 1 67  ? 34.581  -26.753 -0.528  1.00 0.00  ? 89  LEU R CA 1 
ATOM 68  C CA . LYS A 1 68  ? 34.502  -30.216 -2.094  1.00 0.00  ? 90  LYS R CA 1 
ATOM 69  C CA . GLY A 1 69  ? 32.107  -32.712 -0.540  1.00 0.00  ? 91  GLY R CA 1 
ATOM 70  C CA . ARG A 1 70  ? 31.003  -30.275 2.159   1.00 0.00  ? 92  ARG R CA 1 
ATOM 71  C CA . VAL A 1 71  ? 28.101  -28.672 0.258   1.00 0.00  ? 93  VAL R CA 1 
ATOM 72  C CA . HIS A 1 72  ? 24.687  -30.177 -0.453  1.00 0.00  ? 94  HIS R CA 1 
ATOM 73  C CA . PHE A 1 73  ? 21.155  -28.891 -0.922  1.00 0.00  ? 95  PHE R CA 1 
ATOM 74  C CA . THR A 1 74  ? 19.200  -29.525 2.253   1.00 0.00  ? 96  THR R CA 1 
ATOM 75  C CA . SER A 1 75  ? 15.822  -30.186 0.616   1.00 0.00  ? 97  SER R CA 1 
ATOM 76  C CA . ASN A 1 76  ? 15.039  -33.357 -1.318  1.00 0.00  ? 98  ASN R CA 1 
ATOM 77  C CA . ASP A 1 77  ? 12.651  -31.381 -3.515  1.00 0.00  ? 99  ASP R CA 1 
ATOM 78  C CA . LEU A 1 78  ? 14.156  -28.095 -4.726  1.00 0.00  ? 100 LEU R CA 1 
ATOM 79  C CA . LYS A 1 79  ? 11.348  -27.371 -7.172  1.00 0.00  ? 101 LYS R CA 1 
ATOM 80  C CA . SER A 1 80  ? 8.995   -27.171 -4.193  1.00 0.00  ? 102 SER R CA 1 
ATOM 81  C CA . GLY A 1 81  ? 10.684  -23.896 -3.304  1.00 0.00  ? 103 GLY R CA 1 
ATOM 82  C CA . ASP A 1 82  ? 13.740  -24.641 -1.181  1.00 0.00  ? 104 ASP R CA 1 
ATOM 83  C CA . ALA A 1 83  ? 17.263  -24.028 -2.471  1.00 0.00  ? 105 ALA R CA 1 
ATOM 84  C CA . SER A 1 84  ? 18.872  -24.126 0.984   1.00 0.00  ? 106 SER R CA 1 
ATOM 85  C CA . ILE A 1 85  ? 22.274  -25.783 1.367   1.00 0.00  ? 107 ILE R CA 1 
ATOM 86  C CA . ASN A 1 86  ? 24.547  -27.008 4.154   1.00 0.00  ? 108 ASN R CA 1 
ATOM 87  C CA . VAL A 1 87  ? 28.259  -26.387 4.467   1.00 0.00  ? 109 VAL R CA 1 
ATOM 88  C CA . THR A 1 88  ? 29.618  -29.138 6.688   1.00 0.00  ? 110 THR R CA 1 
ATOM 89  C CA . ASN A 1 89  ? 32.691  -29.059 8.931   1.00 0.00  ? 111 ASN R CA 1 
ATOM 90  C CA . LEU A 1 90  ? 33.199  -25.302 8.577   1.00 0.00  ? 112 LEU R CA 1 
ATOM 91  C CA . GLN A 1 91  ? 36.763  -24.006 8.366   1.00 0.00  ? 113 GLN R CA 1 
ATOM 92  C CA . LEU A 1 92  ? 38.056  -20.460 8.720   1.00 0.00  ? 114 LEU R CA 1 
ATOM 93  C CA . SER A 1 93  ? 38.598  -20.517 4.948   1.00 0.00  ? 115 SER R CA 1 
ATOM 94  C CA . ASP A 1 94  ? 34.836  -20.783 4.427   1.00 0.00  ? 116 ASP R CA 1 
ATOM 95  C CA . ILE A 1 95  ? 34.314  -17.199 5.569   1.00 0.00  ? 117 ILE R CA 1 
ATOM 96  C CA . GLY A 1 96  ? 32.829  -14.955 2.911   1.00 0.00  ? 118 GLY R CA 1 
ATOM 97  C CA . THR A 1 97  ? 29.625  -13.919 1.224   1.00 0.00  ? 119 THR R CA 1 
ATOM 98  C CA . TYR A 1 98  ? 27.519  -16.765 -0.139  1.00 0.00  ? 120 TYR R CA 1 
ATOM 99  C CA . GLN A 1 99  ? 24.883  -15.891 -2.695  1.00 0.00  ? 121 GLN R CA 1 
ATOM 100 C CA . CYS A 1 100 ? 21.768  -17.819 -3.667  1.00 0.00  ? 122 CYS R CA 1 
ATOM 101 C CA . LYS A 1 101 ? 20.321  -17.179 -7.153  1.00 0.00  ? 123 LYS R CA 1 
ATOM 102 C CA . VAL A 1 102 ? 16.906  -18.658 -7.992  1.00 0.00  ? 124 VAL R CA 1 
ATOM 103 C CA . LYS A 1 103 ? 15.724  -18.164 -11.584 1.00 0.00  ? 125 LYS R CA 1 
ATOM 104 C CA . LYS A 1 104 ? 12.534  -19.065 -13.493 1.00 0.00  ? 126 LYS R CA 1 
ATOM 105 C CA . ALA A 1 105 ? 12.334  -16.745 -16.525 1.00 0.00  ? 127 ALA R CA 1 
ATOM 106 C CA . PRO A 1 106 ? 11.198  -14.007 -16.411 1.00 0.00  ? 128 PRO R CA 1 
ATOM 107 C CA . GLY A 1 107 ? 11.608  -14.480 -12.674 1.00 0.00  ? 129 GLY R CA 1 
ATOM 108 C CA . VAL A 1 108 ? 14.871  -13.928 -10.847 1.00 0.00  ? 130 VAL R CA 1 
ATOM 109 C CA . ALA A 1 109 ? 15.863  -13.577 -7.206  1.00 0.00  ? 131 ALA R CA 1 
ATOM 110 C CA . ASN A 1 110 ? 18.999  -13.691 -5.096  1.00 0.00  ? 132 ASN R CA 1 
ATOM 111 C CA . LYS A 1 111 ? 19.977  -13.607 -1.442  1.00 0.00  ? 133 LYS R CA 1 
ATOM 112 C CA . LYS A 1 112 ? 23.312  -12.889 0.183   1.00 0.00  ? 134 LYS R CA 1 
ATOM 113 C CA . ILE A 1 113 ? 24.505  -14.572 3.335   1.00 0.00  ? 135 ILE R CA 1 
ATOM 114 C CA . HIS A 1 114 ? 27.578  -13.386 5.145   1.00 0.00  ? 136 HIS R CA 1 
ATOM 115 C CA . LEU A 1 115 ? 28.999  -16.469 6.841   1.00 0.00  ? 137 LEU R CA 1 
ATOM 116 C CA . VAL A 1 116 ? 31.465  -16.015 9.694   1.00 0.00  ? 138 VAL R CA 1 
ATOM 117 C CA . VAL A 1 117 ? 33.456  -18.885 11.195  1.00 0.00  ? 139 VAL R CA 1 
ATOM 118 C CA . LEU A 1 118 ? 35.085  -18.600 14.615  1.00 0.00  ? 140 LEU R CA 1 
ATOM 119 C CA . VAL A 1 119 ? 37.946  -20.794 15.887  1.00 0.00  ? 141 VAL R CA 1 
ATOM 120 C CA . LYS A 1 120 ? 35.954  -21.731 18.958  1.00 0.00  ? 142 LYS R CA 1 
ATOM 121 C CA . ARG B 2 13  ? -20.480 15.955  -10.787 1.00 18.00 ? 13  ARG 1 CA 1 
ATOM 122 C CA . VAL B 2 14  ? -19.485 17.950  -7.757  1.00 18.00 ? 14  VAL 1 CA 1 
ATOM 123 C CA . ALA B 2 15  ? -21.917 19.255  -5.129  1.00 18.00 ? 15  ALA 1 CA 1 
ATOM 124 C CA . ASP B 2 16  ? -23.201 22.833  -5.300  1.00 18.00 ? 16  ASP 1 CA 1 
ATOM 125 C CA . THR B 2 17  ? -23.068 25.142  -2.249  1.00 18.00 ? 17  THR 1 CA 1 
ATOM 126 C CA . VAL B 2 18  ? -26.247 26.112  -0.507  1.00 18.00 ? 18  VAL 1 CA 1 
ATOM 127 C CA . GLY B 2 19  ? -26.999 29.707  0.366   1.00 18.00 ? 19  GLY 1 CA 1 
ATOM 128 C CA . THR B 2 20  ? -26.546 30.031  4.130   1.00 18.00 ? 20  THR 1 CA 1 
ATOM 129 C CA . GLY B 2 21  ? -27.399 32.803  6.548   1.00 18.00 ? 21  GLY 1 CA 1 
ATOM 130 C CA . PRO B 2 22  ? -26.585 33.448  10.235  1.00 18.00 ? 22  PRO 1 CA 1 
ATOM 131 C CA . THR B 2 23  ? -27.243 30.867  12.994  1.00 18.00 ? 23  THR 1 CA 1 
ATOM 132 C CA . ASN B 2 24  ? -27.590 30.800  16.806  1.00 18.00 ? 24  ASN 1 CA 1 
ATOM 133 C CA . SER B 2 25  ? -28.496 27.308  17.965  1.00 18.00 ? 25  SER 1 CA 1 
ATOM 134 C CA . GLU B 2 26  ? -27.255 24.270  19.873  1.00 18.00 ? 26  GLU 1 CA 1 
ATOM 135 C CA . ALA B 2 27  ? -26.671 22.417  16.591  1.00 18.00 ? 27  ALA 1 CA 1 
ATOM 136 C CA . ILE B 2 28  ? -22.929 21.800  16.295  1.00 18.00 ? 28  ILE 1 CA 1 
ATOM 137 C CA . PRO B 2 29  ? -21.920 20.587  12.777  1.00 18.00 ? 29  PRO 1 CA 1 
ATOM 138 C CA . ALA B 2 30  ? -18.346 21.693  13.583  1.00 18.00 ? 30  ALA 1 CA 1 
ATOM 139 C CA . LEU B 2 31  ? -17.758 19.919  16.953  1.00 18.00 ? 31  LEU 1 CA 1 
ATOM 140 C CA . THR B 2 32  ? -17.257 16.128  16.818  1.00 18.00 ? 32  THR 1 CA 1 
ATOM 141 C CA . ALA B 2 33  ? -15.170 13.276  18.251  1.00 18.00 ? 33  ALA 1 CA 1 
ATOM 142 C CA . ALA B 2 34  ? -12.658 12.098  15.617  1.00 18.00 ? 34  ALA 1 CA 1 
ATOM 143 C CA . GLU B 2 35  ? -11.916 9.043   17.803  1.00 18.00 ? 35  GLU 1 CA 1 
ATOM 144 C CA . THR B 2 36  ? -14.940 7.306   16.258  1.00 18.00 ? 36  THR 1 CA 1 
ATOM 145 C CA . GLY B 2 37  ? -12.927 6.510   13.136  1.00 18.00 ? 37  GLY 1 CA 1 
ATOM 146 C CA . HIS B 2 38  ? -15.463 8.469   11.113  1.00 18.00 ? 38  HIS 1 CA 1 
ATOM 147 C CA . THR B 2 39  ? -14.488 11.379  8.797   1.00 18.00 ? 39  THR 1 CA 1 
ATOM 148 C CA . SER B 2 40  ? -16.508 14.566  9.446   1.00 18.00 ? 40  SER 1 CA 1 
ATOM 149 C CA . GLN B 2 41  ? -18.857 15.717  6.690   1.00 18.00 ? 41  GLN 1 CA 1 
ATOM 150 C CA . VAL B 2 42  ? -18.813 19.476  7.420   1.00 18.00 ? 42  VAL 1 CA 1 
ATOM 151 C CA . VAL B 2 43  ? -19.104 21.706  4.338   1.00 18.00 ? 43  VAL 1 CA 1 
ATOM 152 C CA . PRO B 2 44  ? -18.524 25.467  4.007   1.00 18.00 ? 44  PRO 1 CA 1 
ATOM 153 C CA . SER B 2 45  ? -22.277 26.088  4.485   1.00 18.00 ? 45  SER 1 CA 1 
ATOM 154 C CA . ASP B 2 46  ? -21.950 24.803  8.107   1.00 18.00 ? 46  ASP 1 CA 1 
ATOM 155 C CA . THR B 2 47  ? -19.309 27.170  9.502   1.00 18.00 ? 47  THR 1 CA 1 
ATOM 156 C CA . MET B 2 48  ? -20.060 30.384  7.547   1.00 18.00 ? 48  MET 1 CA 1 
ATOM 157 C CA . GLN B 2 49  ? -22.626 32.215  5.420   1.00 18.00 ? 49  GLN 1 CA 1 
ATOM 158 C CA . THR B 2 50  ? -22.438 30.668  1.967   1.00 18.00 ? 50  THR 1 CA 1 
ATOM 159 C CA . ARG B 2 51  ? -23.864 31.852  -1.347  1.00 18.00 ? 51  ARG 1 CA 1 
ATOM 160 C CA . HIS B 2 52  ? -25.559 29.463  -3.723  1.00 18.00 ? 52  HIS 1 CA 1 
ATOM 161 C CA . VAL B 2 53  ? -23.087 28.278  -6.332  1.00 18.00 ? 53  VAL 1 CA 1 
ATOM 162 C CA . LYS B 2 54  ? -23.874 25.702  -8.986  1.00 18.00 ? 54  LYS 1 CA 1 
ATOM 163 C CA . ASN B 2 55  ? -21.132 23.150  -9.401  1.00 18.00 ? 55  ASN 1 CA 1 
ATOM 164 C CA . TYR B 2 56  ? -20.712 21.651  -12.844 1.00 18.00 ? 56  TYR 1 CA 1 
ATOM 165 C CA . HIS B 2 57  ? -17.298 20.362  -11.882 1.00 18.00 ? 57  HIS 1 CA 1 
ATOM 166 C CA . SER B 2 58  ? -16.904 16.689  -12.692 1.00 18.00 ? 58  SER 1 CA 1 
ATOM 167 C CA . ARG B 2 59  ? -14.817 13.964  -11.071 1.00 18.00 ? 59  ARG 1 CA 1 
ATOM 168 C CA . SER B 2 60  ? -14.518 12.193  -14.421 1.00 18.00 ? 60  SER 1 CA 1 
ATOM 169 C CA . GLU B 2 61  ? -10.753 12.178  -14.779 1.00 18.00 ? 61  GLU 1 CA 1 
ATOM 170 C CA . SER B 2 62  ? -10.236 10.721  -11.302 1.00 18.00 ? 62  SER 1 CA 1 
ATOM 171 C CA . THR B 2 63  ? -12.138 7.467   -11.831 1.00 18.00 ? 63  THR 1 CA 1 
ATOM 172 C CA . ILE B 2 64  ? -9.903  4.422   -11.343 1.00 18.00 ? 64  ILE 1 CA 1 
ATOM 173 C CA . GLU B 2 65  ? -10.013 3.623   -15.064 1.00 18.00 ? 65  GLU 1 CA 1 
ATOM 174 C CA . ASN B 2 66  ? -8.735  7.059   -16.101 1.00 18.00 ? 66  ASN 1 CA 1 
ATOM 175 C CA . PHE B 2 67  ? -6.056  7.015   -13.409 1.00 18.00 ? 67  PHE 1 CA 1 
ATOM 176 C CA . LEU B 2 68  ? -4.603  3.604   -14.368 1.00 18.00 ? 68  LEU 1 CA 1 
ATOM 177 C CA . CYS B 2 69  ? -5.575  3.321   -18.036 1.00 18.00 ? 69  CYS 1 CA 1 
ATOM 178 C CA . ARG B 2 70  ? -2.534  4.962   -19.714 1.00 18.00 ? 70  ARG 1 CA 1 
ATOM 179 C CA . SER B 2 71  ? 0.389   3.042   -21.290 1.00 18.00 ? 71  SER 1 CA 1 
ATOM 180 C CA . ALA B 2 72  ? 3.403   2.898   -19.005 1.00 18.00 ? 72  ALA 1 CA 1 
ATOM 181 C CA . CYS B 2 73  ? 6.750   1.348   -19.823 1.00 18.00 ? 73  CYS 1 CA 1 
ATOM 182 C CA . VAL B 2 74  ? 7.230   -1.536  -17.380 1.00 18.00 ? 74  VAL 1 CA 1 
ATOM 183 C CA . TYR B 2 75  ? 10.598  -2.826  -18.598 1.00 18.00 ? 75  TYR 1 CA 1 
ATOM 184 C CA . PHE B 2 76  ? 12.924  -3.101  -21.621 1.00 18.00 ? 76  PHE 1 CA 1 
ATOM 185 C CA . THR B 2 77  ? 15.909  -5.225  -22.720 1.00 18.00 ? 77  THR 1 CA 1 
ATOM 186 C CA . GLU B 2 78  ? 18.224  -5.730  -25.664 1.00 18.00 ? 78  GLU 1 CA 1 
ATOM 187 C CA . TYR B 2 79  ? 19.180  -8.528  -28.010 1.00 18.00 ? 79  TYR 1 CA 1 
ATOM 188 C CA . GLU B 2 80  ? 21.551  -8.607  -30.911 1.00 18.00 ? 80  GLU 1 CA 1 
ATOM 189 C CA . ASN B 2 81  ? 22.285  -9.535  -34.464 1.00 18.00 ? 81  ASN 1 CA 1 
ATOM 190 C CA . SER B 2 82  ? 25.236  -11.626 -33.446 1.00 18.00 ? 82  SER 1 CA 1 
ATOM 191 C CA . GLY B 2 83  ? 27.133  -12.779 -30.409 1.00 18.00 ? 83  GLY 1 CA 1 
ATOM 192 C CA . ALA B 2 84  ? 25.731  -14.140 -27.186 1.00 18.00 ? 84  ALA 1 CA 1 
ATOM 193 C CA . LYS B 2 85  ? 22.778  -11.854 -26.608 1.00 18.00 ? 85  LYS 1 CA 1 
ATOM 194 C CA . ARG B 2 86  ? 20.851  -13.023 -29.658 1.00 18.00 ? 86  ARG 1 CA 1 
ATOM 195 C CA . TYR B 2 87  ? 17.477  -13.381 -27.977 1.00 18.00 ? 87  TYR 1 CA 1 
ATOM 196 C CA . ALA B 2 88  ? 16.052  -11.806 -24.791 1.00 18.00 ? 88  ALA 1 CA 1 
ATOM 197 C CA . GLU B 2 89  ? 13.866  -13.003 -21.907 1.00 18.00 ? 89  GLU 1 CA 1 
ATOM 198 C CA . TRP B 2 90  ? 11.914  -11.228 -19.190 1.00 18.00 ? 90  TRP 1 CA 1 
ATOM 199 C CA . VAL B 2 91  ? 9.955   -12.805 -16.333 1.00 18.00 ? 91  VAL 1 CA 1 
ATOM 200 C CA . ILE B 2 92  ? 6.833   -10.691 -16.270 1.00 18.00 ? 92  ILE 1 CA 1 
ATOM 201 C CA . THR B 2 93  ? 6.437   -8.181  -13.388 1.00 18.00 ? 93  THR 1 CA 1 
ATOM 202 C CA . PRO B 2 94  ? 5.016   -4.624  -13.195 1.00 18.00 ? 94  PRO 1 CA 1 
ATOM 203 C CA . ARG B 2 95  ? 7.327   -4.022  -10.182 1.00 18.00 ? 95  ARG 1 CA 1 
ATOM 204 C CA . GLN B 2 96  ? 10.530  -3.201  -12.034 1.00 18.00 ? 96  GLN 1 CA 1 
ATOM 205 C CA . ALA B 2 97  ? 9.273   0.289   -12.899 1.00 18.00 ? 97  ALA 1 CA 1 
ATOM 206 C CA . ALA B 2 98  ? 8.699   2.817   -10.097 1.00 18.00 ? 98  ALA 1 CA 1 
ATOM 207 C CA . GLN B 2 99  ? 5.974   4.748   -11.920 1.00 18.00 ? 99  GLN 1 CA 1 
ATOM 208 C CA . LEU B 2 100 ? 3.255   2.132   -12.753 1.00 18.00 ? 100 LEU 1 CA 1 
ATOM 209 C CA . ARG B 2 101 ? 4.034   -0.002  -9.709  1.00 18.00 ? 101 ARG 1 CA 1 
ATOM 210 C CA . ARG B 2 102 ? 3.259   2.888   -7.346  1.00 18.00 ? 102 ARG 1 CA 1 
ATOM 211 C CA . LYS B 2 103 ? -0.157  3.626   -8.934  1.00 18.00 ? 103 LYS 1 CA 1 
ATOM 212 C CA . LEU B 2 104 ? -1.263  -0.001  -8.722  1.00 18.00 ? 104 LEU 1 CA 1 
ATOM 213 C CA . GLU B 2 105 ? -0.091  -0.044  -5.106  1.00 18.00 ? 105 GLU 1 CA 1 
ATOM 214 C CA . PHE B 2 106 ? -2.694  2.494   -4.056  1.00 18.00 ? 106 PHE 1 CA 1 
ATOM 215 C CA . PHE B 2 107 ? -4.853  -0.660  -3.791  1.00 18.00 ? 107 PHE 1 CA 1 
ATOM 216 C CA . THR B 2 108 ? -4.384  -4.041  -2.112  1.00 18.00 ? 108 THR 1 CA 1 
ATOM 217 C CA . TYR B 2 109 ? -6.249  -6.022  -4.786  1.00 18.00 ? 109 TYR 1 CA 1 
ATOM 218 C CA . VAL B 2 110 ? -6.704  -4.986  -8.377  1.00 18.00 ? 110 VAL 1 CA 1 
ATOM 219 C CA . ARG B 2 111 ? -8.431  -6.874  -11.189 1.00 18.00 ? 111 ARG 1 CA 1 
ATOM 220 C CA . PHE B 2 112 ? -8.079  -5.898  -14.849 1.00 18.00 ? 112 PHE 1 CA 1 
ATOM 221 C CA . ASP B 2 113 ? -7.445  -6.646  -18.523 1.00 18.00 ? 113 ASP 1 CA 1 
ATOM 222 C CA . LEU B 2 114 ? -4.208  -5.581  -20.135 1.00 18.00 ? 114 LEU 1 CA 1 
ATOM 223 C CA . GLU B 2 115 ? -3.236  -3.887  -23.350 1.00 18.00 ? 115 GLU 1 CA 1 
ATOM 224 C CA . LEU B 2 116 ? 0.311   -4.646  -24.461 1.00 18.00 ? 116 LEU 1 CA 1 
ATOM 225 C CA . THR B 2 117 ? 2.121   -2.337  -26.847 1.00 18.00 ? 117 THR 1 CA 1 
ATOM 226 C CA . PHE B 2 118 ? 5.754   -2.951  -27.705 1.00 18.00 ? 118 PHE 1 CA 1 
ATOM 227 C CA . VAL B 2 119 ? 8.129   -0.328  -29.048 1.00 18.00 ? 119 VAL 1 CA 1 
ATOM 228 C CA . ILE B 2 120 ? 10.975  -2.232  -30.738 1.00 18.00 ? 120 ILE 1 CA 1 
ATOM 229 C CA . THR B 2 121 ? 13.879  -0.032  -31.905 1.00 18.00 ? 121 THR 1 CA 1 
ATOM 230 C CA . SER B 2 122 ? 17.211  -0.942  -33.507 1.00 18.00 ? 122 SER 1 CA 1 
ATOM 231 C CA . THR B 2 123 ? 20.581  0.815   -33.675 1.00 18.00 ? 123 THR 1 CA 1 
ATOM 232 C CA . GLN B 2 124 ? 23.457  0.093   -36.011 1.00 18.00 ? 124 GLN 1 CA 1 
ATOM 233 C CA . GLN B 2 125 ? 26.547  -0.870  -34.152 1.00 18.00 ? 125 GLN 1 CA 1 
ATOM 234 C CA . PRO B 2 126 ? 30.223  0.070   -34.538 1.00 18.00 ? 126 PRO 1 CA 1 
ATOM 235 C CA . SER B 2 127 ? 32.200  -2.409  -36.624 1.00 18.00 ? 127 SER 1 CA 1 
ATOM 236 C CA . THR B 2 128 ? 35.129  -2.643  -39.007 1.00 18.00 ? 128 THR 1 CA 1 
ATOM 237 C CA . THR B 2 129 ? 32.680  -4.443  -41.285 1.00 18.00 ? 129 THR 1 CA 1 
ATOM 238 C CA . GLN B 2 130 ? 32.759  -2.958  -44.762 1.00 18.00 ? 130 GLN 1 CA 1 
ATOM 239 C CA . ASN B 2 131 ? 29.962  -2.930  -47.355 1.00 18.00 ? 131 ASN 1 CA 1 
ATOM 240 C CA . GLN B 2 132 ? 27.072  -3.131  -44.881 1.00 18.00 ? 132 GLN 1 CA 1 
ATOM 241 C CA . ASP B 2 133 ? 23.672  -2.984  -46.620 1.00 18.00 ? 133 ASP 1 CA 1 
ATOM 242 C CA . ALA B 2 134 ? 21.076  -4.178  -44.125 1.00 18.00 ? 134 ALA 1 CA 1 
ATOM 243 C CA . GLN B 2 135 ? 17.878  -5.936  -45.042 1.00 18.00 ? 135 GLN 1 CA 1 
ATOM 244 C CA . ILE B 2 136 ? 14.642  -5.258  -43.093 1.00 18.00 ? 136 ILE 1 CA 1 
ATOM 245 C CA . LEU B 2 137 ? 14.595  -6.837  -39.637 1.00 18.00 ? 137 LEU 1 CA 1 
ATOM 246 C CA . THR B 2 138 ? 11.543  -8.819  -38.509 1.00 18.00 ? 138 THR 1 CA 1 
ATOM 247 C CA . HIS B 2 139 ? 11.213  -9.609  -34.794 1.00 18.00 ? 139 HIS 1 CA 1 
ATOM 248 C CA . GLN B 2 140 ? 9.413   -12.368 -32.917 1.00 18.00 ? 140 GLN 1 CA 1 
ATOM 249 C CA . ILE B 2 141 ? 8.098   -11.829 -29.392 1.00 18.00 ? 141 ILE 1 CA 1 
ATOM 250 C CA . MET B 2 142 ? 6.975   -15.075 -27.708 1.00 18.00 ? 142 MET 1 CA 1 
ATOM 251 C CA . TYR B 2 143 ? 5.159   -15.766 -24.431 1.00 18.00 ? 143 TYR 1 CA 1 
ATOM 252 C CA . VAL B 2 144 ? 6.020   -18.909 -22.506 1.00 18.00 ? 144 VAL 1 CA 1 
ATOM 253 C CA . PRO B 2 145 ? 3.285   -19.517 -19.867 1.00 18.00 ? 145 PRO 1 CA 1 
ATOM 254 C CA . PRO B 2 146 ? 4.505   -21.064 -16.599 1.00 18.00 ? 146 PRO 1 CA 1 
ATOM 255 C CA . GLY B 2 147 ? 5.473   -24.608 -17.532 1.00 18.00 ? 147 GLY 1 CA 1 
ATOM 256 C CA . GLY B 2 148 ? 6.183   -24.548 -21.256 1.00 18.00 ? 148 GLY 1 CA 1 
ATOM 257 C CA . PRO B 2 149 ? 9.591   -25.217 -22.875 1.00 18.00 ? 149 PRO 1 CA 1 
ATOM 258 C CA . VAL B 2 150 ? 11.992  -22.251 -22.955 1.00 18.00 ? 150 VAL 1 CA 1 
ATOM 259 C CA . PRO B 2 151 ? 14.198  -21.111 -25.900 1.00 18.00 ? 151 PRO 1 CA 1 
ATOM 260 C CA . ASP B 2 152 ? 17.782  -21.970 -25.069 1.00 18.00 ? 152 ASP 1 CA 1 
ATOM 261 C CA . LYS B 2 153 ? 19.090  -20.486 -28.330 1.00 18.00 ? 153 LYS 1 CA 1 
ATOM 262 C CA . VAL B 2 154 ? 17.837  -18.194 -31.092 1.00 18.00 ? 154 VAL 1 CA 1 
ATOM 263 C CA . ASP B 2 155 ? 17.053  -21.342 -32.994 1.00 18.00 ? 155 ASP 1 CA 1 
ATOM 264 C CA . SER B 2 156 ? 15.623  -23.956 -30.630 1.00 18.00 ? 156 SER 1 CA 1 
ATOM 265 C CA . TYR B 2 157 ? 12.442  -25.645 -31.929 1.00 18.00 ? 157 TYR 1 CA 1 
ATOM 266 C CA . VAL B 2 158 ? 10.650  -23.689 -29.179 1.00 18.00 ? 158 VAL 1 CA 1 
ATOM 267 C CA . TRP B 2 159 ? 10.238  -20.658 -31.466 1.00 18.00 ? 159 TRP 1 CA 1 
ATOM 268 C CA . GLN B 2 160 ? 7.629   -22.560 -33.576 1.00 18.00 ? 160 GLN 1 CA 1 
ATOM 269 C CA . THR B 2 161 ? 4.925   -21.302 -31.192 1.00 18.00 ? 161 THR 1 CA 1 
ATOM 270 C CA . SER B 2 162 ? 2.517   -24.011 -32.307 1.00 18.00 ? 162 SER 1 CA 1 
ATOM 271 C CA . THR B 2 163 ? 0.505   -23.294 -29.165 1.00 18.00 ? 163 THR 1 CA 1 
ATOM 272 C CA . ASN B 2 164 ? 2.291   -20.391 -27.435 1.00 18.00 ? 164 ASN 1 CA 1 
ATOM 273 C CA . PRO B 2 165 ? 1.099   -17.002 -28.645 1.00 18.00 ? 165 PRO 1 CA 1 
ATOM 274 C CA . SER B 2 166 ? 3.692   -14.845 -30.400 1.00 18.00 ? 166 SER 1 CA 1 
ATOM 275 C CA . VAL B 2 167 ? 3.910   -11.633 -32.441 1.00 18.00 ? 167 VAL 1 CA 1 
ATOM 276 C CA . PHE B 2 168 ? 5.940   -11.307 -35.646 1.00 18.00 ? 168 PHE 1 CA 1 
ATOM 277 C CA . TRP B 2 169 ? 6.609   -7.663  -36.444 1.00 18.00 ? 169 TRP 1 CA 1 
ATOM 278 C CA . THR B 2 170 ? 8.618   -6.124  -39.352 1.00 18.00 ? 170 THR 1 CA 1 
ATOM 279 C CA . GLU B 2 171 ? 10.403  -2.820  -38.644 1.00 18.00 ? 171 GLU 1 CA 1 
ATOM 280 C CA . GLY B 2 172 ? 8.989   0.507   -39.775 1.00 18.00 ? 172 GLY 1 CA 1 
ATOM 281 C CA . ASN B 2 173 ? 5.373   -0.564  -39.087 1.00 18.00 ? 173 ASN 1 CA 1 
ATOM 282 C CA . ALA B 2 174 ? 2.964   0.490   -36.322 1.00 18.00 ? 174 ALA 1 CA 1 
ATOM 283 C CA . PRO B 2 175 ? 3.874   -0.845  -32.792 1.00 18.00 ? 175 PRO 1 CA 1 
ATOM 284 C CA . PRO B 2 176 ? 2.666   -4.445  -32.179 1.00 18.00 ? 176 PRO 1 CA 1 
ATOM 285 C CA . ARG B 2 177 ? -0.293  -4.422  -29.764 1.00 18.00 ? 177 ARG 1 CA 1 
ATOM 286 C CA . MET B 2 178 ? -2.667  -7.021  -28.296 1.00 18.00 ? 178 MET 1 CA 1 
ATOM 287 C CA . SER B 2 179 ? -4.783  -7.337  -25.193 1.00 18.00 ? 179 SER 1 CA 1 
ATOM 288 C CA . VAL B 2 180 ? -4.758  -9.999  -22.504 1.00 18.00 ? 180 VAL 1 CA 1 
ATOM 289 C CA . PRO B 2 181 ? -7.451  -11.229 -20.061 1.00 18.00 ? 181 PRO 1 CA 1 
ATOM 290 C CA . PHE B 2 182 ? -7.405  -11.267 -16.264 1.00 18.00 ? 182 PHE 1 CA 1 
ATOM 291 C CA . LEU B 2 183 ? -4.944  -14.175 -16.103 1.00 18.00 ? 183 LEU 1 CA 1 
ATOM 292 C CA . SER B 2 184 ? -5.105  -14.774 -12.366 1.00 18.00 ? 184 SER 1 CA 1 
ATOM 293 C CA . ILE B 2 185 ? -6.115  -17.861 -10.396 1.00 18.00 ? 185 ILE 1 CA 1 
ATOM 294 C CA . GLY B 2 186 ? -7.541  -15.661 -7.668  1.00 18.00 ? 186 GLY 1 CA 1 
ATOM 295 C CA . ASN B 2 187 ? -10.664 -13.584 -8.046  1.00 18.00 ? 187 ASN 1 CA 1 
ATOM 296 C CA . ALA B 2 188 ? -8.367  -10.521 -8.092  1.00 18.00 ? 188 ALA 1 CA 1 
ATOM 297 C CA . TYR B 2 189 ? -4.658  -9.816  -8.552  1.00 18.00 ? 189 TYR 1 CA 1 
ATOM 298 C CA . SER B 2 190 ? -2.980  -9.510  -5.142  1.00 18.00 ? 190 SER 1 CA 1 
ATOM 299 C CA . ASN B 2 191 ? -0.675  -6.459  -4.980  1.00 18.00 ? 191 ASN 1 CA 1 
ATOM 300 C CA . PHE B 2 192 ? 0.576   -7.391  -1.492  1.00 18.00 ? 192 PHE 1 CA 1 
ATOM 301 C CA . TYR B 2 193 ? 0.873   -10.686 0.324   1.00 18.00 ? 193 TYR 1 CA 1 
ATOM 302 C CA . ASP B 2 194 ? 1.709   -10.883 3.999   1.00 18.00 ? 194 ASP 1 CA 1 
ATOM 303 C CA . GLY B 2 195 ? 2.594   -14.547 3.890   1.00 18.00 ? 195 GLY 1 CA 1 
ATOM 304 C CA . TRP B 2 196 ? 4.877   -17.339 2.773   1.00 18.00 ? 196 TRP 1 CA 1 
ATOM 305 C CA . SER B 2 197 ? 4.677   -19.948 0.037   1.00 18.00 ? 197 SER 1 CA 1 
ATOM 306 C CA . GLU B 2 198 ? 5.379   -22.863 2.394   1.00 18.00 ? 198 GLU 1 CA 1 
ATOM 307 C CA . PHE B 2 199 ? 2.961   -23.985 5.095   1.00 18.00 ? 199 PHE 1 CA 1 
ATOM 308 C CA . SER B 2 200 ? 5.932   -24.206 7.410   1.00 18.00 ? 200 SER 1 CA 1 
ATOM 309 C CA . ARG B 2 201 ? 5.881   -20.365 7.313   1.00 18.00 ? 201 ARG 1 CA 1 
ATOM 310 C CA . ASN B 2 202 ? 9.067   -20.568 5.338   1.00 18.00 ? 202 ASN 1 CA 1 
ATOM 311 C CA . GLY B 2 203 ? 10.591  -20.176 1.912   1.00 18.00 ? 203 GLY 1 CA 1 
ATOM 312 C CA . VAL B 2 204 ? 9.539   -16.968 0.165   1.00 18.00 ? 204 VAL 1 CA 1 
ATOM 313 C CA . TYR B 2 205 ? 7.874   -14.095 1.992   1.00 18.00 ? 205 TYR 1 CA 1 
ATOM 314 C CA . GLY B 2 206 ? 5.777   -11.537 0.205   1.00 18.00 ? 206 GLY 1 CA 1 
ATOM 315 C CA . ILE B 2 207 ? 4.308   -10.907 -3.208  1.00 18.00 ? 207 ILE 1 CA 1 
ATOM 316 C CA . ASN B 2 208 ? 6.839   -12.955 -5.056  1.00 18.00 ? 208 ASN 1 CA 1 
ATOM 317 C CA . THR B 2 209 ? 5.175   -16.092 -3.684  1.00 18.00 ? 209 THR 1 CA 1 
ATOM 318 C CA . LEU B 2 210 ? 2.291   -15.043 -5.910  1.00 18.00 ? 210 LEU 1 CA 1 
ATOM 319 C CA . ASN B 2 211 ? 4.035   -13.814 -9.101  1.00 18.00 ? 211 ASN 1 CA 1 
ATOM 320 C CA . ASN B 2 212 ? 3.905   -16.607 -11.691 1.00 18.00 ? 212 ASN 1 CA 1 
ATOM 321 C CA . MET B 2 213 ? 3.026   -14.995 -15.016 1.00 18.00 ? 213 MET 1 CA 1 
ATOM 322 C CA . GLY B 2 214 ? 5.690   -16.673 -17.082 1.00 18.00 ? 214 GLY 1 CA 1 
ATOM 323 C CA . THR B 2 215 ? 8.432   -15.363 -19.330 1.00 18.00 ? 215 THR 1 CA 1 
ATOM 324 C CA . LEU B 2 216 ? 8.577   -13.296 -22.497 1.00 18.00 ? 216 LEU 1 CA 1 
ATOM 325 C CA . TYR B 2 217 ? 11.257  -13.975 -25.123 1.00 18.00 ? 217 TYR 1 CA 1 
ATOM 326 C CA . ALA B 2 218 ? 12.161  -11.829 -28.110 1.00 18.00 ? 218 ALA 1 CA 1 
ATOM 327 C CA . ARG B 2 219 ? 14.546  -12.383 -31.034 1.00 18.00 ? 219 ARG 1 CA 1 
ATOM 328 C CA . HIS B 2 220 ? 15.466  -11.280 -34.534 1.00 18.00 ? 220 HIS 1 CA 1 
ATOM 329 C CA . VAL B 2 221 ? 13.836  -13.672 -36.977 1.00 18.00 ? 221 VAL 1 CA 1 
ATOM 330 C CA . ASN B 2 222 ? 16.586  -12.506 -39.418 1.00 18.00 ? 222 ASN 1 CA 1 
ATOM 331 C CA . ALA B 2 223 ? 20.029  -10.889 -38.947 1.00 18.00 ? 223 ALA 1 CA 1 
ATOM 332 C CA . GLY B 2 224 ? 19.503  -8.613  -41.923 1.00 18.00 ? 224 GLY 1 CA 1 
ATOM 333 C CA . SER B 2 225 ? 23.040  -7.390  -42.459 1.00 18.00 ? 225 SER 1 CA 1 
ATOM 334 C CA . THR B 2 226 ? 26.730  -8.114  -42.308 1.00 18.00 ? 226 THR 1 CA 1 
ATOM 335 C CA . GLY B 2 227 ? 27.296  -5.447  -39.669 1.00 18.00 ? 227 GLY 1 CA 1 
ATOM 336 C CA . PRO B 2 228 ? 26.122  -5.580  -36.042 1.00 18.00 ? 228 PRO 1 CA 1 
ATOM 337 C CA . ILE B 2 229 ? 22.670  -4.404  -34.966 1.00 18.00 ? 229 ILE 1 CA 1 
ATOM 338 C CA . LYS B 2 230 ? 21.302  -4.285  -31.417 1.00 18.00 ? 230 LYS 1 CA 1 
ATOM 339 C CA . SER B 2 231 ? 17.575  -3.997  -30.699 1.00 18.00 ? 231 SER 1 CA 1 
ATOM 340 C CA . THR B 2 232 ? 15.732  -2.788  -27.593 1.00 18.00 ? 232 THR 1 CA 1 
ATOM 341 C CA . ILE B 2 233 ? 12.232  -4.041  -26.840 1.00 18.00 ? 233 ILE 1 CA 1 
ATOM 342 C CA . ARG B 2 234 ? 10.145  -1.768  -24.585 1.00 18.00 ? 234 ARG 1 CA 1 
ATOM 343 C CA . ILE B 2 235 ? 7.094   -3.380  -23.002 1.00 18.00 ? 235 ILE 1 CA 1 
ATOM 344 C CA . TYR B 2 236 ? 4.121   -1.125  -22.241 1.00 18.00 ? 236 TYR 1 CA 1 
ATOM 345 C CA . PHE B 2 237 ? 1.288   -2.090  -19.868 1.00 18.00 ? 237 PHE 1 CA 1 
ATOM 346 C CA . LYS B 2 238 ? -2.145  -0.445  -19.844 1.00 18.00 ? 238 LYS 1 CA 1 
ATOM 347 C CA . PRO B 2 239 ? -4.787  -1.682  -17.359 1.00 18.00 ? 239 PRO 1 CA 1 
ATOM 348 C CA . LYS B 2 240 ? -8.144  -1.696  -19.174 1.00 18.00 ? 240 LYS 1 CA 1 
ATOM 349 C CA . HIS B 2 241 ? -11.434 -2.577  -17.491 1.00 18.00 ? 241 HIS 1 CA 1 
ATOM 350 C CA . VAL B 2 242 ? -10.021 -2.055  -13.950 1.00 18.00 ? 242 VAL 1 CA 1 
ATOM 351 C CA . LYS B 2 243 ? -11.512 -2.977  -10.530 1.00 18.00 ? 243 LYS 1 CA 1 
ATOM 352 C CA . ALA B 2 244 ? -9.598  -2.047  -7.395  1.00 18.00 ? 244 ALA 1 CA 1 
ATOM 353 C CA . TRP B 2 245 ? -10.317 -2.936  -3.785  1.00 18.00 ? 245 TRP 1 CA 1 
ATOM 354 C CA . ILE B 2 246 ? -9.038  -1.998  -0.330  1.00 18.00 ? 246 ILE 1 CA 1 
ATOM 355 C CA . PRO B 2 247 ? -7.069  1.270   -0.873  1.00 18.00 ? 247 PRO 1 CA 1 
ATOM 356 C CA . ARG B 2 248 ? -3.904  2.062   1.042   1.00 18.00 ? 248 ARG 1 CA 1 
ATOM 357 C CA . PRO B 2 249 ? -1.280  4.806   1.710   1.00 18.00 ? 249 PRO 1 CA 1 
ATOM 358 C CA . PRO B 2 250 ? 0.756   5.782   -1.364  1.00 18.00 ? 250 PRO 1 CA 1 
ATOM 359 C CA . ARG B 2 251 ? 4.413   4.601   -1.265  1.00 18.00 ? 251 ARG 1 CA 1 
ATOM 360 C CA . LEU B 2 252 ? 6.571   7.096   0.682   1.00 18.00 ? 252 LEU 1 CA 1 
ATOM 361 C CA . CYS B 2 253 ? 9.990   5.471   0.715   1.00 18.00 ? 253 CYS 1 CA 1 
ATOM 362 C CA . GLN B 2 254 ? 11.725  4.741   -2.564  1.00 18.00 ? 254 GLN 1 CA 1 
ATOM 363 C CA . TYR B 2 255 ? 11.591  1.229   -3.997  1.00 18.00 ? 255 TYR 1 CA 1 
ATOM 364 C CA . GLU B 2 256 ? 14.618  -0.943  -3.411  1.00 18.00 ? 256 GLU 1 CA 1 
ATOM 365 C CA . LYS B 2 257 ? 13.674  -4.319  -4.816  1.00 18.00 ? 257 LYS 1 CA 1 
ATOM 366 C CA . ALA B 2 258 ? 11.364  -5.587  -7.545  1.00 18.00 ? 258 ALA 1 CA 1 
ATOM 367 C CA . LYS B 2 259 ? 10.241  -8.573  -5.490  1.00 18.00 ? 259 LYS 1 CA 1 
ATOM 368 C CA . ASN B 2 260 ? 9.726   -7.088  -2.041  1.00 18.00 ? 260 ASN 1 CA 1 
ATOM 369 C CA . VAL B 2 261 ? 8.524   -4.146  0.033   1.00 18.00 ? 261 VAL 1 CA 1 
ATOM 370 C CA . ASN B 2 262 ? 12.113  -3.446  1.107   1.00 18.00 ? 262 ASN 1 CA 1 
ATOM 371 C CA . PHE B 2 263 ? 12.480  0.203   1.752   1.00 18.00 ? 263 PHE 1 CA 1 
ATOM 372 C CA . GLN B 2 264 ? 15.040  2.378   3.432   1.00 18.00 ? 264 GLN 1 CA 1 
ATOM 373 C CA . PRO B 2 265 ? 13.329  4.580   6.067   1.00 18.00 ? 265 PRO 1 CA 1 
ATOM 374 C CA . SER B 2 266 ? 12.635  8.194   5.176   1.00 18.00 ? 266 SER 1 CA 1 
ATOM 375 C CA . GLY B 2 267 ? 10.987  11.063  6.997   1.00 18.00 ? 267 GLY 1 CA 1 
ATOM 376 C CA . VAL B 2 268 ? 7.278   11.794  6.965   1.00 18.00 ? 268 VAL 1 CA 1 
ATOM 377 C CA . THR B 2 269 ? 7.646   14.941  4.742   1.00 18.00 ? 269 THR 1 CA 1 
ATOM 378 C CA . THR B 2 270 ? 10.179  17.600  3.783   1.00 18.00 ? 270 THR 1 CA 1 
ATOM 379 C CA . THR B 2 271 ? 10.794  20.428  6.210   1.00 18.00 ? 271 THR 1 CA 1 
ATOM 380 C CA . ARG B 2 272 ? 10.353  24.131  6.817   1.00 18.00 ? 272 ARG 1 CA 1 
ATOM 381 C CA . GLN B 2 273 ? 11.283  26.075  9.934   1.00 18.00 ? 273 GLN 1 CA 1 
ATOM 382 C CA . SER B 2 274 ? 8.812   27.057  12.706  1.00 18.00 ? 274 SER 1 CA 1 
ATOM 383 C CA . ILE B 2 275 ? 5.237   25.681  12.693  1.00 18.00 ? 275 ILE 1 CA 1 
ATOM 384 C CA . THR B 2 276 ? 4.540   29.308  11.803  1.00 18.00 ? 276 THR 1 CA 1 
ATOM 385 C CA . THR B 2 277 ? 6.597   29.386  8.569   1.00 18.00 ? 277 THR 1 CA 1 
ATOM 386 C CA . MET B 2 278 ? 4.306   29.935  5.583   1.00 18.00 ? 278 MET 1 CA 1 
ATOM 387 C CA . THR B 2 279 ? 7.068   28.688  3.284   1.00 18.00 ? 279 THR 1 CA 1 
ATOM 388 C CA . ASN B 2 280 ? 8.793   25.430  2.352   1.00 18.00 ? 280 ASN 1 CA 1 
ATOM 389 C CA . THR B 2 281 ? 12.567  25.424  2.831   1.00 18.00 ? 281 THR 1 CA 1 
ATOM 390 C CA . GLY C 3 8   ? -32.312 6.756   29.536  1.00 18.00 ? 8   GLY 2 CA 1 
ATOM 391 C CA . TYR C 3 9   ? -29.549 6.016   26.977  1.00 18.00 ? 9   TYR 2 CA 1 
ATOM 392 C CA . SER C 3 10  ? -25.912 6.965   26.204  1.00 18.00 ? 10  SER 2 CA 1 
ATOM 393 C CA . ASP C 3 11  ? -23.727 6.750   23.033  1.00 18.00 ? 11  ASP 2 CA 1 
ATOM 394 C CA . ARG C 3 12  ? -20.949 5.919   25.524  1.00 18.00 ? 12  ARG 2 CA 1 
ATOM 395 C CA . VAL C 3 13  ? -22.306 2.591   26.830  1.00 18.00 ? 13  VAL 2 CA 1 
ATOM 396 C CA . ARG C 3 14  ? -21.954 -0.800  25.089  1.00 18.00 ? 14  ARG 2 CA 1 
ATOM 397 C CA . SER C 3 15  ? -22.218 -4.593  25.564  1.00 18.00 ? 15  SER 2 CA 1 
ATOM 398 C CA . ILE C 3 16  ? -21.029 -7.199  23.050  1.00 18.00 ? 16  ILE 2 CA 1 
ATOM 399 C CA . THR C 3 17  ? -21.954 -10.863 23.618  1.00 18.00 ? 17  THR 2 CA 1 
ATOM 400 C CA . LEU C 3 18  ? -20.173 -13.574 21.635  1.00 18.00 ? 18  LEU 2 CA 1 
ATOM 401 C CA . GLY C 3 19  ? -20.388 -17.138 22.910  1.00 18.00 ? 19  GLY 2 CA 1 
ATOM 402 C CA . ASN C 3 20  ? -19.333 -17.497 26.563  1.00 18.00 ? 20  ASN 2 CA 1 
ATOM 403 C CA . SER C 3 21  ? -17.979 -13.991 26.604  1.00 18.00 ? 21  SER 2 CA 1 
ATOM 404 C CA . THR C 3 22  ? -19.527 -10.584 27.100  1.00 18.00 ? 22  THR 2 CA 1 
ATOM 405 C CA . ILE C 3 23  ? -17.731 -7.234  26.903  1.00 18.00 ? 23  ILE 2 CA 1 
ATOM 406 C CA . THR C 3 24  ? -18.818 -3.959  28.518  1.00 18.00 ? 24  THR 2 CA 1 
ATOM 407 C CA . THR C 3 25  ? -17.720 -0.351  27.868  1.00 18.00 ? 25  THR 2 CA 1 
ATOM 408 C CA . GLN C 3 26  ? -18.761 2.755   29.765  1.00 18.00 ? 26  GLN 2 CA 1 
ATOM 409 C CA . GLU C 3 27  ? -16.909 5.179   27.432  1.00 18.00 ? 27  GLU 2 CA 1 
ATOM 410 C CA . CYS C 3 28  ? -16.528 4.626   23.728  1.00 18.00 ? 28  CYS 2 CA 1 
ATOM 411 C CA . ALA C 3 29  ? -17.036 5.715   20.128  1.00 18.00 ? 29  ALA 2 CA 1 
ATOM 412 C CA . ASN C 3 30  ? -19.136 3.725   17.589  1.00 18.00 ? 30  ASN 2 CA 1 
ATOM 413 C CA . VAL C 3 31  ? -18.140 0.255   16.584  1.00 18.00 ? 31  VAL 2 CA 1 
ATOM 414 C CA . VAL C 3 32  ? -16.244 0.801   13.326  1.00 18.00 ? 32  VAL 2 CA 1 
ATOM 415 C CA . VAL C 3 33  ? -17.500 -1.909  10.988  1.00 18.00 ? 33  VAL 2 CA 1 
ATOM 416 C CA . GLY C 3 34  ? -14.811 -3.104  8.594   1.00 18.00 ? 34  GLY 2 CA 1 
ATOM 417 C CA . TYR C 3 35  ? -15.278 -1.742  5.117   1.00 18.00 ? 35  TYR 2 CA 1 
ATOM 418 C CA . GLY C 3 36  ? -18.941 -1.244  5.843   1.00 18.00 ? 36  GLY 2 CA 1 
ATOM 419 C CA . VAL C 3 37  ? -19.130 -5.037  5.764   1.00 18.00 ? 37  VAL 2 CA 1 
ATOM 420 C CA . TRP C 3 38  ? -20.206 -7.164  8.703   1.00 18.00 ? 38  TRP 2 CA 1 
ATOM 421 C CA . PRO C 3 39  ? -18.656 -10.664 8.739   1.00 18.00 ? 39  PRO 2 CA 1 
ATOM 422 C CA . ASP C 3 40  ? -20.662 -13.633 7.339   1.00 18.00 ? 40  ASP 2 CA 1 
ATOM 423 C CA . TYR C 3 41  ? -20.144 -17.126 5.873   1.00 18.00 ? 41  TYR 2 CA 1 
ATOM 424 C CA . LEU C 3 42  ? -19.036 -18.086 2.333   1.00 18.00 ? 42  LEU 2 CA 1 
ATOM 425 C CA . LYS C 3 43  ? -21.732 -18.412 -0.343  1.00 18.00 ? 43  LYS 2 CA 1 
ATOM 426 C CA . ASP C 3 44  ? -22.206 -21.366 -2.689  1.00 18.00 ? 44  ASP 2 CA 1 
ATOM 427 C CA . SER C 3 45  ? -21.695 -18.806 -5.453  1.00 18.00 ? 45  SER 2 CA 1 
ATOM 428 C CA . GLU C 3 46  ? -18.254 -17.789 -4.218  1.00 18.00 ? 46  GLU 2 CA 1 
ATOM 429 C CA . ALA C 3 47  ? -17.060 -21.207 -3.067  1.00 18.00 ? 47  ALA 2 CA 1 
ATOM 430 C CA . THR C 3 48  ? -14.393 -23.450 -4.675  1.00 18.00 ? 48  THR 2 CA 1 
ATOM 431 C CA . ALA C 3 49  ? -13.624 -26.064 -1.983  1.00 18.00 ? 49  ALA 2 CA 1 
ATOM 432 C CA . GLU C 3 50  ? -16.290 -28.724 -2.481  1.00 18.00 ? 50  GLU 2 CA 1 
ATOM 433 C CA . ASP C 3 51  ? -16.006 -30.383 0.874   1.00 18.00 ? 51  ASP 2 CA 1 
ATOM 434 C CA . GLN C 3 52  ? -18.484 -29.474 3.633   1.00 18.00 ? 52  GLN 2 CA 1 
ATOM 435 C CA . PRO C 3 53  ? -17.127 -26.994 6.229   1.00 18.00 ? 53  PRO 2 CA 1 
ATOM 436 C CA . THR C 3 54  ? -16.902 -27.197 10.019  1.00 18.00 ? 54  THR 2 CA 1 
ATOM 437 C CA . GLN C 3 55  ? -18.411 -24.134 11.615  1.00 18.00 ? 55  GLN 2 CA 1 
ATOM 438 C CA . PRO C 3 56  ? -17.662 -24.628 15.360  1.00 18.00 ? 56  PRO 2 CA 1 
ATOM 439 C CA . ASP C 3 57  ? -19.756 -21.566 16.231  1.00 18.00 ? 57  ASP 2 CA 1 
ATOM 440 C CA . VAL C 3 58  ? -19.815 -20.785 19.985  1.00 18.00 ? 58  VAL 2 CA 1 
ATOM 441 C CA . ALA C 3 59  ? -16.504 -22.680 20.436  1.00 18.00 ? 59  ALA 2 CA 1 
ATOM 442 C CA . THR C 3 60  ? -14.482 -20.606 17.966  1.00 18.00 ? 60  THR 2 CA 1 
ATOM 443 C CA . CYS C 3 61  ? -16.313 -17.319 17.578  1.00 18.00 ? 61  CYS 2 CA 1 
ATOM 444 C CA . ARG C 3 62  ? -15.885 -15.951 21.117  1.00 18.00 ? 62  ARG 2 CA 1 
ATOM 445 C CA . PHE C 3 63  ? -13.768 -13.349 22.984  1.00 18.00 ? 63  PHE 2 CA 1 
ATOM 446 C CA . TYR C 3 64  ? -10.101 -14.353 23.257  1.00 18.00 ? 64  TYR 2 CA 1 
ATOM 447 C CA . THR C 3 65  ? -8.213  -11.875 25.497  1.00 18.00 ? 65  THR 2 CA 1 
ATOM 448 C CA . LEU C 3 66  ? -4.487  -12.000 24.653  1.00 18.00 ? 66  LEU 2 CA 1 
ATOM 449 C CA . ASP C 3 67  ? -1.714  -10.615 26.849  1.00 18.00 ? 67  ASP 2 CA 1 
ATOM 450 C CA . SER C 3 68  ? -1.715  -7.047  28.206  1.00 18.00 ? 68  SER 2 CA 1 
ATOM 451 C CA . VAL C 3 69  ? 1.058   -4.675  27.166  1.00 18.00 ? 69  VAL 2 CA 1 
ATOM 452 C CA . GLN C 3 70  ? 2.351   -1.582  28.989  1.00 18.00 ? 70  GLN 2 CA 1 
ATOM 453 C CA . TRP C 3 71  ? 1.916   1.850   27.468  1.00 18.00 ? 71  TRP 2 CA 1 
ATOM 454 C CA . GLN C 3 72  ? 4.954   3.893   28.427  1.00 18.00 ? 72  GLN 2 CA 1 
ATOM 455 C CA . LYS C 3 73  ? 5.854   7.498   27.816  1.00 18.00 ? 73  LYS 2 CA 1 
ATOM 456 C CA . THR C 3 74  ? 8.348   6.067   25.290  1.00 18.00 ? 74  THR 2 CA 1 
ATOM 457 C CA . SER C 3 75  ? 6.491   3.133   23.637  1.00 18.00 ? 75  SER 2 CA 1 
ATOM 458 C CA . PRO C 3 76  ? 6.633   3.395   19.794  1.00 18.00 ? 76  PRO 2 CA 1 
ATOM 459 C CA . GLY C 3 77  ? 3.732   1.057   19.028  1.00 18.00 ? 77  GLY 2 CA 1 
ATOM 460 C CA . TRP C 3 78  ? 2.829   -2.636  18.723  1.00 18.00 ? 78  TRP 2 CA 1 
ATOM 461 C CA . TRP C 3 79  ? 1.468   -5.023  16.119  1.00 18.00 ? 79  TRP 2 CA 1 
ATOM 462 C CA . TRP C 3 80  ? -0.225  -8.428  16.154  1.00 18.00 ? 80  TRP 2 CA 1 
ATOM 463 C CA . LYS C 3 81  ? -0.632  -10.488 12.959  1.00 18.00 ? 81  LYS 2 CA 1 
ATOM 464 C CA . LEU C 3 82  ? -4.140  -11.826 12.835  1.00 18.00 ? 82  LEU 2 CA 1 
ATOM 465 C CA . PRO C 3 83  ? -4.705  -15.487 12.217  1.00 18.00 ? 83  PRO 2 CA 1 
ATOM 466 C CA . ASP C 3 84  ? -1.414  -15.907 14.143  1.00 18.00 ? 84  ASP 2 CA 1 
ATOM 467 C CA . ALA C 3 85  ? -2.235  -14.489 17.578  1.00 18.00 ? 85  ALA 2 CA 1 
ATOM 468 C CA . LEU C 3 86  ? -5.175  -16.763 18.224  1.00 18.00 ? 86  LEU 2 CA 1 
ATOM 469 C CA . SER C 3 87  ? -3.311  -19.657 16.538  1.00 18.00 ? 87  SER 2 CA 1 
ATOM 470 C CA . ASN C 3 88  ? -2.632  -21.107 19.972  1.00 18.00 ? 88  ASN 2 CA 1 
ATOM 471 C CA . LEU C 3 89  ? -5.832  -19.999 21.675  1.00 18.00 ? 89  LEU 2 CA 1 
ATOM 472 C CA . GLY C 3 90  ? -8.574  -22.532 22.394  1.00 18.00 ? 90  GLY 2 CA 1 
ATOM 473 C CA . LEU C 3 91  ? -10.578 -24.292 19.719  1.00 18.00 ? 91  LEU 2 CA 1 
ATOM 474 C CA . PHE C 3 92  ? -9.857  -21.514 17.217  1.00 18.00 ? 92  PHE 2 CA 1 
ATOM 475 C CA . GLY C 3 93  ? -6.242  -22.638 17.229  1.00 18.00 ? 93  GLY 2 CA 1 
ATOM 476 C CA . GLN C 3 94  ? -7.204  -26.316 17.015  1.00 18.00 ? 94  GLN 2 CA 1 
ATOM 477 C CA . ASN C 3 95  ? -9.514  -26.181 14.014  1.00 18.00 ? 95  ASN 2 CA 1 
ATOM 478 C CA . MET C 3 96  ? -6.860  -23.983 12.409  1.00 18.00 ? 96  MET 2 CA 1 
ATOM 479 C CA . GLN C 3 97  ? -4.302  -26.786 12.665  1.00 18.00 ? 97  GLN 2 CA 1 
ATOM 480 C CA . TYR C 3 98  ? -6.452  -29.692 11.502  1.00 18.00 ? 98  TYR 2 CA 1 
ATOM 481 C CA . HIS C 3 99  ? -7.734  -27.764 8.531   1.00 18.00 ? 99  HIS 2 CA 1 
ATOM 482 C CA . TYR C 3 100 ? -6.018  -26.809 5.262   1.00 18.00 ? 100 TYR 2 CA 1 
ATOM 483 C CA . LEU C 3 101 ? -8.438  -23.910 4.662   1.00 18.00 ? 101 LEU 2 CA 1 
ATOM 484 C CA . GLY C 3 102 ? -10.056 -21.378 6.945   1.00 18.00 ? 102 GLY 2 CA 1 
ATOM 485 C CA . ARG C 3 103 ? -12.035 -18.142 6.830   1.00 18.00 ? 103 ARG 2 CA 1 
ATOM 486 C CA . THR C 3 104 ? -12.920 -15.630 9.638   1.00 18.00 ? 104 THR 2 CA 1 
ATOM 487 C CA . GLY C 3 105 ? -13.804 -12.043 10.462  1.00 18.00 ? 105 GLY 2 CA 1 
ATOM 488 C CA . TYR C 3 106 ? -13.169 -10.442 13.873  1.00 18.00 ? 106 TYR 2 CA 1 
ATOM 489 C CA . THR C 3 107 ? -14.474 -8.092  16.552  1.00 18.00 ? 107 THR 2 CA 1 
ATOM 490 C CA . ILE C 3 108 ? -11.283 -6.486  17.853  1.00 18.00 ? 108 ILE 2 CA 1 
ATOM 491 C CA . HIS C 3 109 ? -11.709 -4.772  21.230  1.00 18.00 ? 109 HIS 2 CA 1 
ATOM 492 C CA . VAL C 3 110 ? -8.646  -2.789  22.370  1.00 18.00 ? 110 VAL 2 CA 1 
ATOM 493 C CA . GLN C 3 111 ? -8.979  -1.663  25.997  1.00 18.00 ? 111 GLN 2 CA 1 
ATOM 494 C CA . CYS C 3 112 ? -7.053  1.119   27.758  1.00 18.00 ? 112 CYS 2 CA 1 
ATOM 495 C CA . ASN C 3 113 ? -8.288  3.121   30.721  1.00 18.00 ? 113 ASN 2 CA 1 
ATOM 496 C CA . ALA C 3 114 ? -6.391  5.978   32.376  1.00 18.00 ? 114 ALA 2 CA 1 
ATOM 497 C CA . SER C 3 115 ? -7.796  8.901   34.409  1.00 18.00 ? 115 SER 2 CA 1 
ATOM 498 C CA . LYS C 3 116 ? -8.775  12.576  34.033  1.00 18.00 ? 116 LYS 2 CA 1 
ATOM 499 C CA . PHE C 3 117 ? -5.216  13.653  34.797  1.00 18.00 ? 117 PHE 2 CA 1 
ATOM 500 C CA . HIS C 3 118 ? -3.653  11.342  32.200  1.00 18.00 ? 118 HIS 2 CA 1 
ATOM 501 C CA . GLN C 3 119 ? -3.326  12.149  28.496  1.00 18.00 ? 119 GLN 2 CA 1 
ATOM 502 C CA . GLY C 3 120 ? -2.395  10.291  25.339  1.00 18.00 ? 120 GLY 2 CA 1 
ATOM 503 C CA . CYS C 3 121 ? -3.887  9.025   22.081  1.00 18.00 ? 121 CYS 2 CA 1 
ATOM 504 C CA . LEU C 3 122 ? -3.498  5.691   20.285  1.00 18.00 ? 122 LEU 2 CA 1 
ATOM 505 C CA . LEU C 3 123 ? -4.287  4.754   16.686  1.00 18.00 ? 123 LEU 2 CA 1 
ATOM 506 C CA . VAL C 3 124 ? -5.992  1.344   16.561  1.00 18.00 ? 124 VAL 2 CA 1 
ATOM 507 C CA . VAL C 3 125 ? -5.840  0.162   12.928  1.00 18.00 ? 125 VAL 2 CA 1 
ATOM 508 C CA . CYS C 3 126 ? -6.541  -3.028  11.083  1.00 18.00 ? 126 CYS 2 CA 1 
ATOM 509 C CA . VAL C 3 127 ? -4.186  -3.229  8.131   1.00 18.00 ? 127 VAL 2 CA 1 
ATOM 510 C CA . PRO C 3 128 ? -5.299  -5.767  5.520   1.00 18.00 ? 128 PRO 2 CA 1 
ATOM 511 C CA . GLU C 3 129 ? -2.145  -7.501  4.214   1.00 18.00 ? 129 GLU 2 CA 1 
ATOM 512 C CA . ALA C 3 130 ? 0.549   -5.651  6.167   1.00 18.00 ? 130 ALA 2 CA 1 
ATOM 513 C CA . GLU C 3 131 ? 3.454   -6.962  4.084   1.00 18.00 ? 131 GLU 2 CA 1 
ATOM 514 C CA . MET C 3 132 ? 6.497   -5.712  5.995   1.00 18.00 ? 132 MET 2 CA 1 
ATOM 515 C CA . GLY C 3 133 ? 10.021  -4.880  4.938   1.00 18.00 ? 133 GLY 2 CA 1 
ATOM 516 C CA . CYS C 3 134 ? 13.457  -6.034  6.058   1.00 18.00 ? 134 CYS 2 CA 1 
ATOM 517 C CA . ALA C 3 135 ? 16.194  -3.976  7.734   1.00 18.00 ? 135 ALA 2 CA 1 
ATOM 518 C CA . THR C 3 136 ? 18.682  -5.432  5.273   1.00 18.00 ? 136 THR 2 CA 1 
ATOM 519 C CA . LEU C 3 137 ? 17.314  -4.623  1.793   1.00 18.00 ? 137 LEU 2 CA 1 
ATOM 520 C CA . ASN C 3 138 ? 18.379  -7.903  0.185   1.00 18.00 ? 138 ASN 2 CA 1 
ATOM 521 C CA . ASN C 3 139 ? 16.591  -10.238 2.639   1.00 18.00 ? 139 ASN 2 CA 1 
ATOM 522 C CA . THR C 3 140 ? 13.014  -10.743 3.757   1.00 18.00 ? 140 THR 2 CA 1 
ATOM 523 C CA . PRO C 3 141 ? 12.197  -10.699 7.491   1.00 18.00 ? 141 PRO 2 CA 1 
ATOM 524 C CA . SER C 3 142 ? 12.098  -14.021 9.295   1.00 18.00 ? 142 SER 2 CA 1 
ATOM 525 C CA . SER C 3 143 ? 8.862   -15.695 10.399  1.00 18.00 ? 143 SER 2 CA 1 
ATOM 526 C CA . ALA C 3 144 ? 10.044  -15.163 13.980  1.00 18.00 ? 144 ALA 2 CA 1 
ATOM 527 C CA . GLU C 3 145 ? 10.594  -11.474 13.339  1.00 18.00 ? 145 GLU 2 CA 1 
ATOM 528 C CA . LEU C 3 146 ? 7.213   -10.711 11.811  1.00 18.00 ? 146 LEU 2 CA 1 
ATOM 529 C CA . LEU C 3 147 ? 5.034   -12.925 13.953  1.00 18.00 ? 147 LEU 2 CA 1 
ATOM 530 C CA . GLY C 3 148 ? 4.268   -12.955 17.666  1.00 18.00 ? 148 GLY 2 CA 1 
ATOM 531 C CA . GLY C 3 149 ? 1.592   -15.394 18.860  1.00 18.00 ? 149 GLY 2 CA 1 
ATOM 532 C CA . ASP C 3 150 ? -0.577  -13.564 21.471  1.00 18.00 ? 150 ASP 2 CA 1 
ATOM 533 C CA . THR C 3 151 ? 2.588   -11.672 22.496  1.00 18.00 ? 151 THR 2 CA 1 
ATOM 534 C CA . ALA C 3 152 ? 2.727   -8.212  20.978  1.00 18.00 ? 152 ALA 2 CA 1 
ATOM 535 C CA . LYS C 3 153 ? 5.505   -7.482  18.539  1.00 18.00 ? 153 LYS 2 CA 1 
ATOM 536 C CA . GLU C 3 154 ? 6.683   -3.890  18.916  1.00 18.00 ? 154 GLU 2 CA 1 
ATOM 537 C CA . PHE C 3 155 ? 7.724   -1.098  16.616  1.00 18.00 ? 155 PHE 2 CA 1 
ATOM 538 C CA . ALA C 3 156 ? 11.009  0.731   16.885  1.00 18.00 ? 156 ALA 2 CA 1 
ATOM 539 C CA . ASP C 3 157 ? 11.706  4.263   17.967  1.00 18.00 ? 157 ASP 2 CA 1 
ATOM 540 C CA . LYS C 3 158 ? 14.508  4.658   15.429  1.00 18.00 ? 158 LYS 2 CA 1 
ATOM 541 C CA . PRO C 3 159 ? 15.822  2.880   12.251  1.00 18.00 ? 159 PRO 2 CA 1 
ATOM 542 C CA . VAL C 3 160 ? 16.814  -0.771  12.560  1.00 18.00 ? 160 VAL 2 CA 1 
ATOM 543 C CA . ALA C 3 161 ? 20.384  -1.478  11.395  1.00 18.00 ? 161 ALA 2 CA 1 
ATOM 544 C CA . SER C 3 162 ? 20.796  -3.179  8.022   1.00 18.00 ? 162 SER 2 CA 1 
ATOM 545 C CA . GLY C 3 163 ? 23.444  -5.783  8.717   1.00 18.00 ? 163 GLY 2 CA 1 
ATOM 546 C CA . SER C 3 164 ? 23.000  -9.284  7.303   1.00 18.00 ? 164 SER 2 CA 1 
ATOM 547 C CA . ASN C 3 165 ? 19.773  -9.780  9.202   1.00 18.00 ? 165 ASN 2 CA 1 
ATOM 548 C CA . LYS C 3 166 ? 16.156  -10.622 8.548   1.00 18.00 ? 166 LYS 2 CA 1 
ATOM 549 C CA . LEU C 3 167 ? 14.922  -8.027  10.967  1.00 18.00 ? 167 LEU 2 CA 1 
ATOM 550 C CA . VAL C 3 168 ? 11.764  -6.157  10.185  1.00 18.00 ? 168 VAL 2 CA 1 
ATOM 551 C CA . GLN C 3 169 ? 12.407  -2.437  9.594   1.00 18.00 ? 169 GLN 2 CA 1 
ATOM 552 C CA . ARG C 3 170 ? 10.351  -1.361  12.614  1.00 18.00 ? 170 ARG 2 CA 1 
ATOM 553 C CA . VAL C 3 171 ? 10.623  2.456   12.586  1.00 18.00 ? 171 VAL 2 CA 1 
ATOM 554 C CA . VAL C 3 172 ? 7.081   3.473   13.464  1.00 18.00 ? 172 VAL 2 CA 1 
ATOM 555 C CA . TYR C 3 173 ? 6.904   6.456   11.167  1.00 18.00 ? 173 TYR 2 CA 1 
ATOM 556 C CA . ASN C 3 174 ? 7.072   4.176   8.106   1.00 18.00 ? 174 ASN 2 CA 1 
ATOM 557 C CA . ALA C 3 175 ? 4.986   1.492   9.851   1.00 18.00 ? 175 ALA 2 CA 1 
ATOM 558 C CA . GLY C 3 176 ? 7.383   -1.201  8.692   1.00 18.00 ? 176 GLY 2 CA 1 
ATOM 559 C CA . MET C 3 177 ? 5.774   -0.959  5.250   1.00 18.00 ? 177 MET 2 CA 1 
ATOM 560 C CA . GLY C 3 178 ? 7.564   2.031   3.745   1.00 18.00 ? 178 GLY 2 CA 1 
ATOM 561 C CA . VAL C 3 179 ? 4.479   4.257   3.864   1.00 18.00 ? 179 VAL 2 CA 1 
ATOM 562 C CA . GLY C 3 180 ? 3.585   7.339   5.889   1.00 18.00 ? 180 GLY 2 CA 1 
ATOM 563 C CA . VAL C 3 181 ? 2.284   6.224   9.299   1.00 18.00 ? 181 VAL 2 CA 1 
ATOM 564 C CA . GLY C 3 182 ? -0.171  9.123   9.316   1.00 18.00 ? 182 GLY 2 CA 1 
ATOM 565 C CA . ASN C 3 183 ? -2.067  7.726   6.323   1.00 18.00 ? 183 ASN 2 CA 1 
ATOM 566 C CA . LEU C 3 184 ? -2.874  4.454   8.079   1.00 18.00 ? 184 LEU 2 CA 1 
ATOM 567 C CA . THR C 3 185 ? -6.231  6.112   8.615   1.00 18.00 ? 185 THR 2 CA 1 
ATOM 568 C CA . ILE C 3 186 ? -7.618  4.542   5.401   1.00 18.00 ? 186 ILE 2 CA 1 
ATOM 569 C CA . PHE C 3 187 ? -7.619  1.098   6.995   1.00 18.00 ? 187 PHE 2 CA 1 
ATOM 570 C CA . PRO C 3 188 ? -10.543 0.635   9.436   1.00 18.00 ? 188 PRO 2 CA 1 
ATOM 571 C CA . HIS C 3 189 ? -9.552  2.299   12.722  1.00 18.00 ? 189 HIS 2 CA 1 
ATOM 572 C CA . GLN C 3 190 ? -10.387 4.241   15.867  1.00 18.00 ? 190 GLN 2 CA 1 
ATOM 573 C CA . TRP C 3 191 ? -8.430  6.336   18.336  1.00 18.00 ? 191 TRP 2 CA 1 
ATOM 574 C CA . ILE C 3 192 ? -8.127  5.889   22.072  1.00 18.00 ? 192 ILE 2 CA 1 
ATOM 575 C CA . ASN C 3 193 ? -7.702  9.519   23.092  1.00 18.00 ? 193 ASN 2 CA 1 
ATOM 576 C CA . LEU C 3 194 ? -7.467  9.028   26.890  1.00 18.00 ? 194 LEU 2 CA 1 
ATOM 577 C CA . ARG C 3 195 ? -9.328  12.301  27.216  1.00 18.00 ? 195 ARG 2 CA 1 
ATOM 578 C CA . THR C 3 196 ? -12.625 11.022  25.644  1.00 18.00 ? 196 THR 2 CA 1 
ATOM 579 C CA . ASN C 3 197 ? -12.111 7.300   24.989  1.00 18.00 ? 197 ASN 2 CA 1 
ATOM 580 C CA . ASN C 3 198 ? -11.680 4.094   26.941  1.00 18.00 ? 198 ASN 2 CA 1 
ATOM 581 C CA . SER C 3 199 ? -11.538 1.530   24.154  1.00 18.00 ? 199 SER 2 CA 1 
ATOM 582 C CA . ALA C 3 200 ? -11.725 0.944   20.378  1.00 18.00 ? 200 ALA 2 CA 1 
ATOM 583 C CA . THR C 3 201 ? -13.921 -1.715  18.713  1.00 18.00 ? 201 THR 2 CA 1 
ATOM 584 C CA . ILE C 3 202 ? -13.402 -2.713  15.053  1.00 18.00 ? 202 ILE 2 CA 1 
ATOM 585 C CA . VAL C 3 203 ? -15.530 -5.400  13.323  1.00 18.00 ? 203 VAL 2 CA 1 
ATOM 586 C CA . MET C 3 204 ? -13.441 -6.741  10.427  1.00 18.00 ? 204 MET 2 CA 1 
ATOM 587 C CA . PRO C 3 205 ? -15.063 -8.663  7.548   1.00 18.00 ? 205 PRO 2 CA 1 
ATOM 588 C CA . TYR C 3 206 ? -13.019 -11.260 5.649   1.00 18.00 ? 206 TYR 2 CA 1 
ATOM 589 C CA . THR C 3 207 ? -10.659 -9.388  3.293   1.00 18.00 ? 207 THR 2 CA 1 
ATOM 590 C CA . ASN C 3 208 ? -8.789  -11.513 0.708   1.00 18.00 ? 208 ASN 2 CA 1 
ATOM 591 C CA . SER C 3 209 ? -8.578  -12.214 -3.043  1.00 18.00 ? 209 SER 2 CA 1 
ATOM 592 C CA . VAL C 3 210 ? -9.448  -15.892 -2.597  1.00 18.00 ? 210 VAL 2 CA 1 
ATOM 593 C CA . PRO C 3 211 ? -12.603 -17.274 -0.901  1.00 18.00 ? 211 PRO 2 CA 1 
ATOM 594 C CA . MET C 3 212 ? -10.564 -19.173 1.727   1.00 18.00 ? 212 MET 2 CA 1 
ATOM 595 C CA . ASP C 3 213 ? -6.855  -19.366 2.492   1.00 18.00 ? 213 ASP 2 CA 1 
ATOM 596 C CA . ASN C 3 214 ? -4.517  -21.390 4.748   1.00 18.00 ? 214 ASN 2 CA 1 
ATOM 597 C CA . MET C 3 215 ? -4.245  -19.816 8.242   1.00 18.00 ? 215 MET 2 CA 1 
ATOM 598 C CA . PHE C 3 216 ? -0.520  -20.445 8.937   1.00 18.00 ? 216 PHE 2 CA 1 
ATOM 599 C CA . ARG C 3 217 ? 0.983   -19.547 5.564   1.00 18.00 ? 217 ARG 2 CA 1 
ATOM 600 C CA . HIS C 3 218 ? -0.922  -16.228 5.264   1.00 18.00 ? 218 HIS 2 CA 1 
ATOM 601 C CA . ASN C 3 219 ? -1.942  -13.585 7.867   1.00 18.00 ? 219 ASN 2 CA 1 
ATOM 602 C CA . ASN C 3 220 ? -4.596  -11.524 6.050   1.00 18.00 ? 220 ASN 2 CA 1 
ATOM 603 C CA . VAL C 3 221 ? -4.982  -8.698  8.626   1.00 18.00 ? 221 VAL 2 CA 1 
ATOM 604 C CA . THR C 3 222 ? -2.503  -7.091  11.044  1.00 18.00 ? 222 THR 2 CA 1 
ATOM 605 C CA . LEU C 3 223 ? -3.631  -5.115  14.097  1.00 18.00 ? 223 LEU 2 CA 1 
ATOM 606 C CA . MET C 3 224 ? -1.456  -2.093  14.943  1.00 18.00 ? 224 MET 2 CA 1 
ATOM 607 C CA . VAL C 3 225 ? -1.657  0.064   18.086  1.00 18.00 ? 225 VAL 2 CA 1 
ATOM 608 C CA . ILE C 3 226 ? 0.588   3.099   17.560  1.00 18.00 ? 226 ILE 2 CA 1 
ATOM 609 C CA . PRO C 3 227 ? 0.516   6.021   20.022  1.00 18.00 ? 227 PRO 2 CA 1 
ATOM 610 C CA . PHE C 3 228 ? 0.449   9.335   18.062  1.00 18.00 ? 228 PHE 2 CA 1 
ATOM 611 C CA . VAL C 3 229 ? 0.311   11.517  21.223  1.00 18.00 ? 229 VAL 2 CA 1 
ATOM 612 C CA . PRO C 3 230 ? 2.364   9.939   24.123  1.00 18.00 ? 230 PRO 2 CA 1 
ATOM 613 C CA . LEU C 3 231 ? 1.225   8.932   27.591  1.00 18.00 ? 231 LEU 2 CA 1 
ATOM 614 C CA . ASP C 3 232 ? 1.780   11.653  30.165  1.00 18.00 ? 232 ASP 2 CA 1 
ATOM 615 C CA . TYR C 3 233 ? 0.684   12.452  33.678  1.00 18.00 ? 233 TYR 2 CA 1 
ATOM 616 C CA . CYS C 3 234 ? 1.831   14.495  36.595  1.00 18.00 ? 234 CYS 2 CA 1 
ATOM 617 C CA . PRO C 3 235 ? 3.544   12.700  39.514  1.00 18.00 ? 235 PRO 2 CA 1 
ATOM 618 C CA . GLY C 3 236 ? 1.080   10.943  41.766  1.00 18.00 ? 236 GLY 2 CA 1 
ATOM 619 C CA . SER C 3 237 ? -1.016  9.924   38.756  1.00 18.00 ? 237 SER 2 CA 1 
ATOM 620 C CA . THR C 3 238 ? -0.670  6.113   38.496  1.00 18.00 ? 238 THR 2 CA 1 
ATOM 621 C CA . THR C 3 239 ? 2.287   5.137   36.237  1.00 18.00 ? 239 THR 2 CA 1 
ATOM 622 C CA . TYR C 3 240 ? 1.439   1.635   35.014  1.00 18.00 ? 240 TYR 2 CA 1 
ATOM 623 C CA . VAL C 3 241 ? -1.112  2.036   32.222  1.00 18.00 ? 241 VAL 2 CA 1 
ATOM 624 C CA . PRO C 3 242 ? -1.720  -1.303  30.448  1.00 18.00 ? 242 PRO 2 CA 1 
ATOM 625 C CA . ILE C 3 243 ? -3.445  -1.985  27.119  1.00 18.00 ? 243 ILE 2 CA 1 
ATOM 626 C CA . THR C 3 244 ? -5.367  -5.262  26.776  1.00 18.00 ? 244 THR 2 CA 1 
ATOM 627 C CA . VAL C 3 245 ? -6.316  -6.722  23.403  1.00 18.00 ? 245 VAL 2 CA 1 
ATOM 628 C CA . THR C 3 246 ? -9.477  -8.894  23.078  1.00 18.00 ? 246 THR 2 CA 1 
ATOM 629 C CA . ILE C 3 247 ? -10.230 -10.408 19.653  1.00 18.00 ? 247 ILE 2 CA 1 
ATOM 630 C CA . ALA C 3 248 ? -13.185 -12.590 18.713  1.00 18.00 ? 248 ALA 2 CA 1 
ATOM 631 C CA . PRO C 3 249 ? -13.326 -14.658 15.505  1.00 18.00 ? 249 PRO 2 CA 1 
ATOM 632 C CA . MET C 3 250 ? -16.583 -14.222 13.549  1.00 18.00 ? 250 MET 2 CA 1 
ATOM 633 C CA . CYS C 3 251 ? -18.165 -16.721 11.180  1.00 18.00 ? 251 CYS 2 CA 1 
ATOM 634 C CA . ALA C 3 252 ? -15.237 -19.108 11.092  1.00 18.00 ? 252 ALA 2 CA 1 
ATOM 635 C CA . GLU C 3 253 ? -15.460 -21.993 8.624   1.00 18.00 ? 253 GLU 2 CA 1 
ATOM 636 C CA . TYR C 3 254 ? -12.915 -24.626 7.982   1.00 18.00 ? 254 TYR 2 CA 1 
ATOM 637 C CA . ASN C 3 255 ? -12.502 -26.779 4.897   1.00 18.00 ? 255 ASN 2 CA 1 
ATOM 638 C CA . GLY C 3 256 ? -9.970  -29.507 4.149   1.00 18.00 ? 256 GLY 2 CA 1 
ATOM 639 C CA . LEU C 3 257 ? -9.584  -31.708 7.240   1.00 18.00 ? 257 LEU 2 CA 1 
ATOM 640 C CA . ARG C 3 258 ? -6.465  -33.838 7.656   1.00 18.00 ? 258 ARG 2 CA 1 
ATOM 641 C CA . LEU C 3 259 ? -3.884  -34.567 10.356  1.00 18.00 ? 259 LEU 2 CA 1 
ATOM 642 C CA . ALA C 3 260 ? -2.725  -31.605 12.457  1.00 18.00 ? 260 ALA 2 CA 1 
ATOM 643 C CA . GLY C 3 261 ? 0.041   -29.030 11.947  1.00 18.00 ? 261 GLY 2 CA 1 
ATOM 644 C CA . HIS C 3 262 ? 1.769   -26.883 9.305   1.00 18.00 ? 262 HIS 2 CA 1 
ATOM 645 C CA . GLN C 3 263 ? 4.681   -27.965 7.056   1.00 18.00 ? 263 GLN 2 CA 1 
ATOM 646 C CA . GLY D 4 1   ? -11.110 -3.254  -52.559 1.00 18.00 ? 1   GLY 3 CA 1 
ATOM 647 C CA . LEU D 4 2   ? -12.726 -0.307  -50.720 1.00 18.00 ? 2   LEU 3 CA 1 
ATOM 648 C CA . PRO D 4 3   ? -11.080 3.057   -51.521 1.00 18.00 ? 3   PRO 3 CA 1 
ATOM 649 C CA . THR D 4 4   ? -9.583  4.385   -48.281 1.00 18.00 ? 4   THR 3 CA 1 
ATOM 650 C CA . MET D 4 5   ? -7.234  7.318   -47.469 1.00 18.00 ? 5   MET 3 CA 1 
ATOM 651 C CA . ASN D 4 6   ? -5.061  7.788   -44.375 1.00 18.00 ? 6   ASN 3 CA 1 
ATOM 652 C CA . THR D 4 7   ? -5.132  10.873  -42.201 1.00 18.00 ? 7   THR 3 CA 1 
ATOM 653 C CA . PRO D 4 8   ? -2.215  12.177  -40.148 1.00 18.00 ? 8   PRO 3 CA 1 
ATOM 654 C CA . GLY D 4 9   ? -1.929  10.094  -37.005 1.00 18.00 ? 9   GLY 3 CA 1 
ATOM 655 C CA . SER D 4 10  ? -1.604  6.714   -38.711 1.00 18.00 ? 10  SER 3 CA 1 
ATOM 656 C CA . CYS D 4 11  ? 0.729   4.141   -37.109 1.00 18.00 ? 11  CYS 3 CA 1 
ATOM 657 C CA . GLN D 4 12  ? 1.301   6.446   -34.129 1.00 18.00 ? 12  GLN 3 CA 1 
ATOM 658 C CA . PHE D 4 13  ? 1.308   5.160   -30.544 1.00 18.00 ? 13  PHE 3 CA 1 
ATOM 659 C CA . LEU D 4 14  ? -0.375  7.659   -28.208 1.00 18.00 ? 14  LEU 3 CA 1 
ATOM 660 C CA . THR D 4 15  ? 0.175   6.663   -24.565 1.00 18.00 ? 15  THR 3 CA 1 
ATOM 661 C CA . SER D 4 16  ? -3.370  7.728   -23.690 1.00 18.00 ? 16  SER 3 CA 1 
ATOM 662 C CA . ASP D 4 17  ? -5.233  6.292   -26.710 1.00 18.00 ? 17  ASP 3 CA 1 
ATOM 663 C CA . ASP D 4 18  ? -8.337  4.140   -26.315 1.00 18.00 ? 18  ASP 3 CA 1 
ATOM 664 C CA . PHE D 4 19  ? -8.532  1.446   -29.028 1.00 18.00 ? 19  PHE 3 CA 1 
ATOM 665 C CA . GLN D 4 20  ? -9.478  -2.226  -29.493 1.00 18.00 ? 20  GLN 3 CA 1 
ATOM 666 C CA . SER D 4 21  ? -6.663  -4.759  -29.754 1.00 18.00 ? 21  SER 3 CA 1 
ATOM 667 C CA . PRO D 4 22  ? -6.928  -8.458  -30.625 1.00 18.00 ? 22  PRO 3 CA 1 
ATOM 668 C CA . SER D 4 23  ? -6.871  -10.773 -27.594 1.00 18.00 ? 23  SER 3 CA 1 
ATOM 669 C CA . ALA D 4 24  ? -3.771  -12.945 -27.447 1.00 18.00 ? 24  ALA 3 CA 1 
ATOM 670 C CA . MET D 4 25  ? -5.722  -15.551 -25.423 1.00 18.00 ? 25  MET 3 CA 1 
ATOM 671 C CA . PRO D 4 26  ? -9.020  -16.453 -27.214 1.00 18.00 ? 26  PRO 3 CA 1 
ATOM 672 C CA . GLN D 4 27  ? -12.057 -17.947 -25.436 1.00 18.00 ? 27  GLN 3 CA 1 
ATOM 673 C CA . TYR D 4 28  ? -10.053 -17.726 -22.211 1.00 18.00 ? 28  TYR 3 CA 1 
ATOM 674 C CA . ASP D 4 29  ? -12.286 -18.272 -19.158 1.00 18.00 ? 29  ASP 3 CA 1 
ATOM 675 C CA . VAL D 4 30  ? -11.561 -15.639 -16.506 1.00 18.00 ? 30  VAL 3 CA 1 
ATOM 676 C CA . THR D 4 31  ? -11.738 -16.794 -12.824 1.00 18.00 ? 31  THR 3 CA 1 
ATOM 677 C CA . PRO D 4 32  ? -15.149 -15.591 -11.598 1.00 18.00 ? 32  PRO 3 CA 1 
ATOM 678 C CA . GLU D 4 33  ? -15.393 -12.396 -9.567  1.00 18.00 ? 33  GLU 3 CA 1 
ATOM 679 C CA . MET D 4 34  ? -15.723 -12.264 -5.818  1.00 18.00 ? 34  MET 3 CA 1 
ATOM 680 C CA . ARG D 4 35  ? -17.139 -9.490  -3.676  1.00 18.00 ? 35  ARG 3 CA 1 
ATOM 681 C CA . ILE D 4 36  ? -14.088 -8.161  -1.813  1.00 18.00 ? 36  ILE 3 CA 1 
ATOM 682 C CA . PRO D 4 37  ? -14.720 -5.408  0.811   1.00 18.00 ? 37  PRO 3 CA 1 
ATOM 683 C CA . GLY D 4 38  ? -14.038 -1.730  0.252   1.00 18.00 ? 38  GLY 3 CA 1 
ATOM 684 C CA . GLU D 4 39  ? -13.975 -1.218  -3.498  1.00 18.00 ? 39  GLU 3 CA 1 
ATOM 685 C CA . VAL D 4 40  ? -12.714 2.132   -4.765  1.00 18.00 ? 40  VAL 3 CA 1 
ATOM 686 C CA . LYS D 4 41  ? -14.596 3.621   -7.707  1.00 18.00 ? 41  LYS 3 CA 1 
ATOM 687 C CA . ASN D 4 42  ? -13.115 7.131   -7.866  1.00 18.00 ? 42  ASN 3 CA 1 
ATOM 688 C CA . LEU D 4 43  ? -9.893  8.518   -6.347  1.00 18.00 ? 43  LEU 3 CA 1 
ATOM 689 C CA . MET D 4 44  ? -11.921 11.166  -4.544  1.00 18.00 ? 44  MET 3 CA 1 
ATOM 690 C CA . GLU D 4 45  ? -13.402 8.511   -2.268  1.00 18.00 ? 45  GLU 3 CA 1 
ATOM 691 C CA . ILE D 4 46  ? -9.849  8.309   -0.856  1.00 18.00 ? 46  ILE 3 CA 1 
ATOM 692 C CA . ALA D 4 47  ? -9.249  12.078  -0.750  1.00 18.00 ? 47  ALA 3 CA 1 
ATOM 693 C CA . GLU D 4 48  ? -12.420 12.471  1.307   1.00 18.00 ? 48  GLU 3 CA 1 
ATOM 694 C CA . VAL D 4 49  ? -10.829 10.441  4.103   1.00 18.00 ? 49  VAL 3 CA 1 
ATOM 695 C CA . ASP D 4 50  ? -9.088  12.201  7.008   1.00 18.00 ? 50  ASP 3 CA 1 
ATOM 696 C CA . SER D 4 51  ? -5.331  11.555  7.251   1.00 18.00 ? 51  SER 3 CA 1 
ATOM 697 C CA . VAL D 4 52  ? -3.087  12.996  9.992   1.00 18.00 ? 52  VAL 3 CA 1 
ATOM 698 C CA . VAL D 4 53  ? -1.221  16.145  8.843   1.00 18.00 ? 53  VAL 3 CA 1 
ATOM 699 C CA . PRO D 4 54  ? 2.473   16.585  9.828   1.00 18.00 ? 54  PRO 3 CA 1 
ATOM 700 C CA . VAL D 4 55  ? 2.160   20.240  10.943  1.00 18.00 ? 55  VAL 3 CA 1 
ATOM 701 C CA . GLN D 4 56  ? 5.359   20.202  13.009  1.00 18.00 ? 56  GLN 3 CA 1 
ATOM 702 C CA . ASN D 4 57  ? 7.608   19.483  9.967   1.00 18.00 ? 57  ASN 3 CA 1 
ATOM 703 C CA . VAL D 4 58  ? 10.244  21.498  11.700  1.00 18.00 ? 58  VAL 3 CA 1 
ATOM 704 C CA . GLY D 4 59  ? 13.670  19.915  11.765  1.00 18.00 ? 59  GLY 3 CA 1 
ATOM 705 C CA . GLU D 4 60  ? 14.102  16.260  12.535  1.00 18.00 ? 60  GLU 3 CA 1 
ATOM 706 C CA . LYS D 4 61  ? 10.580  15.823  13.834  1.00 18.00 ? 61  LYS 3 CA 1 
ATOM 707 C CA . VAL D 4 62  ? 9.788   14.954  10.258  1.00 18.00 ? 62  VAL 3 CA 1 
ATOM 708 C CA . ASN D 4 63  ? 11.681  11.705  10.956  1.00 18.00 ? 63  ASN 3 CA 1 
ATOM 709 C CA . SER D 4 64  ? 9.294   10.954  13.805  1.00 18.00 ? 64  SER 3 CA 1 
ATOM 710 C CA . MET D 4 65  ? 5.728   10.875  15.130  1.00 18.00 ? 65  MET 3 CA 1 
ATOM 711 C CA . GLU D 4 66  ? 6.430   14.409  16.321  1.00 18.00 ? 66  GLU 3 CA 1 
ATOM 712 C CA . ALA D 4 67  ? 5.789   15.749  12.862  1.00 18.00 ? 67  ALA 3 CA 1 
ATOM 713 C CA . TYR D 4 68  ? 2.176   14.867  13.742  1.00 18.00 ? 68  TYR 3 CA 1 
ATOM 714 C CA . GLN D 4 69  ? 1.901   16.665  17.081  1.00 18.00 ? 69  GLN 3 CA 1 
ATOM 715 C CA . ILE D 4 70  ? 0.895   20.303  17.428  1.00 18.00 ? 70  ILE 3 CA 1 
ATOM 716 C CA . PRO D 4 71  ? 2.235   21.566  20.807  1.00 18.00 ? 71  PRO 3 CA 1 
ATOM 717 C CA . VAL D 4 72  ? -0.247  23.455  22.923  1.00 18.00 ? 72  VAL 3 CA 1 
ATOM 718 C CA . ARG D 4 73  ? 0.745   24.895  26.284  1.00 18.00 ? 73  ARG 3 CA 1 
ATOM 719 C CA . SER D 4 74  ? -0.557  26.966  29.206  1.00 18.00 ? 74  SER 3 CA 1 
ATOM 720 C CA . ASN D 4 75  ? 0.721   30.531  28.698  1.00 18.00 ? 75  ASN 3 CA 1 
ATOM 721 C CA . GLU D 4 76  ? 0.841   33.868  30.471  1.00 18.00 ? 76  GLU 3 CA 1 
ATOM 722 C CA . GLY D 4 77  ? -1.216  35.483  27.724  1.00 18.00 ? 77  GLY 3 CA 1 
ATOM 723 C CA . SER D 4 78  ? -3.486  34.753  24.768  1.00 18.00 ? 78  SER 3 CA 1 
ATOM 724 C CA . GLY D 4 79  ? -3.340  35.832  21.122  1.00 18.00 ? 79  GLY 3 CA 1 
ATOM 725 C CA . THR D 4 80  ? -0.194  33.799  20.591  1.00 18.00 ? 80  THR 3 CA 1 
ATOM 726 C CA . GLN D 4 81  ? 0.089   31.802  17.359  1.00 18.00 ? 81  GLN 3 CA 1 
ATOM 727 C CA . VAL D 4 82  ? -0.165  28.018  17.600  1.00 18.00 ? 82  VAL 3 CA 1 
ATOM 728 C CA . PHE D 4 83  ? 0.684   27.242  13.940  1.00 18.00 ? 83  PHE 3 CA 1 
ATOM 729 C CA . GLY D 4 84  ? 0.531   28.513  10.388  1.00 18.00 ? 84  GLY 3 CA 1 
ATOM 730 C CA . PHE D 4 85  ? 0.712   26.978  6.937   1.00 18.00 ? 85  PHE 3 CA 1 
ATOM 731 C CA . PRO D 4 86  ? -0.533  28.152  3.523   1.00 18.00 ? 86  PRO 3 CA 1 
ATOM 732 C CA . LEU D 4 87  ? -3.413  26.741  1.543   1.00 18.00 ? 87  LEU 3 CA 1 
ATOM 733 C CA . GLN D 4 88  ? -1.426  24.575  -0.915  1.00 18.00 ? 88  GLN 3 CA 1 
ATOM 734 C CA . PRO D 4 89  ? -2.762  20.990  -0.531  1.00 18.00 ? 89  PRO 3 CA 1 
ATOM 735 C CA . GLY D 4 90  ? -0.453  19.520  -3.151  1.00 18.00 ? 90  GLY 3 CA 1 
ATOM 736 C CA . TYR D 4 91  ? 2.552   21.799  -2.693  1.00 18.00 ? 91  TYR 3 CA 1 
ATOM 737 C CA . SER D 4 92  ? 3.172   22.762  0.971   1.00 18.00 ? 92  SER 3 CA 1 
ATOM 738 C CA . SER D 4 93  ? 5.450   20.323  2.778   1.00 18.00 ? 93  SER 3 CA 1 
ATOM 739 C CA . VAL D 4 94  ? 2.609   19.982  5.296   1.00 18.00 ? 94  VAL 3 CA 1 
ATOM 740 C CA . PHE D 4 95  ? -0.070  18.758  2.852   1.00 18.00 ? 95  PHE 3 CA 1 
ATOM 741 C CA . SER D 4 96  ? 2.109   17.345  0.080   1.00 18.00 ? 96  SER 3 CA 1 
ATOM 742 C CA . ARG D 4 97  ? 2.447   13.942  1.731   1.00 18.00 ? 97  ARG 3 CA 1 
ATOM 743 C CA . THR D 4 98  ? -1.134  13.623  3.063   1.00 18.00 ? 98  THR 3 CA 1 
ATOM 744 C CA . LEU D 4 99  ? -3.711  11.220  1.518   1.00 18.00 ? 99  LEU 3 CA 1 
ATOM 745 C CA . LEU D 4 100 ? -5.124  14.350  -0.194  1.00 18.00 ? 100 LEU 3 CA 1 
ATOM 746 C CA . GLY D 4 101 ? -1.696  15.687  -1.199  1.00 18.00 ? 101 GLY 3 CA 1 
ATOM 747 C CA . GLU D 4 102 ? -0.471  12.424  -2.779  1.00 18.00 ? 102 GLU 3 CA 1 
ATOM 748 C CA . ILE D 4 103 ? -3.548  12.128  -4.996  1.00 18.00 ? 103 ILE 3 CA 1 
ATOM 749 C CA . LEU D 4 104 ? -3.336  15.821  -5.831  1.00 18.00 ? 104 LEU 3 CA 1 
ATOM 750 C CA . ASN D 4 105 ? 0.240   15.286  -7.037  1.00 18.00 ? 105 ASN 3 CA 1 
ATOM 751 C CA . TYR D 4 106 ? -0.960  13.071  -9.873  1.00 18.00 ? 106 TYR 3 CA 1 
ATOM 752 C CA . TYR D 4 107 ? -3.161  15.903  -11.170 1.00 18.00 ? 107 TYR 3 CA 1 
ATOM 753 C CA . THR D 4 108 ? -2.392  19.429  -12.432 1.00 18.00 ? 108 THR 3 CA 1 
ATOM 754 C CA . HIS D 4 109 ? -5.476  21.430  -11.319 1.00 18.00 ? 109 HIS 3 CA 1 
ATOM 755 C CA . TRP D 4 110 ? -7.673  21.172  -8.213  1.00 18.00 ? 110 TRP 3 CA 1 
ATOM 756 C CA . SER D 4 111 ? -10.803 22.862  -6.911  1.00 18.00 ? 111 SER 3 CA 1 
ATOM 757 C CA . GLY D 4 112 ? -12.870 22.548  -3.784  1.00 18.00 ? 112 GLY 3 CA 1 
ATOM 758 C CA . SER D 4 113 ? -13.176 22.950  -0.053  1.00 18.00 ? 113 SER 3 CA 1 
ATOM 759 C CA . ILE D 4 114 ? -11.092 21.217  2.609   1.00 18.00 ? 114 ILE 3 CA 1 
ATOM 760 C CA . LYS D 4 115 ? -11.870 20.122  6.178   1.00 18.00 ? 115 LYS 3 CA 1 
ATOM 761 C CA . LEU D 4 116 ? -9.207  20.534  8.857   1.00 18.00 ? 116 LEU 3 CA 1 
ATOM 762 C CA . THR D 4 117 ? -10.451 18.496  11.833  1.00 18.00 ? 117 THR 3 CA 1 
ATOM 763 C CA . PHE D 4 118 ? -8.445  19.372  14.989  1.00 18.00 ? 118 PHE 3 CA 1 
ATOM 764 C CA . MET D 4 119 ? -8.488  16.872  17.859  1.00 18.00 ? 119 MET 3 CA 1 
ATOM 765 C CA . PHE D 4 120 ? -7.434  17.901  21.387  1.00 18.00 ? 120 PHE 3 CA 1 
ATOM 766 C CA . CYS D 4 121 ? -5.194  15.252  23.000  1.00 18.00 ? 121 CYS 3 CA 1 
ATOM 767 C CA . GLY D 4 122 ? -4.690  16.754  26.434  1.00 18.00 ? 122 GLY 3 CA 1 
ATOM 768 C CA . SER D 4 123 ? -5.929  15.596  29.825  1.00 18.00 ? 123 SER 3 CA 1 
ATOM 769 C CA . ALA D 4 124 ? -9.632  15.390  30.484  1.00 18.00 ? 124 ALA 3 CA 1 
ATOM 770 C CA . MET D 4 125 ? -9.112  18.252  32.947  1.00 18.00 ? 125 MET 3 CA 1 
ATOM 771 C CA . ALA D 4 126 ? -7.607  20.790  30.506  1.00 18.00 ? 126 ALA 3 CA 1 
ATOM 772 C CA . THR D 4 127 ? -9.726  23.542  28.932  1.00 18.00 ? 127 THR 3 CA 1 
ATOM 773 C CA . GLY D 4 128 ? -9.122  26.240  26.350  1.00 18.00 ? 128 GLY 3 CA 1 
ATOM 774 C CA . LYS D 4 129 ? -10.426 28.108  23.338  1.00 18.00 ? 129 LYS 3 CA 1 
ATOM 775 C CA . PHE D 4 130 ? -8.609  28.545  20.021  1.00 18.00 ? 130 PHE 3 CA 1 
ATOM 776 C CA . LEU D 4 131 ? -9.235  30.840  17.054  1.00 18.00 ? 131 LEU 3 CA 1 
ATOM 777 C CA . LEU D 4 132 ? -8.917  28.688  13.914  1.00 18.00 ? 132 LEU 3 CA 1 
ATOM 778 C CA . ALA D 4 133 ? -8.766  31.075  10.927  1.00 18.00 ? 133 ALA 3 CA 1 
ATOM 779 C CA . TYR D 4 134 ? -8.339  31.134  7.126   1.00 18.00 ? 134 TYR 3 CA 1 
ATOM 780 C CA . SER D 4 135 ? -7.354  34.455  5.526   1.00 18.00 ? 135 SER 3 CA 1 
ATOM 781 C CA . PRO D 4 136 ? -7.538  34.643  1.714   1.00 18.00 ? 136 PRO 3 CA 1 
ATOM 782 C CA . PRO D 4 137 ? -4.523  36.087  -0.155  1.00 18.00 ? 137 PRO 3 CA 1 
ATOM 783 C CA . GLY D 4 138 ? -4.166  39.758  -0.969  1.00 18.00 ? 138 GLY 3 CA 1 
ATOM 784 C CA . ALA D 4 139 ? -2.508  41.189  2.124   1.00 18.00 ? 139 ALA 3 CA 1 
ATOM 785 C CA . GLY D 4 140 ? 0.052   39.041  3.940   1.00 18.00 ? 140 GLY 3 CA 1 
ATOM 786 C CA . ALA D 4 141 ? -0.555  36.379  6.569   1.00 18.00 ? 141 ALA 3 CA 1 
ATOM 787 C CA . PRO D 4 142 ? -2.209  37.565  9.801   1.00 18.00 ? 142 PRO 3 CA 1 
ATOM 788 C CA . THR D 4 143 ? 0.536   38.266  12.303  1.00 18.00 ? 143 THR 3 CA 1 
ATOM 789 C CA . LYS D 4 144 ? -1.774  38.958  15.249  1.00 18.00 ? 144 LYS 3 CA 1 
ATOM 790 C CA . ARG D 4 145 ? -4.994  37.330  16.372  1.00 18.00 ? 145 ARG 3 CA 1 
ATOM 791 C CA . VAL D 4 146 ? -6.534  40.728  15.642  1.00 18.00 ? 146 VAL 3 CA 1 
ATOM 792 C CA . ASP D 4 147 ? -5.643  40.329  11.951  1.00 18.00 ? 147 ASP 3 CA 1 
ATOM 793 C CA . ALA D 4 148 ? -6.691  36.672  11.811  1.00 18.00 ? 148 ALA 3 CA 1 
ATOM 794 C CA . MET D 4 149 ? -9.923  38.087  13.258  1.00 18.00 ? 149 MET 3 CA 1 
ATOM 795 C CA . LEU D 4 150 ? -11.243 39.639  10.110  1.00 18.00 ? 150 LEU 3 CA 1 
ATOM 796 C CA . GLY D 4 151 ? -10.761 36.409  8.199   1.00 18.00 ? 151 GLY 3 CA 1 
ATOM 797 C CA . THR D 4 152 ? -12.946 33.314  8.004   1.00 18.00 ? 152 THR 3 CA 1 
ATOM 798 C CA . HIS D 4 153 ? -12.608 31.890  11.489  1.00 18.00 ? 153 HIS 3 CA 1 
ATOM 799 C CA . VAL D 4 154 ? -14.131 29.397  13.927  1.00 18.00 ? 154 VAL 3 CA 1 
ATOM 800 C CA . VAL D 4 155 ? -13.613 29.783  17.699  1.00 18.00 ? 155 VAL 3 CA 1 
ATOM 801 C CA . TRP D 4 156 ? -13.013 26.291  19.101  1.00 18.00 ? 156 TRP 3 CA 1 
ATOM 802 C CA . ASP D 4 157 ? -14.035 25.541  22.666  1.00 18.00 ? 157 ASP 3 CA 1 
ATOM 803 C CA . VAL D 4 158 ? -12.332 22.404  23.965  1.00 18.00 ? 158 VAL 3 CA 1 
ATOM 804 C CA . GLY D 4 159 ? -14.823 20.130  25.718  1.00 18.00 ? 159 GLY 3 CA 1 
ATOM 805 C CA . LEU D 4 160 ? -16.470 16.672  25.389  1.00 18.00 ? 160 LEU 3 CA 1 
ATOM 806 C CA . GLN D 4 161 ? -16.382 16.972  21.585  1.00 18.00 ? 161 GLN 3 CA 1 
ATOM 807 C CA . SER D 4 162 ? -12.611 16.656  21.433  1.00 18.00 ? 162 SER 3 CA 1 
ATOM 808 C CA . SER D 4 163 ? -12.404 17.730  17.785  1.00 18.00 ? 163 SER 3 CA 1 
ATOM 809 C CA . CYS D 4 164 ? -13.472 20.860  15.900  1.00 18.00 ? 164 CYS 3 CA 1 
ATOM 810 C CA . VAL D 4 165 ? -13.667 21.210  12.107  1.00 18.00 ? 165 VAL 3 CA 1 
ATOM 811 C CA . LEU D 4 166 ? -12.372 24.415  10.524  1.00 18.00 ? 166 LEU 3 CA 1 
ATOM 812 C CA . CYS D 4 167 ? -13.796 24.150  6.999   1.00 18.00 ? 167 CYS 3 CA 1 
ATOM 813 C CA . ILE D 4 168 ? -11.917 26.170  4.361   1.00 18.00 ? 168 ILE 3 CA 1 
ATOM 814 C CA . PRO D 4 169 ? -14.184 27.403  1.534   1.00 18.00 ? 169 PRO 3 CA 1 
ATOM 815 C CA . TRP D 4 170 ? -13.249 27.773  -2.092  1.00 18.00 ? 170 TRP 3 CA 1 
ATOM 816 C CA . ILE D 4 171 ? -12.626 31.472  -2.463  1.00 18.00 ? 171 ILE 3 CA 1 
ATOM 817 C CA . SER D 4 172 ? -10.813 31.847  -5.766  1.00 18.00 ? 172 SER 3 CA 1 
ATOM 818 C CA . GLN D 4 173 ? -10.837 34.155  -8.750  1.00 18.00 ? 173 GLN 3 CA 1 
ATOM 819 C CA . THR D 4 174 ? -10.643 31.065  -11.005 1.00 18.00 ? 174 THR 3 CA 1 
ATOM 820 C CA . HIS D 4 175 ? -12.575 27.800  -11.182 1.00 18.00 ? 175 HIS 3 CA 1 
ATOM 821 C CA . TYR D 4 176 ? -9.528  25.669  -10.468 1.00 18.00 ? 176 TYR 3 CA 1 
ATOM 822 C CA . ARG D 4 177 ? -6.078  26.262  -9.049  1.00 18.00 ? 177 ARG 3 CA 1 
ATOM 823 C CA . TYR D 4 178 ? -2.719  24.771  -9.899  1.00 18.00 ? 178 TYR 3 CA 1 
ATOM 824 C CA . VAL D 4 179 ? -1.610  21.894  -7.693  1.00 18.00 ? 179 VAL 3 CA 1 
ATOM 825 C CA . ALA D 4 180 ? 1.941   23.202  -8.139  1.00 18.00 ? 180 ALA 3 CA 1 
ATOM 826 C CA . SER D 4 181 ? 2.568   26.735  -6.889  1.00 18.00 ? 181 SER 3 CA 1 
ATOM 827 C CA . ASP D 4 182 ? 1.771   29.884  -8.896  1.00 18.00 ? 182 ASP 3 CA 1 
ATOM 828 C CA . GLU D 4 183 ? 1.070   33.285  -7.295  1.00 18.00 ? 183 GLU 3 CA 1 
ATOM 829 C CA . TYR D 4 184 ? -1.688  33.931  -9.806  1.00 18.00 ? 184 TYR 3 CA 1 
ATOM 830 C CA . THR D 4 185 ? -3.279  30.827  -8.358  1.00 18.00 ? 185 THR 3 CA 1 
ATOM 831 C CA . ALA D 4 186 ? -2.455  31.866  -4.743  1.00 18.00 ? 186 ALA 3 CA 1 
ATOM 832 C CA . GLY D 4 187 ? -4.469  30.210  -1.963  1.00 18.00 ? 187 GLY 3 CA 1 
ATOM 833 C CA . GLY D 4 188 ? -4.324  31.884  1.444   1.00 18.00 ? 188 GLY 3 CA 1 
ATOM 834 C CA . PHE D 4 189 ? -3.140  31.195  4.970   1.00 18.00 ? 189 PHE 3 CA 1 
ATOM 835 C CA . ILE D 4 190 ? -4.314  28.986  7.776   1.00 18.00 ? 190 ILE 3 CA 1 
ATOM 836 C CA . THR D 4 191 ? -3.335  30.167  11.278  1.00 18.00 ? 191 THR 3 CA 1 
ATOM 837 C CA . CYS D 4 192 ? -4.329  29.230  14.855  1.00 18.00 ? 192 CYS 3 CA 1 
ATOM 838 C CA . TRP D 4 193 ? -4.250  31.495  17.912  1.00 18.00 ? 193 TRP 3 CA 1 
ATOM 839 C CA . TYR D 4 194 ? -5.012  31.194  21.600  1.00 18.00 ? 194 TYR 3 CA 1 
ATOM 840 C CA . GLN D 4 195 ? -8.412  32.703  22.268  1.00 18.00 ? 195 GLN 3 CA 1 
ATOM 841 C CA . THR D 4 196 ? -8.283  32.104  26.024  1.00 18.00 ? 196 THR 3 CA 1 
ATOM 842 C CA . ASN D 4 197 ? -5.101  30.471  27.328  1.00 18.00 ? 197 ASN 3 CA 1 
ATOM 843 C CA . ILE D 4 198 ? -5.069  26.674  28.319  1.00 18.00 ? 198 ILE 3 CA 1 
ATOM 844 C CA . VAL D 4 199 ? -6.294  26.315  31.933  1.00 18.00 ? 199 VAL 3 CA 1 
ATOM 845 C CA . VAL D 4 200 ? -5.388  23.137  33.845  1.00 18.00 ? 200 VAL 3 CA 1 
ATOM 846 C CA . PRO D 4 201 ? -5.980  22.110  37.513  1.00 18.00 ? 201 PRO 3 CA 1 
ATOM 847 C CA . ALA D 4 202 ? -3.203  21.197  39.884  1.00 18.00 ? 202 ALA 3 CA 1 
ATOM 848 C CA . ASP D 4 203 ? -1.660  17.746  39.195  1.00 18.00 ? 203 ASP 3 CA 1 
ATOM 849 C CA . ALA D 4 204 ? -2.724  17.643  35.522  1.00 18.00 ? 204 ALA 3 CA 1 
ATOM 850 C CA . GLN D 4 205 ? -0.231  18.290  32.712  1.00 18.00 ? 205 GLN 3 CA 1 
ATOM 851 C CA . SER D 4 206 ? -0.164  21.880  31.334  1.00 18.00 ? 206 SER 3 CA 1 
ATOM 852 C CA . SER D 4 207 ? 1.353   21.085  27.947  1.00 18.00 ? 207 SER 3 CA 1 
ATOM 853 C CA . CYS D 4 208 ? -0.816  19.051  25.575  1.00 18.00 ? 208 CYS 3 CA 1 
ATOM 854 C CA . TYR D 4 209 ? -0.984  18.167  21.910  1.00 18.00 ? 209 TYR 3 CA 1 
ATOM 855 C CA . ILE D 4 210 ? -3.426  18.662  19.106  1.00 18.00 ? 210 ILE 3 CA 1 
ATOM 856 C CA . MET D 4 211 ? -3.622  16.655  15.872  1.00 18.00 ? 211 MET 3 CA 1 
ATOM 857 C CA . CYS D 4 212 ? -4.806  17.912  12.513  1.00 18.00 ? 212 CYS 3 CA 1 
ATOM 858 C CA . PHE D 4 213 ? -6.611  15.832  9.855   1.00 18.00 ? 213 PHE 3 CA 1 
ATOM 859 C CA . VAL D 4 214 ? -7.079  16.719  6.159   1.00 18.00 ? 214 VAL 3 CA 1 
ATOM 860 C CA . SER D 4 215 ? -9.970  15.553  3.968   1.00 18.00 ? 215 SER 3 CA 1 
ATOM 861 C CA . ALA D 4 216 ? -11.741 16.938  0.907   1.00 18.00 ? 216 ALA 3 CA 1 
ATOM 862 C CA . CYS D 4 217 ? -15.306 18.239  0.816   1.00 18.00 ? 217 CYS 3 CA 1 
ATOM 863 C CA . ASN D 4 218 ? -18.123 17.139  -1.510  1.00 18.00 ? 218 ASN 3 CA 1 
ATOM 864 C CA . ASP D 4 219 ? -17.162 19.850  -3.994  1.00 18.00 ? 219 ASP 3 CA 1 
ATOM 865 C CA . PHE D 4 220 ? -13.526 18.879  -4.334  1.00 18.00 ? 220 PHE 3 CA 1 
ATOM 866 C CA . SER D 4 221 ? -12.243 17.713  -7.741  1.00 18.00 ? 221 SER 3 CA 1 
ATOM 867 C CA . VAL D 4 222 ? -8.828  17.324  -9.424  1.00 18.00 ? 222 VAL 3 CA 1 
ATOM 868 C CA . ARG D 4 223 ? -8.009  17.746  -13.128 1.00 18.00 ? 223 ARG 3 CA 1 
ATOM 869 C CA . LEU D 4 224 ? -5.344  17.151  -15.841 1.00 18.00 ? 224 LEU 3 CA 1 
ATOM 870 C CA . LEU D 4 225 ? -3.456  13.944  -15.071 1.00 18.00 ? 225 LEU 3 CA 1 
ATOM 871 C CA . LYS D 4 226 ? 0.384   13.962  -14.837 1.00 18.00 ? 226 LYS 3 CA 1 
ATOM 872 C CA . ASP D 4 227 ? 3.122   11.999  -12.992 1.00 18.00 ? 227 ASP 3 CA 1 
ATOM 873 C CA . THR D 4 228 ? 3.961   12.542  -9.287  1.00 18.00 ? 228 THR 3 CA 1 
ATOM 874 C CA . PRO D 4 229 ? 7.363   14.041  -8.662  1.00 18.00 ? 229 PRO 3 CA 1 
ATOM 875 C CA . PHE D 4 230 ? 7.492   11.808  -5.528  1.00 18.00 ? 230 PHE 3 CA 1 
ATOM 876 C CA . ILE D 4 231 ? 8.711   8.549   -7.088  1.00 18.00 ? 231 ILE 3 CA 1 
ATOM 877 C CA . SER D 4 232 ? 12.108  8.354   -8.791  1.00 18.00 ? 232 SER 3 CA 1 
ATOM 878 C CA . GLN D 4 233 ? 14.173  5.576   -10.343 1.00 18.00 ? 233 GLN 3 CA 1 
ATOM 879 C CA . GLU D 4 234 ? 17.781  5.145   -11.544 1.00 18.00 ? 234 GLU 3 CA 1 
ATOM 880 C CA . ASN D 4 235 ? 17.624  1.498   -12.822 1.00 18.00 ? 235 ASN 3 CA 1 
ATOM 881 C CA . PHE D 4 236 ? 14.972  -1.209  -13.090 1.00 18.00 ? 236 PHE 3 CA 1 
ATOM 882 C CA . PHE D 4 237 ? 14.592  -2.684  -9.612  1.00 18.00 ? 237 PHE 3 CA 1 
ATOM 883 C CA . GLN D 4 238 ? 15.640  -6.300  -9.226  1.00 18.00 ? 238 GLN 3 CA 1 
ATOM 884 C CA . GLY E 5 1   ? -24.910 -4.001  -33.834 1.00 18.00 ? 2   GLY 4 CA 1 
ATOM 885 C CA . ALA E 5 2   ? -23.499 -0.577  -32.850 1.00 18.00 ? 3   ALA 4 CA 1 
ATOM 886 C CA . GLN E 5 3   ? -23.849 1.533   -29.706 1.00 18.00 ? 4   GLN 4 CA 1 
ATOM 887 C CA . VAL E 5 4   ? -24.179 5.292   -29.736 1.00 18.00 ? 5   VAL 4 CA 1 
ATOM 888 C CA . SER E 5 5   ? -23.077 6.814   -26.413 1.00 18.00 ? 6   SER 4 CA 1 
ATOM 889 C CA . THR E 5 6   ? -22.280 10.320  -25.249 1.00 18.00 ? 7   THR 4 CA 1 
ATOM 890 C CA . GLN E 5 7   ? -19.016 12.107  -25.568 1.00 18.00 ? 8   GLN 4 CA 1 
ATOM 891 C CA . LYS E 5 8   ? -17.359 13.960  -22.716 1.00 18.00 ? 9   LYS 4 CA 1 
ATOM 892 C CA . THR E 5 9   ? -18.506 17.651  -22.773 1.00 18.00 ? 10  THR 4 CA 1 
ATOM 893 C CA . GLY E 5 10  ? -18.716 20.771  -20.494 1.00 18.00 ? 11  GLY 4 CA 1 
ATOM 894 C CA . ILE E 5 24  ? -22.934 14.893  -28.985 1.00 20.00 ? 12  ILE 4 CA 1 
ATOM 895 C CA . HIS E 5 25  ? -22.557 11.145  -29.505 1.00 20.00 ? 13  HIS 4 CA 1 
ATOM 896 C CA . TYR E 5 26  ? -19.838 8.726   -30.628 1.00 20.00 ? 14  TYR 4 CA 1 
ATOM 897 C CA . THR E 5 27  ? -20.999 5.490   -32.250 1.00 18.00 ? 15  THR 4 CA 1 
ATOM 898 C CA . ASN E 5 28  ? -19.102 2.301   -31.371 1.00 18.00 ? 16  ASN 4 CA 1 
ATOM 899 C CA . ILE E 5 29  ? -18.974 -1.252  -32.734 1.00 18.00 ? 17  ILE 4 CA 1 
ATOM 900 C CA . ASN E 5 30  ? -16.667 -4.020  -31.548 1.00 18.00 ? 18  ASN 4 CA 1 
ATOM 901 C CA . TYR E 5 31  ? -14.968 -6.399  -33.826 1.00 18.00 ? 19  TYR 4 CA 1 
ATOM 902 C CA . TYR E 5 32  ? -13.438 -8.910  -31.451 1.00 18.00 ? 20  TYR 4 CA 1 
ATOM 903 C CA . LYS E 5 33  ? -14.938 -12.105 -29.974 1.00 18.00 ? 21  LYS 4 CA 1 
ATOM 904 C CA . ASP E 5 34  ? -13.318 -11.528 -26.576 1.00 18.00 ? 22  ASP 4 CA 1 
ATOM 905 C CA . ALA E 5 35  ? -14.407 -8.902  -24.080 1.00 18.00 ? 23  ALA 4 CA 1 
ATOM 906 C CA . ALA E 5 36  ? -10.748 -8.349  -23.207 1.00 18.00 ? 24  ALA 4 CA 1 
ATOM 907 C CA . SER E 5 37  ? -10.250 -6.917  -26.687 1.00 18.00 ? 25  SER 4 CA 1 
ATOM 908 C CA . ASN E 5 38  ? -12.583 -4.033  -25.906 1.00 18.00 ? 26  ASN 4 CA 1 
ATOM 909 C CA . SER E 5 39  ? -11.801 -0.393  -25.118 1.00 18.00 ? 27  SER 4 CA 1 
ATOM 910 C CA . ALA E 5 40  ? -11.396 0.957   -21.551 1.00 18.00 ? 28  ALA 4 CA 1 
ATOM 911 C CA . ASN E 5 41  ? -14.423 1.976   -19.435 1.00 18.00 ? 29  ASN 4 CA 1 
ATOM 912 C CA . ARG E 5 42  ? -13.679 5.709   -19.076 1.00 18.00 ? 30  ARG 4 CA 1 
ATOM 913 C CA . GLN E 5 43  ? -17.256 6.855   -18.388 1.00 18.00 ? 31  GLN 4 CA 1 
ATOM 914 C CA . ASP E 5 44  ? -18.056 5.235   -14.958 1.00 18.00 ? 32  ASP 4 CA 1 
ATOM 915 C CA . PHE E 5 45  ? -18.389 8.168   -12.539 1.00 18.00 ? 33  PHE 4 CA 1 
ATOM 916 C CA . THR E 5 46  ? -20.047 6.066   -9.827  1.00 18.00 ? 34  THR 4 CA 1 
ATOM 917 C CA . GLN E 5 47  ? -18.776 6.788   -6.323  1.00 18.00 ? 35  GLN 4 CA 1 
ATOM 918 C CA . ASP E 5 48  ? -19.252 5.844   -2.616  1.00 18.00 ? 36  ASP 4 CA 1 
ATOM 919 C CA . PRO E 5 49  ? -16.869 7.465   -0.074  1.00 18.00 ? 37  PRO 4 CA 1 
ATOM 920 C CA . SER E 5 50  ? -19.223 6.226   2.982   1.00 18.00 ? 38  SER 4 CA 1 
ATOM 921 C CA . LYS E 5 51  ? -17.190 3.071   2.968   1.00 18.00 ? 39  LYS 4 CA 1 
ATOM 922 C CA . PHE E 5 52  ? -14.116 5.002   4.132   1.00 18.00 ? 40  PHE 4 CA 1 
ATOM 923 C CA . THR E 5 53  ? -15.578 8.313   5.335   1.00 18.00 ? 41  THR 4 CA 1 
ATOM 924 C CA . GLU E 5 54  ? -18.042 7.120   8.014   1.00 18.00 ? 42  GLU 4 CA 1 
ATOM 925 C CA . PRO E 5 55  ? -17.557 3.299   8.366   1.00 18.00 ? 43  PRO 4 CA 1 
ATOM 926 C CA . VAL E 5 56  ? -19.143 3.589   11.856  1.00 18.00 ? 44  VAL 4 CA 1 
ATOM 927 C CA . LYS E 5 57  ? -21.785 1.096   13.127  1.00 18.00 ? 45  LYS 4 CA 1 
ATOM 928 C CA . ASP E 5 58  ? -24.078 3.616   14.781  1.00 18.00 ? 46  ASP 4 CA 1 
ATOM 929 C CA . ILE E 5 59  ? -25.043 6.616   12.602  1.00 18.00 ? 47  ILE 4 CA 1 
ATOM 930 C CA . MET E 5 60  ? -23.335 9.949   13.229  1.00 18.00 ? 48  MET 4 CA 1 
ATOM 931 C CA . ILE E 5 61  ? -25.455 13.055  12.556  1.00 18.00 ? 49  ILE 4 CA 1 
ATOM 932 C CA . LYS E 5 62  ? -23.525 16.265  11.787  1.00 18.00 ? 50  LYS 4 CA 1 
ATOM 933 C CA . SER E 5 63  ? -25.570 18.745  13.877  1.00 18.00 ? 51  SER 4 CA 1 
ATOM 934 C CA . LEU E 5 64  ? -25.491 16.523  16.964  1.00 18.00 ? 52  LEU 4 CA 1 
ATOM 935 C CA . PRO E 5 65  ? -22.755 15.975  19.551  1.00 18.00 ? 53  PRO 4 CA 1 
ATOM 936 C CA . ALA E 5 66  ? -20.709 12.904  18.471  1.00 18.00 ? 54  ALA 4 CA 1 
ATOM 937 C CA . LEU E 5 67  ? -20.244 11.782  22.080  1.00 18.00 ? 55  LEU 4 CA 1 
ATOM 938 C CA . ASN E 5 68  ? -23.391 12.056  24.192  1.00 18.00 ? 56  ASN 4 CA 1 
# 
